data_4OPE
#
_entry.id   4OPE
#
_cell.length_a   135.312
_cell.length_b   139.834
_cell.length_c   173.786
_cell.angle_alpha   90.00
_cell.angle_beta   90.00
_cell.angle_gamma   90.00
#
_symmetry.space_group_name_H-M   'P 21 21 21'
#
loop_
_entity.id
_entity.type
_entity.pdbx_description
1 polymer NRPS/PKS
2 non-polymer 'NITRATE ION'
3 water water
#
_entity_poly.entity_id   1
_entity_poly.type   'polypeptide(L)'
_entity_poly.pdbx_seq_one_letter_code
;SNAPDDDEIVIVGVAGRYPKADDLAQFWRNLREGRDCVEEVPEDRWDHGRFYDPDPAAPGKAYAKWGGWLSDVASFDP
(MSE)FFR(MSE)SQVEAEHIDPQERIFLQTVWHLLEDAGTSRAALSKVRTGVFVGL(MSE)YGHYQLYGVEEALRGTGA
ATSSSYASVANRVSYFFDFDGPSIALDT(MSE)CSSSLTALHLACRAIRDGDCEVAVAGGVNVSSHPLKYLQLAKGGFLS
TDGRCRSFGEGGDGYVPAEGSGAVLLKRRSAAEADGDRVLAVVRSTAVNHGGAGKGFSVPNPRAQGVLIGEALERAGLAP
ADLGYLEAHGTGTSLGDPVEITGLVRAFQGHDLTGVRIPIGSVKSGIGHAESAAG(MSE)AALTKVLLQFRHQELVPSLH
AERLNPHLDLDATPFRLQRDLAPWTPRVDATGRALPRTAAISAFGAGGSNAHVILEESVPPTQTPAQEPPYVCALSARDA
ERLHEHTARTAEFLRGEGRAAHPAAVAATLLTREP(MSE)AHRLAVVFDTVDDLADALEDHLAGAGSPRVLTGTASRAAA
PATGRTAPELAEAWVRGAPVAAPAGAPRVSLPGYPFARERCWLPAADAVRRPA
;
_entity_poly.pdbx_strand_id   A,B,C,D
#
loop_
_chem_comp.id
_chem_comp.type
_chem_comp.name
_chem_comp.formula
NO3 non-polymer 'NITRATE ION' 'N O3 -1'
#
# COMPACT_ATOMS: atom_id res chain seq x y z
N ASP A 6 26.15 2.00 29.78
CA ASP A 6 27.30 2.89 29.43
C ASP A 6 26.88 4.06 28.52
N ASP A 7 26.23 3.74 27.38
CA ASP A 7 25.65 4.79 26.53
C ASP A 7 24.40 5.39 27.23
N GLU A 8 24.45 6.69 27.41
CA GLU A 8 23.49 7.37 28.22
C GLU A 8 22.32 7.74 27.32
N ILE A 9 21.17 7.97 27.94
CA ILE A 9 20.08 8.55 27.24
C ILE A 9 20.16 10.02 27.44
N VAL A 10 19.82 10.79 26.40
CA VAL A 10 19.74 12.25 26.47
C VAL A 10 18.44 12.77 25.88
N ILE A 11 18.11 13.99 26.28
CA ILE A 11 16.95 14.67 25.80
C ILE A 11 17.43 15.65 24.74
N VAL A 12 16.86 15.58 23.56
CA VAL A 12 17.28 16.45 22.50
C VAL A 12 16.21 17.39 22.00
N GLY A 13 15.06 17.44 22.64
CA GLY A 13 14.09 18.50 22.29
C GLY A 13 12.96 18.48 23.29
N VAL A 14 12.25 19.58 23.39
CA VAL A 14 11.12 19.65 24.32
C VAL A 14 10.10 20.61 23.78
N ALA A 15 8.86 20.37 24.11
CA ALA A 15 7.79 21.26 23.73
C ALA A 15 6.62 21.14 24.71
N GLY A 16 5.80 22.18 24.79
CA GLY A 16 4.74 22.25 25.79
C GLY A 16 3.85 23.47 25.76
N ARG A 17 2.61 23.33 26.21
CA ARG A 17 1.78 24.47 26.55
C ARG A 17 1.37 24.34 27.97
N TYR A 18 1.41 25.45 28.69
CA TYR A 18 1.00 25.49 30.08
C TYR A 18 0.16 26.78 30.29
N PRO A 19 -0.41 26.95 31.50
CA PRO A 19 -1.23 28.10 31.73
C PRO A 19 -0.53 29.41 31.41
N LYS A 20 -1.15 30.22 30.53
CA LYS A 20 -0.64 31.49 30.11
C LYS A 20 0.66 31.36 29.31
N ALA A 21 0.92 30.17 28.79
CA ALA A 21 2.16 29.93 28.08
C ALA A 21 1.87 29.02 26.89
N ASP A 22 1.72 29.62 25.73
CA ASP A 22 1.39 28.85 24.52
C ASP A 22 2.62 28.24 23.87
N ASP A 23 3.79 28.67 24.30
CA ASP A 23 5.02 28.00 23.96
C ASP A 23 6.01 28.25 25.09
N LEU A 24 7.12 27.57 25.01
CA LEU A 24 8.11 27.56 26.04
C LEU A 24 8.86 28.87 26.22
N ALA A 25 8.88 29.72 25.22
CA ALA A 25 9.49 31.04 25.42
C ALA A 25 8.65 31.83 26.38
N GLN A 26 7.35 31.72 26.22
CA GLN A 26 6.42 32.40 27.10
C GLN A 26 6.45 31.71 28.47
N PHE A 27 6.60 30.40 28.50
CA PHE A 27 6.72 29.71 29.76
C PHE A 27 7.89 30.23 30.54
N TRP A 28 9.00 30.42 29.83
CA TRP A 28 10.24 30.83 30.48
C TRP A 28 10.12 32.22 31.06
N ARG A 29 9.62 33.15 30.27
CA ARG A 29 9.28 34.50 30.72
C ARG A 29 8.50 34.47 32.06
N ASN A 30 7.44 33.62 32.08
CA ASN A 30 6.56 33.52 33.23
C ASN A 30 7.26 32.97 34.45
N LEU A 31 8.04 31.91 34.29
CA LEU A 31 8.85 31.39 35.40
C LEU A 31 9.80 32.44 35.86
N ARG A 32 10.45 33.11 34.92
CA ARG A 32 11.52 34.06 35.26
C ARG A 32 10.97 35.22 36.09
N GLU A 33 9.80 35.73 35.73
CA GLU A 33 9.19 36.85 36.42
C GLU A 33 8.41 36.46 37.70
N GLY A 34 8.32 35.17 37.98
CA GLY A 34 7.55 34.71 39.12
C GLY A 34 6.07 34.98 38.91
N ARG A 35 5.56 34.67 37.72
CA ARG A 35 4.19 34.99 37.41
C ARG A 35 3.20 33.99 37.94
N ASP A 36 2.13 34.50 38.52
CA ASP A 36 1.08 33.67 39.03
C ASP A 36 0.10 33.54 37.93
N CYS A 37 -0.01 32.32 37.38
CA CYS A 37 -0.80 32.07 36.17
C CYS A 37 -2.19 31.48 36.45
N VAL A 38 -2.59 31.43 37.70
CA VAL A 38 -3.87 30.84 38.04
C VAL A 38 -5.02 31.83 37.87
N GLU A 39 -6.17 31.35 37.44
CA GLU A 39 -7.35 32.19 37.17
C GLU A 39 -8.63 31.43 37.54
N GLU A 40 -9.72 32.19 37.66
CA GLU A 40 -11.04 31.64 37.86
C GLU A 40 -11.45 30.86 36.66
N VAL A 41 -12.31 29.87 36.86
CA VAL A 41 -12.89 29.14 35.74
C VAL A 41 -13.40 30.06 34.62
N PRO A 42 -12.93 29.85 33.41
CA PRO A 42 -13.38 30.71 32.35
C PRO A 42 -14.84 30.49 32.01
N GLU A 43 -15.56 31.56 31.71
CA GLU A 43 -16.93 31.50 31.21
C GLU A 43 -17.07 30.54 30.07
N ASP A 44 -16.15 30.58 29.10
CA ASP A 44 -16.32 29.75 27.90
C ASP A 44 -16.11 28.24 28.09
N ARG A 45 -15.76 27.81 29.30
CA ARG A 45 -15.62 26.39 29.61
C ARG A 45 -16.90 25.86 30.21
N TRP A 46 -17.33 26.48 31.30
CA TRP A 46 -18.59 26.13 31.92
C TRP A 46 -18.95 27.21 32.91
N ASP A 47 -20.23 27.20 33.29
CA ASP A 47 -20.80 28.15 34.22
C ASP A 47 -20.53 27.55 35.58
N HIS A 48 -19.54 28.10 36.25
CA HIS A 48 -19.18 27.59 37.54
C HIS A 48 -20.19 27.98 38.64
N GLY A 49 -21.00 29.00 38.38
CA GLY A 49 -22.15 29.32 39.26
C GLY A 49 -22.99 28.10 39.60
N ARG A 50 -23.33 27.28 38.60
CA ARG A 50 -24.16 26.06 38.84
C ARG A 50 -23.59 25.09 39.86
N PHE A 51 -22.31 25.19 40.17
CA PHE A 51 -21.58 24.17 40.93
C PHE A 51 -20.81 24.72 42.12
N TYR A 52 -20.76 26.03 42.27
CA TYR A 52 -19.95 26.66 43.29
C TYR A 52 -20.73 26.94 44.57
N ASP A 53 -20.10 26.69 45.71
CA ASP A 53 -20.60 27.16 47.01
C ASP A 53 -19.35 27.33 47.85
N PRO A 54 -19.12 28.56 48.36
CA PRO A 54 -17.87 28.81 49.06
C PRO A 54 -17.79 28.06 50.37
N ASP A 55 -18.87 27.46 50.83
CA ASP A 55 -18.84 26.61 52.03
C ASP A 55 -18.38 25.20 51.68
N PRO A 56 -17.24 24.76 52.26
CA PRO A 56 -16.80 23.37 52.06
C PRO A 56 -17.79 22.32 52.55
N ALA A 57 -18.63 22.68 53.49
CA ALA A 57 -19.58 21.75 54.05
C ALA A 57 -20.77 21.55 53.12
N ALA A 58 -21.07 22.51 52.26
CA ALA A 58 -22.09 22.28 51.25
C ALA A 58 -21.84 20.94 50.52
N PRO A 59 -22.89 20.11 50.41
CA PRO A 59 -22.72 18.86 49.68
C PRO A 59 -22.99 19.02 48.19
N GLY A 60 -22.32 18.22 47.37
CA GLY A 60 -22.56 18.21 45.92
C GLY A 60 -22.12 19.50 45.24
N LYS A 61 -21.10 20.11 45.85
CA LYS A 61 -20.64 21.44 45.48
C LYS A 61 -19.09 21.55 45.49
N ALA A 62 -18.59 22.51 44.72
CA ALA A 62 -17.19 22.82 44.76
C ALA A 62 -16.97 24.10 45.52
N TYR A 63 -16.02 24.10 46.44
CA TYR A 63 -15.78 25.31 47.26
C TYR A 63 -14.62 26.19 46.69
N ALA A 64 -14.16 25.86 45.48
CA ALA A 64 -13.15 26.66 44.81
C ALA A 64 -13.49 26.76 43.34
N LYS A 65 -12.89 27.76 42.70
CA LYS A 65 -13.26 28.22 41.39
C LYS A 65 -12.07 28.63 40.53
N TRP A 66 -10.90 28.04 40.78
CA TRP A 66 -9.68 28.45 40.14
C TRP A 66 -9.05 27.29 39.40
N GLY A 67 -8.19 27.64 38.44
CA GLY A 67 -7.31 26.67 37.82
C GLY A 67 -6.21 27.27 36.99
N GLY A 68 -5.30 26.40 36.52
CA GLY A 68 -4.35 26.76 35.46
C GLY A 68 -4.93 26.40 34.11
N TRP A 69 -5.30 27.39 33.31
CA TRP A 69 -6.05 27.13 32.08
C TRP A 69 -5.20 27.32 30.89
N LEU A 70 -5.29 26.42 29.91
CA LEU A 70 -4.68 26.68 28.63
C LEU A 70 -5.48 27.77 27.96
N SER A 71 -4.83 28.62 27.21
CA SER A 71 -5.52 29.75 26.58
C SER A 71 -6.69 29.32 25.69
N ASP A 72 -6.57 28.18 25.02
CA ASP A 72 -7.64 27.72 24.17
C ASP A 72 -7.53 26.26 23.82
N VAL A 73 -8.43 25.44 24.37
CA VAL A 73 -8.35 23.98 24.22
C VAL A 73 -9.26 23.42 23.14
N ALA A 74 -10.20 24.19 22.63
CA ALA A 74 -11.08 23.71 21.55
C ALA A 74 -10.41 23.69 20.20
N SER A 75 -9.39 24.52 20.02
CA SER A 75 -8.77 24.70 18.71
C SER A 75 -7.90 23.55 18.24
N PHE A 76 -8.11 23.23 16.99
CA PHE A 76 -7.42 22.16 16.33
C PHE A 76 -7.35 22.48 14.82
N ASP A 77 -6.38 21.85 14.16
CA ASP A 77 -6.17 21.91 12.72
C ASP A 77 -6.38 20.49 12.16
N PRO A 78 -7.66 20.10 12.02
CA PRO A 78 -7.99 18.72 11.62
C PRO A 78 -7.50 18.37 10.20
N MSE A 79 -7.52 19.38 9.33
CA MSE A 79 -7.15 19.18 7.93
C MSE A 79 -5.68 18.84 7.90
O MSE A 79 -5.25 18.07 7.03
CB MSE A 79 -7.44 20.37 7.03
CG MSE A 79 -8.92 20.75 6.88
SE MSE A 79 -10.13 19.28 6.29
CE MSE A 79 -11.61 19.64 7.56
N PHE A 80 -4.91 19.39 8.84
CA PHE A 80 -3.47 19.18 8.86
C PHE A 80 -3.27 17.74 9.19
N PHE A 81 -4.01 17.31 10.17
CA PHE A 81 -3.90 15.92 10.62
C PHE A 81 -4.78 14.89 9.94
N ARG A 82 -5.33 15.22 8.77
CA ARG A 82 -6.08 14.27 7.94
CA ARG A 82 -6.06 14.26 7.95
C ARG A 82 -7.25 13.65 8.69
N MSE A 83 -8.07 14.49 9.27
CA MSE A 83 -9.24 14.00 9.95
C MSE A 83 -10.33 14.99 9.67
O MSE A 83 -10.08 16.16 9.39
CB MSE A 83 -8.87 13.67 11.41
CG MSE A 83 -9.40 14.65 12.46
SE MSE A 83 -8.97 14.21 14.37
CE MSE A 83 -7.25 13.31 14.12
N SER A 84 -11.54 14.51 9.69
CA SER A 84 -12.72 15.33 9.50
C SER A 84 -12.95 16.22 10.70
N GLN A 85 -13.56 17.37 10.42
CA GLN A 85 -14.05 18.27 11.46
C GLN A 85 -14.94 17.54 12.48
N VAL A 86 -15.81 16.68 11.99
CA VAL A 86 -16.76 16.00 12.84
C VAL A 86 -16.04 15.03 13.75
N GLU A 87 -15.13 14.24 13.19
CA GLU A 87 -14.36 13.36 14.03
C GLU A 87 -13.68 14.18 15.16
N ALA A 88 -13.09 15.32 14.83
CA ALA A 88 -12.36 16.11 15.81
C ALA A 88 -13.24 16.53 16.99
N GLU A 89 -14.44 17.01 16.70
CA GLU A 89 -15.38 17.39 17.75
C GLU A 89 -15.66 16.24 18.72
N HIS A 90 -15.51 15.01 18.26
CA HIS A 90 -15.95 13.83 19.02
C HIS A 90 -14.79 13.17 19.79
N ILE A 91 -13.55 13.64 19.59
CA ILE A 91 -12.47 13.18 20.45
C ILE A 91 -11.95 14.27 21.37
N ASP A 92 -11.40 13.78 22.49
CA ASP A 92 -10.93 14.55 23.63
C ASP A 92 -9.87 15.51 23.17
N PRO A 93 -9.87 16.75 23.68
CA PRO A 93 -8.83 17.70 23.32
C PRO A 93 -7.43 17.28 23.73
N GLN A 94 -7.31 16.36 24.67
CA GLN A 94 -6.01 15.81 25.03
C GLN A 94 -5.38 15.13 23.80
N GLU A 95 -6.16 14.35 23.07
CA GLU A 95 -5.63 13.70 21.86
C GLU A 95 -5.21 14.72 20.80
N ARG A 96 -5.97 15.76 20.64
CA ARG A 96 -5.69 16.72 19.61
C ARG A 96 -4.48 17.58 19.93
N ILE A 97 -4.42 18.03 21.17
CA ILE A 97 -3.37 18.92 21.60
C ILE A 97 -2.04 18.20 21.62
N PHE A 98 -2.05 16.96 22.07
CA PHE A 98 -0.84 16.20 22.08
C PHE A 98 -0.25 16.00 20.66
N LEU A 99 -1.11 15.92 19.66
CA LEU A 99 -0.62 15.83 18.30
C LEU A 99 0.16 17.07 17.92
N GLN A 100 -0.41 18.23 18.22
CA GLN A 100 0.32 19.46 17.93
C GLN A 100 1.62 19.55 18.75
N THR A 101 1.57 19.11 20.01
CA THR A 101 2.75 19.10 20.85
C THR A 101 3.84 18.26 20.25
N VAL A 102 3.50 17.08 19.76
CA VAL A 102 4.55 16.24 19.17
C VAL A 102 5.14 16.88 17.94
N TRP A 103 4.29 17.48 17.13
CA TRP A 103 4.77 18.23 15.97
C TRP A 103 5.78 19.28 16.43
N HIS A 104 5.43 20.07 17.45
CA HIS A 104 6.33 21.11 17.88
C HIS A 104 7.58 20.54 18.52
N LEU A 105 7.48 19.39 19.16
CA LEU A 105 8.66 18.74 19.72
C LEU A 105 9.68 18.45 18.61
N LEU A 106 9.23 17.90 17.48
CA LEU A 106 10.16 17.53 16.44
C LEU A 106 10.85 18.78 15.90
N GLU A 107 10.08 19.85 15.77
CA GLU A 107 10.68 21.11 15.37
C GLU A 107 11.70 21.62 16.38
N ASP A 108 11.42 21.46 17.66
CA ASP A 108 12.39 21.94 18.65
C ASP A 108 13.65 21.08 18.64
N ALA A 109 13.52 19.79 18.43
CA ALA A 109 14.67 18.94 18.26
C ALA A 109 15.42 19.13 16.94
N GLY A 110 14.94 19.98 16.01
CA GLY A 110 15.55 20.06 14.68
C GLY A 110 15.47 18.81 13.77
N THR A 111 14.30 18.19 13.76
CA THR A 111 14.13 16.99 13.02
C THR A 111 12.74 16.94 12.41
N SER A 112 12.34 15.76 11.94
CA SER A 112 11.12 15.58 11.19
C SER A 112 10.74 14.10 11.12
N ARG A 113 9.47 13.84 10.80
CA ARG A 113 9.01 12.48 10.46
C ARG A 113 10.01 11.77 9.58
N ALA A 114 10.34 12.42 8.47
CA ALA A 114 11.24 11.81 7.47
C ALA A 114 12.66 11.57 7.97
N ALA A 115 13.22 12.48 8.73
CA ALA A 115 14.55 12.25 9.28
C ALA A 115 14.54 11.09 10.25
N LEU A 116 13.43 10.90 10.95
CA LEU A 116 13.28 9.85 11.95
C LEU A 116 12.87 8.53 11.41
N SER A 117 12.57 8.48 10.11
CA SER A 117 11.99 7.26 9.52
C SER A 117 12.94 6.11 9.33
N LYS A 118 14.20 6.29 9.59
CA LYS A 118 15.18 5.24 9.46
C LYS A 118 15.55 4.64 10.82
N VAL A 119 15.02 5.21 11.90
CA VAL A 119 15.21 4.66 13.22
C VAL A 119 13.84 4.32 13.73
N ARG A 120 13.80 3.44 14.71
CA ARG A 120 12.57 3.05 15.31
C ARG A 120 12.21 3.96 16.46
N THR A 121 11.02 4.54 16.42
CA THR A 121 10.64 5.55 17.40
C THR A 121 9.47 5.10 18.23
N GLY A 122 9.61 5.19 19.56
CA GLY A 122 8.54 4.84 20.48
C GLY A 122 7.78 6.08 20.95
N VAL A 123 6.55 5.87 21.43
CA VAL A 123 5.69 6.91 22.03
C VAL A 123 5.12 6.39 23.33
N PHE A 124 5.27 7.22 24.37
CA PHE A 124 4.90 6.97 25.76
C PHE A 124 4.32 8.25 26.35
N VAL A 125 3.03 8.23 26.69
CA VAL A 125 2.30 9.42 27.10
C VAL A 125 1.48 9.12 28.30
N GLY A 126 1.56 10.00 29.30
CA GLY A 126 0.79 9.79 30.53
C GLY A 126 -0.46 10.62 30.56
N LEU A 127 -1.55 9.98 30.97
CA LEU A 127 -2.84 10.67 31.21
C LEU A 127 -3.51 10.06 32.43
N MSE A 128 -4.35 10.84 33.10
CA MSE A 128 -5.10 10.37 34.29
C MSE A 128 -6.57 10.73 34.34
O MSE A 128 -7.29 10.29 35.22
CB MSE A 128 -4.44 10.87 35.59
CG MSE A 128 -4.70 12.32 35.91
SE MSE A 128 -4.02 12.79 37.73
CE MSE A 128 -5.43 12.09 38.91
N TYR A 129 -7.04 11.55 33.42
CA TYR A 129 -8.43 11.82 33.31
C TYR A 129 -8.82 11.72 31.87
N GLY A 130 -10.07 11.37 31.66
CA GLY A 130 -10.64 11.38 30.34
C GLY A 130 -12.06 11.82 30.47
N HIS A 131 -12.24 13.10 30.71
CA HIS A 131 -13.53 13.67 30.95
C HIS A 131 -14.31 14.09 29.74
N TYR A 132 -13.66 14.32 28.62
CA TYR A 132 -14.41 14.77 27.45
C TYR A 132 -15.47 13.73 27.07
N GLN A 133 -15.18 12.44 27.33
CA GLN A 133 -16.15 11.41 26.99
C GLN A 133 -17.46 11.50 27.75
N LEU A 134 -17.51 12.27 28.84
CA LEU A 134 -18.79 12.47 29.54
C LEU A 134 -19.79 13.26 28.72
N TYR A 135 -19.32 14.20 27.91
CA TYR A 135 -20.22 14.95 27.05
C TYR A 135 -20.90 14.09 25.98
N GLY A 136 -22.18 14.42 25.75
CA GLY A 136 -22.95 13.82 24.67
C GLY A 136 -23.39 12.40 24.91
N VAL A 137 -23.31 11.93 26.16
CA VAL A 137 -23.75 10.58 26.48
C VAL A 137 -25.28 10.36 26.38
N GLU A 138 -26.07 11.34 26.82
CA GLU A 138 -27.54 11.26 26.70
C GLU A 138 -27.98 11.14 25.23
N GLU A 139 -27.54 12.11 24.43
CA GLU A 139 -27.83 12.20 23.00
C GLU A 139 -27.50 10.91 22.28
N ALA A 140 -26.32 10.36 22.55
CA ALA A 140 -25.89 9.10 21.95
C ALA A 140 -26.81 7.93 22.35
N LEU A 141 -27.23 7.89 23.60
CA LEU A 141 -28.17 6.87 24.05
C LEU A 141 -29.55 7.00 23.36
N ARG A 142 -30.06 8.25 23.28
CA ARG A 142 -31.34 8.57 22.66
C ARG A 142 -31.29 8.53 21.12
N GLY A 143 -30.18 8.09 20.55
CA GLY A 143 -30.04 7.96 19.11
C GLY A 143 -29.85 9.29 18.39
N THR A 144 -29.92 10.39 19.11
CA THR A 144 -29.80 11.74 18.58
C THR A 144 -28.40 12.12 18.06
N GLY A 145 -27.35 11.66 18.74
CA GLY A 145 -25.98 12.06 18.43
C GLY A 145 -24.99 10.92 18.52
N ALA A 146 -23.71 11.24 18.33
CA ALA A 146 -22.67 10.22 18.40
C ALA A 146 -21.85 10.29 19.70
N ALA A 147 -21.28 9.15 20.12
CA ALA A 147 -20.42 9.08 21.29
C ALA A 147 -19.11 9.85 21.12
N THR A 148 -18.72 10.60 22.15
CA THR A 148 -17.40 11.18 22.22
C THR A 148 -16.44 10.14 22.74
N SER A 149 -15.16 10.38 22.50
CA SER A 149 -14.14 9.47 22.93
C SER A 149 -13.04 10.18 23.70
N SER A 150 -12.42 9.44 24.59
CA SER A 150 -11.28 9.88 25.34
C SER A 150 -10.34 8.72 25.51
N SER A 151 -10.33 7.78 24.60
CA SER A 151 -9.47 6.66 24.72
C SER A 151 -8.00 7.13 24.97
N TYR A 152 -7.35 6.51 25.96
CA TYR A 152 -5.98 6.88 26.30
C TYR A 152 -5.04 6.33 25.24
N ALA A 153 -5.15 5.06 24.88
CA ALA A 153 -4.34 4.51 23.80
C ALA A 153 -4.44 5.34 22.55
N SER A 154 -5.60 5.92 22.28
CA SER A 154 -5.74 6.76 21.09
C SER A 154 -4.78 7.96 21.06
N VAL A 155 -4.55 8.56 22.20
CA VAL A 155 -3.57 9.60 22.28
C VAL A 155 -2.17 9.14 21.81
N ALA A 156 -1.71 7.96 22.24
CA ALA A 156 -0.41 7.53 21.78
C ALA A 156 -0.48 7.02 20.32
N ASN A 157 -1.47 6.19 20.02
CA ASN A 157 -1.59 5.50 18.73
C ASN A 157 -1.74 6.49 17.57
N ARG A 158 -2.56 7.50 17.78
CA ARG A 158 -2.72 8.51 16.77
C ARG A 158 -1.39 9.25 16.49
N VAL A 159 -0.65 9.58 17.51
CA VAL A 159 0.71 10.08 17.27
C VAL A 159 1.56 9.06 16.47
N SER A 160 1.55 7.81 16.92
CA SER A 160 2.35 6.82 16.25
C SER A 160 1.98 6.68 14.74
N TYR A 161 0.70 6.78 14.44
CA TYR A 161 0.20 6.61 13.10
C TYR A 161 0.66 7.76 12.22
N PHE A 162 0.35 8.96 12.64
CA PHE A 162 0.58 10.14 11.87
C PHE A 162 2.04 10.45 11.67
N PHE A 163 2.88 10.19 12.65
CA PHE A 163 4.32 10.51 12.49
C PHE A 163 5.13 9.32 12.02
N ASP A 164 4.45 8.20 11.82
CA ASP A 164 5.05 6.95 11.42
C ASP A 164 6.06 6.47 12.43
N PHE A 165 5.61 6.34 13.67
CA PHE A 165 6.46 5.83 14.73
C PHE A 165 6.07 4.39 15.02
N ASP A 166 6.95 3.46 14.67
CA ASP A 166 6.57 2.05 14.72
C ASP A 166 7.29 1.31 15.86
N GLY A 167 7.77 2.08 16.82
CA GLY A 167 8.14 1.54 18.10
C GLY A 167 6.91 1.36 18.98
N PRO A 168 7.16 1.00 20.24
CA PRO A 168 6.10 0.89 21.24
C PRO A 168 5.24 2.12 21.24
N SER A 169 3.95 1.92 21.36
CA SER A 169 2.99 3.04 21.44
C SER A 169 2.08 2.78 22.63
N ILE A 170 2.30 3.48 23.73
CA ILE A 170 1.67 3.14 25.00
C ILE A 170 1.17 4.36 25.71
N ALA A 171 -0.06 4.33 26.18
CA ALA A 171 -0.53 5.37 27.06
C ALA A 171 -0.59 4.80 28.45
N LEU A 172 -0.40 5.63 29.45
CA LEU A 172 -0.33 5.08 30.80
C LEU A 172 -0.83 6.06 31.86
N ASP A 173 -1.48 5.52 32.89
CA ASP A 173 -1.97 6.30 34.02
C ASP A 173 -1.27 5.82 35.28
N THR A 174 -0.48 6.69 35.90
CA THR A 174 -0.12 6.58 37.33
C THR A 174 -0.50 7.90 38.09
N MSE A 175 -1.46 8.66 37.56
CA MSE A 175 -1.91 9.92 38.14
C MSE A 175 -0.86 11.01 38.02
O MSE A 175 -0.27 11.21 36.96
CB MSE A 175 -2.42 9.73 39.58
CG MSE A 175 -3.29 8.51 39.82
SE MSE A 175 -4.46 8.69 41.41
CE MSE A 175 -5.29 6.89 41.42
N CYS A 176 -0.58 11.71 39.10
CA CYS A 176 0.33 12.85 39.10
C CYS A 176 1.71 12.54 38.60
N SER A 177 2.16 11.29 38.70
CA SER A 177 3.47 10.91 38.26
C SER A 177 3.54 10.35 36.82
N SER A 178 2.42 10.37 36.12
CA SER A 178 2.35 9.80 34.81
C SER A 178 3.43 10.24 33.82
N SER A 179 3.66 11.54 33.69
CA SER A 179 4.72 12.02 32.80
C SER A 179 6.10 11.44 33.08
N LEU A 180 6.50 11.37 34.34
CA LEU A 180 7.80 10.79 34.68
C LEU A 180 7.75 9.29 34.58
N THR A 181 6.61 8.69 34.82
CA THR A 181 6.55 7.25 34.63
C THR A 181 6.82 6.96 33.14
N ALA A 182 6.25 7.78 32.26
CA ALA A 182 6.47 7.61 30.86
C ALA A 182 7.94 7.86 30.49
N LEU A 183 8.52 8.92 31.02
CA LEU A 183 9.92 9.15 30.78
C LEU A 183 10.69 7.91 31.13
N HIS A 184 10.33 7.26 32.23
CA HIS A 184 11.03 6.11 32.71
C HIS A 184 10.89 4.93 31.78
N LEU A 185 9.71 4.71 31.25
CA LEU A 185 9.48 3.61 30.36
C LEU A 185 10.14 3.85 29.03
N ALA A 186 10.14 5.10 28.59
CA ALA A 186 10.81 5.46 27.36
C ALA A 186 12.32 5.21 27.42
N CYS A 187 12.92 5.55 28.55
CA CYS A 187 14.35 5.36 28.72
C CYS A 187 14.68 3.89 28.72
N ARG A 188 13.86 3.06 29.35
CA ARG A 188 14.21 1.66 29.39
C ARG A 188 13.91 0.98 28.07
N ALA A 189 12.95 1.49 27.31
CA ALA A 189 12.67 0.93 25.98
C ALA A 189 13.86 1.14 25.12
N ILE A 190 14.47 2.31 25.22
CA ILE A 190 15.64 2.59 24.41
C ILE A 190 16.81 1.68 24.82
N ARG A 191 17.16 1.61 26.11
CA ARG A 191 18.20 0.70 26.60
C ARG A 191 17.96 -0.73 26.21
N ASP A 192 16.73 -1.20 26.31
CA ASP A 192 16.44 -2.59 26.09
C ASP A 192 16.28 -2.93 24.61
N GLY A 193 16.26 -1.92 23.75
CA GLY A 193 16.13 -2.20 22.33
C GLY A 193 14.74 -2.18 21.72
N ASP A 194 13.71 -1.81 22.46
CA ASP A 194 12.37 -1.65 21.89
C ASP A 194 12.33 -0.51 20.87
N CYS A 195 13.21 0.45 21.02
CA CYS A 195 13.33 1.49 20.04
C CYS A 195 14.66 2.23 20.20
N GLU A 196 14.91 3.24 19.36
CA GLU A 196 16.18 3.97 19.38
C GLU A 196 15.98 5.38 19.78
N VAL A 197 14.81 5.90 19.47
CA VAL A 197 14.43 7.23 19.80
C VAL A 197 13.06 7.08 20.44
N ALA A 198 12.72 7.98 21.38
CA ALA A 198 11.38 7.91 22.02
C ALA A 198 10.74 9.26 22.29
N VAL A 199 9.44 9.33 22.15
CA VAL A 199 8.71 10.53 22.59
C VAL A 199 8.13 10.20 23.92
N ALA A 200 8.43 10.98 24.96
CA ALA A 200 7.76 10.79 26.28
C ALA A 200 7.07 12.06 26.64
N GLY A 201 5.83 11.97 27.04
CA GLY A 201 5.10 13.18 27.38
C GLY A 201 3.91 12.91 28.28
N GLY A 202 3.13 13.96 28.49
CA GLY A 202 1.88 13.80 29.18
C GLY A 202 1.00 14.97 28.86
N VAL A 203 -0.30 14.79 29.08
CA VAL A 203 -1.24 15.80 28.70
C VAL A 203 -2.38 15.75 29.67
N ASN A 204 -2.92 16.92 30.00
CA ASN A 204 -4.07 17.02 30.85
C ASN A 204 -4.93 18.24 30.51
N VAL A 205 -6.21 18.01 30.22
CA VAL A 205 -7.17 19.09 29.97
C VAL A 205 -8.35 19.01 30.88
N SER A 206 -8.71 20.13 31.49
CA SER A 206 -9.86 20.27 32.38
C SER A 206 -11.10 20.65 31.57
N SER A 207 -11.65 19.66 30.91
CA SER A 207 -12.71 19.85 29.95
C SER A 207 -14.09 19.87 30.59
N HIS A 208 -14.25 19.26 31.76
CA HIS A 208 -15.55 19.06 32.32
C HIS A 208 -15.59 19.42 33.81
N PRO A 209 -16.67 20.08 34.24
CA PRO A 209 -16.85 20.48 35.64
C PRO A 209 -16.93 19.36 36.68
N LEU A 210 -17.28 18.14 36.26
CA LEU A 210 -17.29 16.96 37.14
C LEU A 210 -16.02 16.83 37.95
N LYS A 211 -14.85 17.07 37.33
CA LYS A 211 -13.57 16.96 38.06
C LYS A 211 -13.53 17.85 39.31
N TYR A 212 -14.12 19.03 39.20
CA TYR A 212 -14.09 19.97 40.30
C TYR A 212 -15.00 19.50 41.41
N LEU A 213 -16.10 18.80 41.09
CA LEU A 213 -16.92 18.19 42.15
C LEU A 213 -16.27 17.00 42.83
N GLN A 214 -15.77 16.08 42.03
CA GLN A 214 -14.98 14.96 42.55
C GLN A 214 -13.86 15.47 43.49
N LEU A 215 -13.11 16.47 43.07
CA LEU A 215 -12.01 16.91 43.89
C LEU A 215 -12.54 17.66 45.13
N ALA A 216 -13.63 18.42 45.01
CA ALA A 216 -14.14 19.15 46.18
C ALA A 216 -14.65 18.17 47.21
N LYS A 217 -15.37 17.17 46.77
CA LYS A 217 -15.83 16.14 47.66
C LYS A 217 -14.73 15.51 48.51
N GLY A 218 -13.56 15.26 47.92
CA GLY A 218 -12.44 14.67 48.66
C GLY A 218 -11.56 15.68 49.39
N GLY A 219 -11.99 16.95 49.44
CA GLY A 219 -11.19 18.00 50.05
C GLY A 219 -9.82 18.27 49.40
N PHE A 220 -9.64 17.91 48.13
CA PHE A 220 -8.36 18.09 47.53
C PHE A 220 -8.08 19.51 47.13
N LEU A 221 -9.11 20.30 46.91
CA LEU A 221 -8.89 21.64 46.40
C LEU A 221 -8.43 22.61 47.51
N SER A 222 -7.41 23.41 47.27
CA SER A 222 -7.08 24.40 48.24
C SER A 222 -8.19 25.46 48.20
N THR A 223 -8.36 26.23 49.28
CA THR A 223 -9.45 27.18 49.40
C THR A 223 -9.16 28.54 48.73
N ASP A 224 -7.88 28.90 48.61
CA ASP A 224 -7.48 30.08 47.80
C ASP A 224 -7.21 29.75 46.33
N GLY A 225 -7.23 28.50 45.94
CA GLY A 225 -6.88 28.20 44.55
C GLY A 225 -5.39 28.30 44.28
N ARG A 226 -4.57 27.97 45.27
CA ARG A 226 -3.15 27.98 45.09
C ARG A 226 -2.48 26.69 45.59
N CYS A 227 -1.33 26.41 44.99
CA CYS A 227 -0.35 25.49 45.52
C CYS A 227 0.74 26.32 46.16
N ARG A 228 0.70 26.40 47.49
CA ARG A 228 1.66 27.15 48.26
C ARG A 228 2.78 26.22 48.64
N SER A 229 3.62 25.91 47.66
CA SER A 229 4.60 24.83 47.79
C SER A 229 5.58 25.15 48.91
N PHE A 230 5.56 24.34 49.97
CA PHE A 230 6.35 24.57 51.18
C PHE A 230 6.13 25.90 51.87
N GLY A 231 4.96 26.48 51.66
CA GLY A 231 4.64 27.74 52.29
C GLY A 231 3.58 27.59 53.36
N GLU A 232 3.44 28.62 54.16
CA GLU A 232 2.46 28.63 55.25
C GLU A 232 1.01 28.64 54.77
N GLY A 233 0.17 27.86 55.47
CA GLY A 233 -1.28 27.79 55.25
C GLY A 233 -1.77 27.19 53.97
N GLY A 234 -0.96 26.30 53.37
CA GLY A 234 -1.39 25.59 52.17
C GLY A 234 -2.38 24.52 52.58
N ASP A 235 -3.56 24.51 51.96
CA ASP A 235 -4.64 23.57 52.32
C ASP A 235 -5.20 22.83 51.13
N GLY A 236 -4.33 22.47 50.19
CA GLY A 236 -4.70 21.71 49.03
C GLY A 236 -4.05 22.22 47.76
N TYR A 237 -4.53 21.76 46.61
CA TYR A 237 -3.93 22.23 45.36
C TYR A 237 -4.95 22.84 44.43
N VAL A 238 -4.48 23.29 43.30
CA VAL A 238 -5.37 23.78 42.25
C VAL A 238 -5.07 23.06 40.92
N PRO A 239 -6.09 22.55 40.25
CA PRO A 239 -5.81 21.87 38.99
C PRO A 239 -5.25 22.81 37.93
N ALA A 240 -4.42 22.26 37.08
CA ALA A 240 -3.97 23.00 35.94
C ALA A 240 -3.89 22.13 34.71
N GLU A 241 -3.95 22.78 33.55
CA GLU A 241 -3.94 22.11 32.28
C GLU A 241 -2.53 22.16 31.63
N GLY A 242 -2.23 21.20 30.80
CA GLY A 242 -0.95 21.22 30.13
C GLY A 242 -0.73 20.06 29.17
N SER A 243 0.22 20.27 28.29
CA SER A 243 0.65 19.27 27.34
C SER A 243 2.16 19.44 27.21
N GLY A 244 2.90 18.32 27.25
CA GLY A 244 4.31 18.40 27.09
C GLY A 244 4.93 17.14 26.64
N ALA A 245 6.07 17.27 25.97
CA ALA A 245 6.80 16.11 25.51
C ALA A 245 8.27 16.43 25.34
N VAL A 246 9.10 15.42 25.54
CA VAL A 246 10.50 15.51 25.28
C VAL A 246 10.86 14.41 24.29
N LEU A 247 12.00 14.57 23.65
CA LEU A 247 12.45 13.58 22.64
C LEU A 247 13.76 13.01 23.10
N LEU A 248 13.82 11.68 23.11
CA LEU A 248 14.91 10.95 23.73
C LEU A 248 15.73 10.13 22.73
N LYS A 249 17.01 9.95 23.06
CA LYS A 249 18.01 9.42 22.11
C LYS A 249 19.20 8.90 22.93
N ARG A 250 19.92 7.89 22.43
CA ARG A 250 21.24 7.56 22.96
C ARG A 250 22.22 8.70 22.71
N ARG A 251 23.08 8.99 23.69
CA ARG A 251 24.07 10.06 23.51
C ARG A 251 24.84 9.92 22.19
N SER A 252 25.32 8.70 21.92
CA SER A 252 26.04 8.42 20.70
C SER A 252 25.25 8.81 19.48
N ALA A 253 23.95 8.56 19.45
CA ALA A 253 23.21 8.93 18.27
C ALA A 253 23.05 10.44 18.17
N ALA A 254 22.85 11.12 19.29
CA ALA A 254 22.75 12.57 19.29
C ALA A 254 24.04 13.25 18.85
N GLU A 255 25.17 12.76 19.34
CA GLU A 255 26.48 13.31 18.94
C GLU A 255 26.67 13.09 17.45
N ALA A 256 26.49 11.87 17.00
CA ALA A 256 26.55 11.58 15.57
C ALA A 256 25.64 12.48 14.73
N ASP A 257 24.41 12.72 15.15
CA ASP A 257 23.48 13.49 14.32
C ASP A 257 23.65 14.99 14.46
N GLY A 258 24.64 15.42 15.25
CA GLY A 258 24.72 16.80 15.75
C GLY A 258 23.47 17.43 16.37
N ASP A 259 22.78 16.73 17.29
CA ASP A 259 21.59 17.33 17.93
C ASP A 259 22.07 18.28 18.98
N ARG A 260 21.26 19.30 19.26
CA ARG A 260 21.46 20.07 20.46
C ARG A 260 20.97 19.21 21.64
N VAL A 261 21.85 18.93 22.60
CA VAL A 261 21.51 18.12 23.76
C VAL A 261 21.04 19.01 24.92
N LEU A 262 19.85 18.76 25.43
CA LEU A 262 19.29 19.61 26.48
C LEU A 262 19.66 19.16 27.88
N ALA A 263 19.94 17.87 28.03
CA ALA A 263 20.22 17.30 29.33
C ALA A 263 20.53 15.83 29.16
N VAL A 264 21.36 15.32 30.04
CA VAL A 264 21.62 13.91 30.12
C VAL A 264 20.75 13.37 31.21
N VAL A 265 20.03 12.30 30.89
CA VAL A 265 19.22 11.62 31.86
C VAL A 265 20.07 10.64 32.66
N ARG A 266 20.58 11.09 33.80
CA ARG A 266 21.47 10.27 34.59
C ARG A 266 20.79 9.02 35.17
N SER A 267 19.57 9.17 35.67
CA SER A 267 18.78 8.05 36.15
C SER A 267 17.26 8.36 36.23
N THR A 268 16.49 7.28 36.23
CA THR A 268 15.07 7.35 36.53
C THR A 268 14.66 6.21 37.45
N ALA A 269 13.64 6.46 38.26
CA ALA A 269 13.09 5.42 39.07
C ALA A 269 11.61 5.62 39.37
N VAL A 270 10.92 4.48 39.52
CA VAL A 270 9.52 4.43 39.92
C VAL A 270 9.30 3.37 40.98
N ASN A 271 8.27 3.61 41.78
CA ASN A 271 7.85 2.65 42.79
C ASN A 271 6.44 2.96 43.31
N HIS A 272 6.10 2.36 44.43
CA HIS A 272 4.79 2.58 45.04
C HIS A 272 4.88 2.61 46.53
N GLY A 273 3.97 3.35 47.16
CA GLY A 273 3.92 3.40 48.63
C GLY A 273 3.68 2.07 49.40
N GLY A 274 3.22 1.04 48.72
CA GLY A 274 2.67 -0.15 49.37
C GLY A 274 1.53 0.17 50.33
N ALA A 275 1.42 -0.61 51.40
CA ALA A 275 0.41 -0.43 52.46
C ALA A 275 0.88 0.57 53.48
N GLY A 276 0.46 1.80 53.39
CA GLY A 276 0.95 2.76 54.40
C GLY A 276 -0.24 3.22 55.19
N LYS A 277 -0.18 4.42 55.71
CA LYS A 277 -1.21 4.90 56.62
C LYS A 277 -2.48 5.30 55.86
N GLY A 278 -2.98 4.44 54.98
CA GLY A 278 -4.15 4.78 54.15
C GLY A 278 -3.92 4.79 52.65
N PHE A 279 -4.93 4.34 51.92
CA PHE A 279 -4.91 4.37 50.50
C PHE A 279 -4.76 5.80 50.12
N SER A 280 -3.81 6.10 49.26
CA SER A 280 -3.69 7.44 48.72
C SER A 280 -3.24 8.43 49.76
N VAL A 281 -2.38 7.96 50.66
CA VAL A 281 -1.71 8.77 51.64
C VAL A 281 -0.19 8.62 51.40
N PRO A 282 0.49 9.77 51.21
CA PRO A 282 1.88 9.73 50.84
C PRO A 282 2.72 9.05 51.89
N ASN A 283 3.67 8.26 51.41
CA ASN A 283 4.50 7.44 52.24
C ASN A 283 5.96 7.88 52.12
N PRO A 284 6.51 8.44 53.19
CA PRO A 284 7.85 9.00 53.06
C PRO A 284 8.92 7.92 53.12
N ARG A 285 8.58 6.75 53.59
CA ARG A 285 9.54 5.67 53.52
C ARG A 285 9.82 5.35 52.06
N ALA A 286 8.77 5.25 51.26
CA ALA A 286 8.89 4.82 49.88
C ALA A 286 9.49 5.94 49.03
N GLN A 287 9.13 7.18 49.32
CA GLN A 287 9.77 8.29 48.69
C GLN A 287 11.26 8.26 48.94
N GLY A 288 11.62 8.00 50.17
CA GLY A 288 13.03 7.88 50.53
C GLY A 288 13.79 6.80 49.75
N VAL A 289 13.20 5.61 49.68
CA VAL A 289 13.80 4.53 48.93
C VAL A 289 14.00 4.89 47.46
N LEU A 290 12.92 5.40 46.84
CA LEU A 290 12.92 5.79 45.42
C LEU A 290 14.06 6.76 45.12
N ILE A 291 14.12 7.86 45.86
CA ILE A 291 15.11 8.88 45.63
C ILE A 291 16.54 8.34 45.87
N GLY A 292 16.69 7.51 46.90
CA GLY A 292 17.97 6.92 47.23
C GLY A 292 18.48 6.09 46.10
N GLU A 293 17.58 5.30 45.55
CA GLU A 293 17.89 4.45 44.42
C GLU A 293 18.25 5.29 43.20
N ALA A 294 17.41 6.25 42.86
CA ALA A 294 17.73 7.15 41.74
C ALA A 294 19.15 7.76 41.87
N LEU A 295 19.52 8.22 43.06
CA LEU A 295 20.84 8.77 43.30
C LEU A 295 21.95 7.74 43.06
N GLU A 296 21.70 6.52 43.49
CA GLU A 296 22.61 5.44 43.27
C GLU A 296 22.78 5.13 41.79
N ARG A 297 21.68 4.92 41.06
CA ARG A 297 21.78 4.64 39.63
C ARG A 297 22.48 5.77 38.87
N ALA A 298 22.32 7.00 39.34
CA ALA A 298 22.94 8.16 38.75
C ALA A 298 24.43 8.28 39.06
N GLY A 299 24.88 7.59 40.09
CA GLY A 299 26.23 7.81 40.58
C GLY A 299 26.44 9.16 41.23
N LEU A 300 25.43 9.65 41.90
CA LEU A 300 25.42 11.01 42.37
C LEU A 300 25.24 11.05 43.87
N ALA A 301 25.98 11.94 44.50
CA ALA A 301 25.87 12.18 45.92
C ALA A 301 25.05 13.41 46.08
N PRO A 302 24.29 13.47 47.17
CA PRO A 302 23.55 14.68 47.48
C PRO A 302 24.40 15.93 47.42
N ALA A 303 25.67 15.83 47.74
CA ALA A 303 26.53 17.01 47.74
C ALA A 303 26.69 17.63 46.33
N ASP A 304 26.52 16.79 45.32
CA ASP A 304 26.64 17.19 43.93
C ASP A 304 25.34 17.65 43.33
N LEU A 305 24.24 17.63 44.06
CA LEU A 305 22.96 17.95 43.49
C LEU A 305 22.72 19.43 43.46
N GLY A 306 22.47 20.01 42.30
CA GLY A 306 22.30 21.47 42.17
C GLY A 306 20.93 22.07 42.44
N TYR A 307 19.88 21.29 42.29
CA TYR A 307 18.51 21.79 42.41
C TYR A 307 17.57 20.63 42.50
N LEU A 308 16.50 20.83 43.27
CA LEU A 308 15.47 19.79 43.51
C LEU A 308 14.11 20.40 43.15
N GLU A 309 13.54 19.94 42.04
CA GLU A 309 12.23 20.36 41.58
C GLU A 309 11.30 19.40 42.23
N ALA A 310 10.60 19.93 43.22
CA ALA A 310 9.87 19.06 44.15
C ALA A 310 8.46 18.84 43.66
N HIS A 311 7.85 17.80 44.18
CA HIS A 311 6.45 17.58 43.94
C HIS A 311 5.63 18.78 44.35
N GLY A 312 5.76 19.24 45.57
CA GLY A 312 5.42 20.64 45.87
C GLY A 312 3.97 21.03 45.70
N THR A 313 3.11 20.19 46.25
CA THR A 313 1.69 20.20 46.06
C THR A 313 0.96 21.28 46.91
N GLY A 314 1.54 21.58 48.07
CA GLY A 314 1.05 22.63 48.93
C GLY A 314 -0.06 22.24 49.88
N THR A 315 -0.12 20.94 50.18
CA THR A 315 -0.99 20.39 51.22
C THR A 315 -0.24 20.34 52.53
N SER A 316 -0.98 20.34 53.62
CA SER A 316 -0.41 20.32 54.95
C SER A 316 0.11 18.91 55.27
N LEU A 317 -0.51 17.87 54.72
CA LEU A 317 0.01 16.53 54.95
C LEU A 317 1.24 16.33 54.06
N GLY A 318 1.09 16.67 52.78
CA GLY A 318 2.04 16.21 51.80
C GLY A 318 3.39 16.88 51.81
N ASP A 319 3.42 18.21 52.09
CA ASP A 319 4.65 18.96 51.98
C ASP A 319 5.67 18.52 53.02
N PRO A 320 5.27 18.40 54.31
CA PRO A 320 6.19 17.84 55.30
C PRO A 320 6.60 16.42 55.02
N VAL A 321 5.71 15.65 54.42
CA VAL A 321 6.06 14.29 54.05
C VAL A 321 7.14 14.27 52.99
N GLU A 322 7.07 15.18 52.02
CA GLU A 322 8.08 15.24 50.97
C GLU A 322 9.45 15.55 51.57
N ILE A 323 9.47 16.46 52.52
CA ILE A 323 10.73 16.78 53.13
C ILE A 323 11.29 15.59 53.95
N THR A 324 10.43 14.90 54.65
CA THR A 324 10.87 13.76 55.40
C THR A 324 11.41 12.68 54.49
N GLY A 325 10.79 12.47 53.33
CA GLY A 325 11.28 11.49 52.35
C GLY A 325 12.69 11.84 51.92
N LEU A 326 12.92 13.10 51.62
CA LEU A 326 14.21 13.57 51.19
C LEU A 326 15.25 13.33 52.26
N VAL A 327 14.96 13.73 53.49
CA VAL A 327 15.87 13.47 54.62
C VAL A 327 16.11 11.99 54.75
N ARG A 328 15.12 11.17 54.55
CA ARG A 328 15.35 9.74 54.60
C ARG A 328 16.27 9.26 53.49
N ALA A 329 16.20 9.88 52.32
CA ALA A 329 17.02 9.41 51.23
C ALA A 329 18.47 9.80 51.40
N PHE A 330 18.68 10.97 52.01
CA PHE A 330 20.03 11.51 52.31
C PHE A 330 20.70 10.99 53.60
N GLN A 331 19.99 10.13 54.31
CA GLN A 331 20.53 9.45 55.48
C GLN A 331 21.62 8.47 54.95
N GLY A 332 22.75 8.42 55.63
CA GLY A 332 23.86 7.59 55.14
C GLY A 332 24.73 8.31 54.13
N HIS A 333 24.68 9.63 54.15
CA HIS A 333 25.49 10.48 53.28
C HIS A 333 25.95 11.58 54.19
N ASP A 334 27.18 12.03 53.99
CA ASP A 334 27.75 13.16 54.72
C ASP A 334 27.30 14.45 54.04
N LEU A 335 26.57 15.28 54.78
CA LEU A 335 25.87 16.40 54.16
C LEU A 335 26.39 17.68 54.67
N THR A 336 27.69 17.74 54.95
CA THR A 336 28.23 18.90 55.66
C THR A 336 28.53 20.03 54.67
N GLY A 337 27.99 21.20 54.95
CA GLY A 337 28.16 22.35 54.05
C GLY A 337 27.40 22.23 52.74
N VAL A 338 26.44 21.31 52.69
CA VAL A 338 25.64 21.11 51.50
C VAL A 338 24.41 21.98 51.59
N ARG A 339 24.10 22.64 50.49
CA ARG A 339 22.99 23.55 50.45
C ARG A 339 22.34 23.47 49.08
N ILE A 340 21.09 23.01 49.04
CA ILE A 340 20.43 22.65 47.81
C ILE A 340 19.15 23.45 47.66
N PRO A 341 19.06 24.22 46.58
CA PRO A 341 17.83 24.97 46.37
C PRO A 341 16.70 24.09 45.89
N ILE A 342 15.50 24.39 46.38
CA ILE A 342 14.31 23.57 46.15
C ILE A 342 13.17 24.53 45.76
N GLY A 343 12.25 24.03 44.91
CA GLY A 343 11.13 24.83 44.40
C GLY A 343 10.16 23.94 43.67
N SER A 344 9.04 24.51 43.25
CA SER A 344 8.04 23.77 42.50
C SER A 344 7.33 24.64 41.52
N VAL A 345 7.33 24.19 40.27
CA VAL A 345 6.54 24.78 39.22
C VAL A 345 5.04 24.92 39.53
N LYS A 346 4.52 24.08 40.38
CA LYS A 346 3.12 24.13 40.72
C LYS A 346 2.76 25.47 41.40
N SER A 347 3.73 26.11 42.04
CA SER A 347 3.41 27.34 42.78
C SER A 347 3.03 28.45 41.83
N GLY A 348 3.43 28.34 40.58
CA GLY A 348 3.08 29.31 39.58
C GLY A 348 1.92 28.98 38.66
N ILE A 349 1.87 27.74 38.16
CA ILE A 349 0.78 27.33 37.26
C ILE A 349 -0.24 26.41 37.88
N GLY A 350 0.05 25.83 39.03
CA GLY A 350 -0.85 24.85 39.61
C GLY A 350 -0.42 23.42 39.38
N HIS A 351 -1.23 22.48 39.81
CA HIS A 351 -0.93 21.09 39.73
C HIS A 351 -1.49 20.57 38.41
N ALA A 352 -0.62 20.37 37.40
CA ALA A 352 -1.04 19.94 36.09
C ALA A 352 -1.31 18.44 35.97
N GLU A 353 -1.45 17.76 37.08
CA GLU A 353 -2.00 16.41 37.11
C GLU A 353 -1.18 15.51 36.25
N SER A 354 -1.70 14.94 35.19
CA SER A 354 -0.85 14.02 34.41
C SER A 354 0.33 14.69 33.69
N ALA A 355 0.26 16.00 33.52
CA ALA A 355 1.30 16.77 32.88
C ALA A 355 2.23 17.44 33.86
N ALA A 356 2.01 17.26 35.14
CA ALA A 356 2.83 17.84 36.22
C ALA A 356 4.32 17.60 36.07
N GLY A 357 4.67 16.35 35.81
CA GLY A 357 6.05 15.97 35.58
C GLY A 357 6.66 16.64 34.38
N MSE A 358 5.90 16.81 33.30
CA MSE A 358 6.37 17.55 32.13
C MSE A 358 6.60 19.02 32.42
O MSE A 358 7.61 19.56 31.98
CB MSE A 358 5.47 17.52 30.86
CG MSE A 358 5.50 16.20 30.11
SE MSE A 358 7.30 15.92 29.41
CE MSE A 358 7.61 14.07 29.96
N ALA A 359 5.66 19.69 33.10
CA ALA A 359 5.90 21.10 33.53
C ALA A 359 7.18 21.17 34.34
N ALA A 360 7.35 20.18 35.22
CA ALA A 360 8.44 20.20 36.18
C ALA A 360 9.77 20.04 35.42
N LEU A 361 9.76 19.06 34.53
CA LEU A 361 10.93 18.69 33.78
C LEU A 361 11.31 19.80 32.84
N THR A 362 10.33 20.43 32.23
CA THR A 362 10.56 21.50 31.31
C THR A 362 11.15 22.68 32.05
N LYS A 363 10.62 22.96 33.23
CA LYS A 363 11.19 24.02 34.03
C LYS A 363 12.66 23.80 34.30
N VAL A 364 13.07 22.59 34.59
CA VAL A 364 14.49 22.33 34.82
C VAL A 364 15.33 22.51 33.54
N LEU A 365 14.85 21.95 32.42
CA LEU A 365 15.58 22.12 31.19
C LEU A 365 15.81 23.58 30.89
N LEU A 366 14.83 24.43 31.10
CA LEU A 366 14.99 25.86 30.85
C LEU A 366 15.98 26.42 31.84
N GLN A 367 15.96 25.95 33.05
CA GLN A 367 16.95 26.44 34.02
C GLN A 367 18.37 26.12 33.49
N PHE A 368 18.59 24.88 33.06
CA PHE A 368 19.87 24.49 32.52
C PHE A 368 20.24 25.47 31.41
N ARG A 369 19.32 25.70 30.48
CA ARG A 369 19.65 26.49 29.31
C ARG A 369 20.04 27.94 29.67
N HIS A 370 19.25 28.59 30.50
CA HIS A 370 19.51 29.96 30.88
C HIS A 370 20.35 30.09 32.15
N GLN A 371 20.68 29.00 32.80
CA GLN A 371 21.58 29.04 33.96
C GLN A 371 21.09 29.98 35.05
N GLU A 372 19.79 29.87 35.33
CA GLU A 372 19.14 30.68 36.32
C GLU A 372 18.22 29.80 37.11
N LEU A 373 18.05 30.16 38.38
CA LEU A 373 17.03 29.55 39.22
C LEU A 373 15.93 30.54 39.41
N VAL A 374 14.71 30.10 39.12
CA VAL A 374 13.55 30.98 39.15
C VAL A 374 12.80 30.91 40.47
N PRO A 375 12.03 31.96 40.79
CA PRO A 375 11.19 31.99 41.97
C PRO A 375 10.17 30.87 42.03
N SER A 376 10.08 30.25 43.21
CA SER A 376 8.93 29.47 43.65
C SER A 376 7.98 30.39 44.45
N LEU A 377 6.69 30.40 44.14
CA LEU A 377 5.77 31.40 44.65
C LEU A 377 5.08 30.96 45.92
N HIS A 378 4.43 31.93 46.58
CA HIS A 378 3.56 31.69 47.72
C HIS A 378 4.20 31.09 48.95
N ALA A 379 5.49 31.26 49.16
CA ALA A 379 6.07 30.82 50.41
C ALA A 379 6.86 31.95 51.04
N GLU A 380 6.28 33.14 50.99
CA GLU A 380 6.89 34.30 51.63
C GLU A 380 7.18 33.95 53.07
N ARG A 381 6.24 33.24 53.70
CA ARG A 381 6.49 32.59 54.98
C ARG A 381 6.46 31.09 54.74
N LEU A 382 7.44 30.41 55.25
CA LEU A 382 7.52 28.99 55.06
C LEU A 382 6.52 28.27 55.86
N ASN A 383 6.21 27.07 55.44
CA ASN A 383 5.48 26.17 56.27
C ASN A 383 6.37 25.89 57.44
N PRO A 384 5.91 26.20 58.66
CA PRO A 384 6.73 26.06 59.85
C PRO A 384 6.87 24.64 60.31
N HIS A 385 6.06 23.71 59.80
CA HIS A 385 6.17 22.29 60.22
C HIS A 385 7.14 21.45 59.39
N LEU A 386 7.91 22.05 58.48
CA LEU A 386 8.85 21.27 57.65
C LEU A 386 10.20 21.13 58.30
N ASP A 387 10.56 22.20 59.04
CA ASP A 387 11.86 22.31 59.69
C ASP A 387 13.01 22.25 58.69
N LEU A 388 12.87 22.99 57.59
CA LEU A 388 13.85 22.98 56.49
C LEU A 388 15.29 23.26 56.90
N ASP A 389 15.44 24.06 57.93
CA ASP A 389 16.72 24.67 58.30
C ASP A 389 17.64 23.61 58.86
N ALA A 390 17.03 22.55 59.40
CA ALA A 390 17.73 21.33 59.77
C ALA A 390 18.19 20.48 58.56
N THR A 391 17.74 20.90 57.38
CA THR A 391 18.00 20.19 56.14
C THR A 391 18.85 21.08 55.23
N PRO A 392 19.36 20.48 54.16
CA PRO A 392 20.10 21.18 53.16
C PRO A 392 19.25 22.14 52.31
N PHE A 393 17.95 21.99 52.32
CA PHE A 393 17.11 22.61 51.30
C PHE A 393 16.76 24.03 51.64
N ARG A 394 16.79 24.91 50.67
CA ARG A 394 16.31 26.27 50.84
C ARG A 394 15.38 26.61 49.68
N LEU A 395 14.23 27.14 50.04
CA LEU A 395 13.25 27.46 49.08
C LEU A 395 13.84 28.56 48.23
N GLN A 396 13.75 28.41 46.93
CA GLN A 396 14.25 29.37 46.02
C GLN A 396 13.16 30.35 45.71
N ARG A 397 13.18 31.49 46.37
CA ARG A 397 12.12 32.46 46.26
C ARG A 397 12.45 33.58 45.34
N ASP A 398 13.71 33.68 44.92
CA ASP A 398 14.11 34.80 44.06
C ASP A 398 14.78 34.33 42.79
N LEU A 399 14.58 35.07 41.71
CA LEU A 399 15.37 34.87 40.51
C LEU A 399 16.85 35.01 40.87
N ALA A 400 17.68 34.09 40.38
CA ALA A 400 19.08 34.17 40.73
C ALA A 400 19.92 33.31 39.81
N PRO A 401 21.17 33.68 39.63
CA PRO A 401 21.98 32.93 38.65
C PRO A 401 22.20 31.56 39.21
N TRP A 402 22.31 30.57 38.36
CA TRP A 402 22.51 29.23 38.80
C TRP A 402 24.00 28.95 38.76
N THR A 403 24.66 29.31 39.84
CA THR A 403 26.08 29.14 39.99
C THR A 403 26.41 27.67 40.09
N PRO A 404 27.38 27.19 39.31
CA PRO A 404 27.71 25.78 39.32
C PRO A 404 28.59 25.40 40.49
N ARG A 405 28.71 24.12 40.72
CA ARG A 405 29.59 23.65 41.76
C ARG A 405 30.99 23.46 41.19
N VAL A 406 31.98 23.58 42.06
CA VAL A 406 33.37 23.41 41.66
C VAL A 406 33.87 22.01 41.99
N ASP A 407 35.01 21.62 41.43
CA ASP A 407 35.65 20.33 41.78
C ASP A 407 36.87 20.51 42.73
N ALA A 408 37.91 19.68 42.56
CA ALA A 408 39.18 19.87 43.28
C ALA A 408 40.01 20.99 42.64
N THR A 409 40.23 20.89 41.32
CA THR A 409 40.81 21.96 40.51
C THR A 409 40.07 23.30 40.62
N GLY A 410 38.90 23.30 41.29
CA GLY A 410 38.04 24.48 41.36
C GLY A 410 37.33 24.81 40.04
N ARG A 411 37.37 23.88 39.08
CA ARG A 411 36.64 23.98 37.81
C ARG A 411 35.14 23.78 38.00
N ALA A 412 34.35 24.49 37.18
CA ALA A 412 32.90 24.35 37.13
C ALA A 412 32.42 22.99 36.60
N LEU A 413 31.57 22.33 37.39
CA LEU A 413 30.90 21.08 37.01
C LEU A 413 29.58 21.30 36.34
N PRO A 414 29.16 20.35 35.48
CA PRO A 414 27.83 20.42 34.89
C PRO A 414 26.77 20.40 35.98
N ARG A 415 25.86 21.34 35.86
CA ARG A 415 24.79 21.46 36.76
C ARG A 415 23.96 20.20 36.75
N THR A 416 23.39 19.86 37.94
CA THR A 416 22.50 18.70 38.07
C THR A 416 21.17 19.06 38.75
N ALA A 417 20.14 18.28 38.45
CA ALA A 417 18.90 18.51 39.07
C ALA A 417 18.15 17.21 39.21
N ALA A 418 17.27 17.22 40.19
CA ALA A 418 16.47 16.08 40.47
C ALA A 418 15.03 16.52 40.55
N ILE A 419 14.14 15.68 40.06
CA ILE A 419 12.72 16.01 39.92
C ILE A 419 11.88 14.88 40.45
N SER A 420 10.92 15.24 41.30
CA SER A 420 9.99 14.29 41.92
C SER A 420 8.55 14.48 41.46
N ALA A 421 7.84 13.37 41.35
CA ALA A 421 6.44 13.37 41.15
C ALA A 421 5.82 12.16 41.85
N PHE A 422 4.85 12.45 42.73
CA PHE A 422 4.17 11.46 43.56
C PHE A 422 2.67 11.44 43.27
N GLY A 423 2.20 10.38 42.67
CA GLY A 423 0.80 10.27 42.35
C GLY A 423 0.02 10.05 43.63
N ALA A 424 -1.11 10.75 43.71
CA ALA A 424 -2.11 10.63 44.78
C ALA A 424 -2.38 9.18 45.17
N GLY A 425 -2.49 8.26 44.22
CA GLY A 425 -2.72 6.85 44.57
C GLY A 425 -1.51 6.07 45.01
N GLY A 426 -0.33 6.68 45.10
CA GLY A 426 0.86 5.94 45.53
C GLY A 426 1.99 5.70 44.52
N SER A 427 1.78 5.98 43.23
CA SER A 427 2.82 5.69 42.25
C SER A 427 3.77 6.85 42.19
N ASN A 428 5.04 6.58 42.47
CA ASN A 428 6.02 7.66 42.55
C ASN A 428 7.03 7.55 41.45
N ALA A 429 7.60 8.68 41.06
CA ALA A 429 8.64 8.67 40.07
C ALA A 429 9.63 9.74 40.42
N HIS A 430 10.92 9.45 40.20
CA HIS A 430 12.01 10.41 40.38
C HIS A 430 12.95 10.37 39.20
N VAL A 431 13.45 11.53 38.78
CA VAL A 431 14.48 11.61 37.74
C VAL A 431 15.61 12.61 38.02
N ILE A 432 16.84 12.16 37.74
CA ILE A 432 18.05 12.96 37.87
C ILE A 432 18.54 13.37 36.47
N LEU A 433 18.71 14.67 36.27
CA LEU A 433 19.25 15.20 35.02
C LEU A 433 20.59 15.94 35.18
N GLU A 434 21.35 15.99 34.10
CA GLU A 434 22.60 16.70 34.10
C GLU A 434 22.64 17.56 32.88
N GLU A 435 23.03 18.80 33.07
CA GLU A 435 23.29 19.77 32.02
C GLU A 435 24.31 19.21 31.05
N SER A 436 24.23 19.59 29.77
CA SER A 436 25.17 19.15 28.74
CA SER A 436 25.22 19.14 28.81
C SER A 436 26.09 20.28 28.30
N VAL A 437 27.39 19.99 28.27
CA VAL A 437 28.33 20.98 27.77
C VAL A 437 28.41 20.86 26.25
N PRO A 438 28.02 21.92 25.55
CA PRO A 438 27.99 21.77 24.09
C PRO A 438 29.36 21.38 23.47
N PRO A 439 29.34 20.57 22.41
CA PRO A 439 30.64 20.23 21.83
C PRO A 439 31.29 21.44 21.15
N THR A 440 32.58 21.34 20.89
CA THR A 440 33.29 22.40 20.21
C THR A 440 32.70 22.58 18.81
N GLN A 441 32.53 23.83 18.42
CA GLN A 441 31.74 24.18 17.26
C GLN A 441 32.64 24.26 16.01
N THR A 442 32.30 23.46 14.99
CA THR A 442 32.80 23.68 13.64
C THR A 442 32.47 25.14 13.22
N PRO A 443 33.17 25.67 12.22
CA PRO A 443 33.04 27.12 12.02
C PRO A 443 31.84 27.49 11.15
N ALA A 444 31.22 28.62 11.45
CA ALA A 444 29.97 28.99 10.80
C ALA A 444 30.15 29.35 9.34
N GLN A 445 29.10 29.08 8.58
CA GLN A 445 28.97 29.52 7.22
C GLN A 445 28.91 31.08 7.18
N GLU A 446 29.43 31.70 6.11
CA GLU A 446 29.42 33.16 5.95
C GLU A 446 28.24 33.57 5.07
N PRO A 447 27.76 34.80 5.23
CA PRO A 447 26.63 35.22 4.43
C PRO A 447 26.89 35.19 2.93
N PRO A 448 25.86 35.36 2.13
CA PRO A 448 24.50 35.39 2.60
C PRO A 448 23.95 33.99 2.90
N TYR A 449 22.72 33.98 3.42
CA TYR A 449 22.12 32.80 3.87
C TYR A 449 20.76 32.80 3.25
N VAL A 450 20.16 31.62 3.20
CA VAL A 450 18.79 31.52 2.73
C VAL A 450 17.91 31.23 3.91
N CYS A 451 16.81 31.96 4.01
CA CYS A 451 15.77 31.67 4.95
C CYS A 451 14.66 31.01 4.20
N ALA A 452 14.38 29.77 4.52
CA ALA A 452 13.40 29.05 3.74
C ALA A 452 12.22 28.63 4.65
N LEU A 453 11.02 29.07 4.31
CA LEU A 453 9.83 28.82 5.11
C LEU A 453 8.82 28.11 4.26
N SER A 454 8.00 27.27 4.88
CA SER A 454 6.87 26.69 4.19
C SER A 454 5.73 26.48 5.12
N ALA A 455 4.55 26.31 4.54
CA ALA A 455 3.40 26.05 5.31
C ALA A 455 2.41 25.30 4.42
N ARG A 456 1.38 24.75 5.05
CA ARG A 456 0.40 23.96 4.32
C ARG A 456 -0.49 24.78 3.41
N ASP A 457 -0.72 26.05 3.74
CA ASP A 457 -1.39 26.95 2.83
C ASP A 457 -0.94 28.42 3.02
N ALA A 458 -1.50 29.34 2.24
CA ALA A 458 -1.06 30.72 2.23
C ALA A 458 -1.30 31.49 3.51
N GLU A 459 -2.44 31.26 4.12
CA GLU A 459 -2.81 31.88 5.40
C GLU A 459 -1.86 31.34 6.50
N ARG A 460 -1.53 30.05 6.49
CA ARG A 460 -0.57 29.51 7.46
C ARG A 460 0.83 30.08 7.28
N LEU A 461 1.24 30.28 6.03
CA LEU A 461 2.58 30.80 5.70
C LEU A 461 2.67 32.23 6.10
N HIS A 462 1.56 32.91 5.95
CA HIS A 462 1.45 34.26 6.39
C HIS A 462 1.69 34.39 7.89
N GLU A 463 0.97 33.62 8.70
CA GLU A 463 1.14 33.67 10.16
C GLU A 463 2.60 33.35 10.50
N HIS A 464 3.09 32.28 9.91
CA HIS A 464 4.46 31.81 10.13
C HIS A 464 5.52 32.89 9.87
N THR A 465 5.39 33.56 8.72
CA THR A 465 6.27 34.66 8.35
C THR A 465 6.21 35.75 9.39
N ALA A 466 5.03 36.13 9.79
CA ALA A 466 4.84 37.14 10.86
C ALA A 466 5.48 36.73 12.20
N ARG A 467 5.26 35.48 12.61
CA ARG A 467 5.78 35.03 13.89
C ARG A 467 7.29 35.03 13.86
N THR A 468 7.85 34.65 12.73
CA THR A 468 9.29 34.58 12.56
C THR A 468 9.96 35.97 12.58
N ALA A 469 9.43 36.90 11.80
CA ALA A 469 9.92 38.27 11.90
C ALA A 469 9.81 38.79 13.31
N GLU A 470 8.73 38.48 13.99
CA GLU A 470 8.55 39.03 15.33
C GLU A 470 9.59 38.46 16.31
N PHE A 471 9.87 37.18 16.19
CA PHE A 471 10.88 36.56 16.99
C PHE A 471 12.25 37.16 16.74
N LEU A 472 12.53 37.46 15.47
CA LEU A 472 13.84 37.98 15.04
C LEU A 472 14.08 39.41 15.46
N ARG A 473 13.01 40.17 15.67
CA ARG A 473 13.10 41.50 16.27
C ARG A 473 13.20 41.43 17.81
N GLY A 474 12.71 40.34 18.40
CA GLY A 474 12.66 40.19 19.86
C GLY A 474 13.78 39.33 20.38
N GLU A 475 13.47 38.17 20.94
CA GLU A 475 14.49 37.37 21.59
C GLU A 475 15.41 36.73 20.58
N GLY A 476 15.02 36.71 19.32
CA GLY A 476 15.86 36.12 18.31
C GLY A 476 16.90 37.01 17.67
N ARG A 477 16.94 38.28 18.07
CA ARG A 477 17.90 39.23 17.49
C ARG A 477 19.33 38.82 17.75
N ALA A 478 19.58 38.15 18.86
CA ALA A 478 20.91 37.66 19.19
C ALA A 478 21.28 36.34 18.54
N ALA A 479 20.36 35.73 17.80
CA ALA A 479 20.60 34.44 17.20
C ALA A 479 21.63 34.55 16.08
N HIS A 480 22.54 33.58 16.01
CA HIS A 480 23.44 33.57 14.88
C HIS A 480 22.61 33.32 13.61
N PRO A 481 22.86 34.13 12.56
CA PRO A 481 22.03 34.07 11.35
C PRO A 481 22.11 32.72 10.63
N ALA A 482 23.30 32.14 10.64
CA ALA A 482 23.51 30.83 10.05
C ALA A 482 22.70 29.78 10.76
N ALA A 483 22.51 29.97 12.05
CA ALA A 483 21.75 29.06 12.90
C ALA A 483 20.25 29.15 12.58
N VAL A 484 19.80 30.36 12.27
CA VAL A 484 18.41 30.56 11.96
C VAL A 484 18.13 29.85 10.65
N ALA A 485 18.99 30.07 9.67
CA ALA A 485 18.92 29.39 8.38
C ALA A 485 18.93 27.89 8.55
N ALA A 486 19.93 27.39 9.28
CA ALA A 486 20.11 25.94 9.42
C ALA A 486 18.87 25.30 10.02
N THR A 487 18.33 25.93 11.06
CA THR A 487 17.24 25.36 11.81
C THR A 487 16.02 25.16 10.92
N LEU A 488 15.71 26.17 10.13
CA LEU A 488 14.54 26.14 9.27
C LEU A 488 14.64 25.09 8.18
N LEU A 489 15.87 24.81 7.76
CA LEU A 489 16.09 23.79 6.75
C LEU A 489 15.99 22.36 7.29
N THR A 490 15.82 22.20 8.59
CA THR A 490 15.55 20.87 9.10
C THR A 490 14.06 20.60 9.15
N ARG A 491 13.26 21.62 8.92
CA ARG A 491 11.85 21.45 9.01
C ARG A 491 11.22 20.83 7.80
N GLU A 492 10.18 20.06 8.02
CA GLU A 492 9.54 19.34 6.93
C GLU A 492 8.98 20.32 5.89
N PRO A 493 9.32 20.11 4.61
CA PRO A 493 8.89 21.04 3.54
C PRO A 493 7.45 20.79 3.17
N MSE A 494 6.70 21.86 3.03
CA MSE A 494 5.32 21.79 2.65
C MSE A 494 5.03 22.57 1.35
O MSE A 494 5.94 23.07 0.68
CB MSE A 494 4.63 22.43 3.83
CG MSE A 494 4.80 21.65 5.13
SE MSE A 494 3.58 22.44 6.48
CE MSE A 494 4.39 21.55 8.02
N ALA A 495 3.78 22.65 0.98
CA ALA A 495 3.40 23.09 -0.35
C ALA A 495 3.72 24.54 -0.61
N HIS A 496 3.32 25.46 0.29
CA HIS A 496 3.46 26.92 0.02
C HIS A 496 4.79 27.44 0.48
N ARG A 497 5.54 28.10 -0.38
CA ARG A 497 6.95 28.39 -0.13
C ARG A 497 7.21 29.85 -0.06
N LEU A 498 8.11 30.20 0.83
CA LEU A 498 8.70 31.55 0.88
C LEU A 498 10.25 31.45 1.07
N ALA A 499 11.02 32.32 0.45
CA ALA A 499 12.46 32.37 0.72
C ALA A 499 13.04 33.75 0.61
N VAL A 500 14.09 33.97 1.40
CA VAL A 500 14.79 35.23 1.40
C VAL A 500 16.26 34.94 1.52
N VAL A 501 17.04 35.72 0.79
CA VAL A 501 18.48 35.75 0.94
C VAL A 501 18.80 36.86 1.89
N PHE A 502 19.66 36.57 2.87
CA PHE A 502 19.90 37.54 3.95
C PHE A 502 21.29 37.37 4.54
N ASP A 503 21.77 38.47 5.10
CA ASP A 503 23.11 38.52 5.68
C ASP A 503 23.06 38.46 7.19
N THR A 504 22.03 39.10 7.74
CA THR A 504 21.86 39.23 9.15
C THR A 504 20.39 39.10 9.53
N VAL A 505 20.19 38.95 10.81
CA VAL A 505 18.88 38.87 11.37
C VAL A 505 18.02 40.13 11.12
N ASP A 506 18.59 41.31 11.30
CA ASP A 506 17.81 42.55 11.11
C ASP A 506 17.37 42.66 9.66
N ASP A 507 18.29 42.37 8.76
CA ASP A 507 17.92 42.54 7.39
C ASP A 507 16.96 41.47 6.94
N LEU A 508 16.98 40.31 7.57
CA LEU A 508 15.94 39.30 7.34
C LEU A 508 14.56 39.79 7.83
N ALA A 509 14.49 40.25 9.08
CA ALA A 509 13.24 40.82 9.59
C ALA A 509 12.70 41.92 8.67
N ASP A 510 13.56 42.85 8.27
CA ASP A 510 13.19 43.87 7.32
C ASP A 510 12.49 43.28 6.09
N ALA A 511 13.06 42.24 5.51
CA ALA A 511 12.51 41.72 4.30
C ALA A 511 11.15 41.07 4.56
N LEU A 512 11.07 40.28 5.63
CA LEU A 512 9.83 39.63 6.02
C LEU A 512 8.78 40.67 6.34
N GLU A 513 9.12 41.72 7.04
CA GLU A 513 8.12 42.78 7.32
C GLU A 513 7.64 43.45 6.02
N ASP A 514 8.55 43.73 5.10
CA ASP A 514 8.19 44.30 3.81
C ASP A 514 7.20 43.39 3.10
N HIS A 515 7.45 42.09 3.13
CA HIS A 515 6.62 41.17 2.38
C HIS A 515 5.24 41.20 2.99
N LEU A 516 5.17 41.28 4.32
CA LEU A 516 3.87 41.30 5.03
C LEU A 516 3.06 42.57 4.76
N ALA A 517 3.74 43.67 4.50
CA ALA A 517 3.09 44.95 4.25
C ALA A 517 2.63 45.11 2.79
N GLY A 518 2.89 44.13 1.94
CA GLY A 518 2.63 44.28 0.51
C GLY A 518 3.82 44.86 -0.26
N ALA A 519 4.58 45.77 0.36
CA ALA A 519 5.77 46.34 -0.29
C ALA A 519 6.52 45.25 -1.03
N GLY A 520 6.69 44.10 -0.36
CA GLY A 520 7.44 43.00 -0.94
C GLY A 520 8.87 43.47 -1.18
N SER A 521 9.70 42.55 -1.64
CA SER A 521 11.10 42.85 -1.81
C SER A 521 11.58 42.13 -3.02
N PRO A 522 12.48 42.74 -3.79
CA PRO A 522 13.30 41.87 -4.65
C PRO A 522 13.95 40.67 -3.92
N ARG A 523 14.19 40.81 -2.62
CA ARG A 523 14.79 39.73 -1.84
C ARG A 523 13.85 38.61 -1.42
N VAL A 524 12.53 38.80 -1.49
CA VAL A 524 11.59 37.75 -1.12
C VAL A 524 10.98 37.00 -2.30
N LEU A 525 11.16 35.69 -2.36
CA LEU A 525 10.55 34.90 -3.42
C LEU A 525 9.44 34.01 -2.84
N THR A 526 8.39 33.77 -3.61
CA THR A 526 7.32 32.94 -3.14
C THR A 526 6.89 32.02 -4.25
N GLY A 527 6.35 30.87 -3.90
CA GLY A 527 5.79 29.99 -4.91
C GLY A 527 5.14 28.80 -4.28
N THR A 528 4.56 27.96 -5.11
CA THR A 528 4.00 26.71 -4.62
C THR A 528 4.86 25.61 -5.18
N ALA A 529 5.09 24.58 -4.38
CA ALA A 529 5.97 23.53 -4.82
C ALA A 529 5.30 22.82 -5.98
N SER A 530 6.12 22.20 -6.83
CA SER A 530 5.61 21.28 -7.85
C SER A 530 6.50 20.05 -7.85
N ARG A 531 5.98 18.95 -8.38
CA ARG A 531 6.68 17.70 -8.30
C ARG A 531 7.85 17.73 -9.25
N ALA A 532 8.91 17.05 -8.84
CA ALA A 532 10.20 16.99 -9.53
C ALA A 532 10.80 18.35 -9.92
N ALA A 533 10.49 19.38 -9.14
CA ALA A 533 11.07 20.69 -9.41
C ALA A 533 12.58 20.64 -9.54
N ALA A 534 13.10 21.50 -10.41
CA ALA A 534 14.51 21.51 -10.63
C ALA A 534 15.24 21.82 -9.33
N PRO A 535 16.17 20.97 -8.98
CA PRO A 535 16.99 21.26 -7.81
C PRO A 535 17.91 22.49 -8.02
N ALA A 536 18.65 22.86 -7.00
CA ALA A 536 19.50 24.00 -7.06
C ALA A 536 20.58 23.78 -8.08
N THR A 537 20.94 24.87 -8.78
CA THR A 537 21.97 24.85 -9.79
C THR A 537 23.34 25.03 -9.20
N GLY A 538 23.40 25.27 -7.90
CA GLY A 538 24.66 25.42 -7.15
C GLY A 538 24.33 25.79 -5.71
N ARG A 539 25.34 26.01 -4.88
CA ARG A 539 25.15 26.22 -3.43
C ARG A 539 25.15 27.70 -2.96
N THR A 540 25.23 28.67 -3.85
CA THR A 540 24.98 30.03 -3.41
C THR A 540 23.52 30.19 -2.97
N ALA A 541 23.30 31.15 -2.10
CA ALA A 541 22.01 31.36 -1.48
C ALA A 541 20.89 31.68 -2.49
N PRO A 542 21.13 32.61 -3.43
CA PRO A 542 20.11 32.90 -4.47
C PRO A 542 19.69 31.64 -5.21
N GLU A 543 20.64 30.77 -5.48
CA GLU A 543 20.37 29.50 -6.15
C GLU A 543 19.54 28.60 -5.29
N LEU A 544 19.87 28.59 -4.01
CA LEU A 544 19.13 27.82 -2.99
C LEU A 544 17.74 28.36 -2.80
N ALA A 545 17.66 29.66 -2.62
CA ALA A 545 16.39 30.35 -2.58
C ALA A 545 15.51 30.00 -3.75
N GLU A 546 16.01 30.08 -4.96
CA GLU A 546 15.14 29.84 -6.12
C GLU A 546 14.63 28.38 -6.19
N ALA A 547 15.45 27.44 -5.74
CA ALA A 547 15.10 26.05 -5.79
C ALA A 547 14.01 25.72 -4.78
N TRP A 548 14.16 26.27 -3.57
CA TRP A 548 13.18 26.13 -2.53
C TRP A 548 11.82 26.59 -2.97
N VAL A 549 11.74 27.77 -3.53
CA VAL A 549 10.48 28.28 -4.08
C VAL A 549 9.87 27.42 -5.20
N ARG A 550 10.71 26.81 -6.04
CA ARG A 550 10.15 25.82 -7.03
C ARG A 550 9.56 24.55 -6.41
N GLY A 551 10.01 24.21 -5.21
CA GLY A 551 9.55 23.02 -4.49
C GLY A 551 10.64 22.05 -4.12
N ALA A 552 11.88 22.42 -4.37
CA ALA A 552 13.01 21.52 -4.19
C ALA A 552 13.53 21.59 -2.78
N PRO A 553 13.94 20.44 -2.22
CA PRO A 553 14.46 20.51 -0.86
C PRO A 553 15.84 21.08 -0.88
N VAL A 554 16.22 21.78 0.18
CA VAL A 554 17.57 22.22 0.38
C VAL A 554 18.09 21.62 1.70
N ALA A 555 19.28 21.05 1.67
CA ALA A 555 19.87 20.44 2.86
C ALA A 555 20.41 21.49 3.78
N ALA A 556 20.23 21.28 5.07
CA ALA A 556 20.92 22.08 6.10
C ALA A 556 22.38 21.61 6.19
N PRO A 557 23.31 22.57 6.32
CA PRO A 557 24.73 22.22 6.44
C PRO A 557 25.05 21.36 7.67
N ALA A 558 25.88 20.35 7.46
CA ALA A 558 26.37 19.50 8.53
C ALA A 558 26.96 20.31 9.69
N GLY A 559 26.61 19.91 10.90
CA GLY A 559 27.22 20.42 12.11
C GLY A 559 26.77 21.79 12.57
N ALA A 560 25.93 22.45 11.77
CA ALA A 560 25.51 23.81 12.05
C ALA A 560 24.90 23.90 13.45
N PRO A 561 25.16 25.01 14.13
CA PRO A 561 24.54 25.18 15.43
C PRO A 561 23.04 25.46 15.27
N ARG A 562 22.22 25.10 16.27
CA ARG A 562 20.80 25.38 16.16
C ARG A 562 20.19 26.28 17.24
N VAL A 563 19.08 26.87 16.88
CA VAL A 563 18.31 27.72 17.77
C VAL A 563 16.85 27.32 17.67
N SER A 564 16.12 27.73 18.67
CA SER A 564 14.71 27.42 18.78
C SER A 564 13.98 28.57 18.17
N LEU A 565 13.19 28.30 17.15
CA LEU A 565 12.38 29.31 16.49
C LEU A 565 10.93 28.94 16.65
N PRO A 566 10.04 29.93 16.54
CA PRO A 566 8.64 29.61 16.71
C PRO A 566 8.20 28.43 15.85
N GLY A 567 7.36 27.58 16.42
CA GLY A 567 6.91 26.38 15.73
C GLY A 567 5.76 26.66 14.77
N TYR A 568 5.39 25.64 13.98
CA TYR A 568 4.36 25.79 12.97
C TYR A 568 3.06 26.34 13.57
N PRO A 569 2.51 27.41 12.99
CA PRO A 569 1.26 27.97 13.46
C PRO A 569 0.02 27.25 12.93
N PHE A 570 -0.39 26.21 13.62
CA PHE A 570 -1.55 25.43 13.21
C PHE A 570 -2.77 26.32 13.06
N ALA A 571 -3.68 25.87 12.21
CA ALA A 571 -4.93 26.56 12.08
C ALA A 571 -5.65 26.34 13.36
N ARG A 572 -6.47 27.32 13.75
CA ARG A 572 -7.31 27.20 14.95
C ARG A 572 -8.81 27.12 14.65
N GLU A 573 -9.26 25.95 14.16
CA GLU A 573 -10.68 25.63 14.01
C GLU A 573 -11.21 25.13 15.34
N ARG A 574 -12.33 25.71 15.77
CA ARG A 574 -13.06 25.28 16.93
C ARG A 574 -13.55 23.84 16.70
N CYS A 575 -13.24 22.94 17.60
CA CYS A 575 -13.78 21.58 17.58
C CYS A 575 -14.22 21.24 19.00
N TRP A 576 -15.50 21.51 19.24
CA TRP A 576 -16.07 21.28 20.55
C TRP A 576 -17.44 20.74 20.26
N LEU A 577 -17.83 19.66 20.93
CA LEU A 577 -19.12 19.08 20.66
C LEU A 577 -20.13 20.19 20.89
N PRO A 578 -21.20 20.24 20.07
CA PRO A 578 -22.22 21.28 20.35
C PRO A 578 -22.99 21.00 21.61
N ALA A 579 -23.19 19.70 21.89
CA ALA A 579 -23.83 19.25 23.14
C ALA A 579 -23.07 19.67 24.43
N ALA A 580 -21.77 19.95 24.32
CA ALA A 580 -21.02 20.40 25.50
C ALA A 580 -21.40 21.78 25.99
N ASP A 581 -22.15 22.52 25.18
CA ASP A 581 -22.60 23.85 25.57
C ASP A 581 -23.68 23.83 26.66
N ALA A 582 -24.23 22.65 26.96
CA ALA A 582 -25.13 22.48 28.11
C ALA A 582 -24.62 23.11 29.43
N VAL A 583 -23.33 22.92 29.74
CA VAL A 583 -22.74 23.28 31.03
C VAL A 583 -22.41 24.77 31.15
N ARG A 584 -22.66 25.52 30.09
CA ARG A 584 -22.54 26.97 30.09
C ARG A 584 -23.90 27.68 30.18
N ARG A 585 -23.87 29.01 30.18
CA ARG A 585 -25.08 29.84 30.18
C ARG A 585 -25.82 29.73 28.84
N ASP B 7 19.53 -15.26 33.20
CA ASP B 7 18.40 -15.72 34.09
C ASP B 7 17.00 -15.24 33.62
N GLU B 8 16.18 -16.22 33.23
CA GLU B 8 14.94 -15.96 32.50
C GLU B 8 13.72 -15.88 33.41
N ILE B 9 12.70 -15.20 32.92
CA ILE B 9 11.54 -14.88 33.72
C ILE B 9 10.55 -16.02 33.61
N VAL B 10 9.95 -16.41 34.71
CA VAL B 10 8.95 -17.50 34.70
C VAL B 10 7.58 -17.08 35.23
N ILE B 11 6.56 -17.76 34.74
CA ILE B 11 5.23 -17.61 35.32
C ILE B 11 5.06 -18.69 36.40
N VAL B 12 4.63 -18.27 37.59
CA VAL B 12 4.45 -19.21 38.70
C VAL B 12 3.02 -19.28 39.22
N GLY B 13 2.14 -18.48 38.65
CA GLY B 13 0.74 -18.55 39.05
C GLY B 13 -0.14 -17.80 38.09
N VAL B 14 -1.38 -18.24 37.96
CA VAL B 14 -2.32 -17.53 37.12
C VAL B 14 -3.69 -17.63 37.75
N ALA B 15 -4.54 -16.64 37.45
CA ALA B 15 -5.92 -16.63 37.87
C ALA B 15 -6.77 -15.78 36.94
N GLY B 16 -8.07 -16.00 36.93
CA GLY B 16 -8.96 -15.26 36.08
C GLY B 16 -10.42 -15.72 36.15
N ARG B 17 -11.26 -14.91 35.52
CA ARG B 17 -12.65 -15.20 35.26
C ARG B 17 -12.91 -14.82 33.81
N TYR B 18 -13.70 -15.63 33.11
CA TYR B 18 -14.02 -15.35 31.71
C TYR B 18 -15.50 -15.68 31.59
N PRO B 19 -16.11 -15.48 30.43
CA PRO B 19 -17.52 -15.79 30.34
C PRO B 19 -17.84 -17.29 30.56
N LYS B 20 -18.80 -17.57 31.45
CA LYS B 20 -19.25 -18.93 31.78
C LYS B 20 -18.16 -19.66 32.53
N ALA B 21 -17.21 -18.92 33.10
CA ALA B 21 -16.15 -19.51 33.89
C ALA B 21 -15.72 -18.60 35.03
N ASP B 22 -16.03 -18.99 36.26
CA ASP B 22 -15.65 -18.18 37.42
C ASP B 22 -14.38 -18.63 38.09
N ASP B 23 -13.73 -19.65 37.53
CA ASP B 23 -12.37 -19.99 37.91
C ASP B 23 -11.72 -20.71 36.76
N LEU B 24 -10.43 -20.96 36.88
CA LEU B 24 -9.67 -21.55 35.78
C LEU B 24 -9.97 -23.04 35.53
N ALA B 25 -10.50 -23.75 36.52
CA ALA B 25 -10.92 -25.14 36.28
C ALA B 25 -12.16 -25.17 35.39
N GLN B 26 -13.12 -24.30 35.65
CA GLN B 26 -14.26 -24.20 34.74
C GLN B 26 -13.79 -23.74 33.36
N PHE B 27 -12.94 -22.73 33.30
CA PHE B 27 -12.39 -22.27 32.02
C PHE B 27 -11.81 -23.42 31.20
N TRP B 28 -10.97 -24.24 31.83
CA TRP B 28 -10.43 -25.41 31.15
C TRP B 28 -11.48 -26.37 30.61
N ARG B 29 -12.50 -26.67 31.41
CA ARG B 29 -13.59 -27.54 30.94
C ARG B 29 -14.25 -26.92 29.71
N ASN B 30 -14.54 -25.62 29.74
CA ASN B 30 -15.27 -25.03 28.62
C ASN B 30 -14.49 -25.17 27.32
N LEU B 31 -13.17 -25.00 27.44
CA LEU B 31 -12.28 -25.06 26.29
C LEU B 31 -12.15 -26.47 25.67
N ARG B 32 -12.21 -27.49 26.52
CA ARG B 32 -12.17 -28.88 26.03
C ARG B 32 -13.45 -29.22 25.31
N GLU B 33 -14.59 -28.85 25.90
CA GLU B 33 -15.91 -29.14 25.33
C GLU B 33 -16.19 -28.34 24.09
N GLY B 34 -15.26 -27.43 23.74
CA GLY B 34 -15.44 -26.54 22.63
C GLY B 34 -16.66 -25.67 22.82
N ARG B 35 -16.85 -25.21 24.07
CA ARG B 35 -18.07 -24.51 24.41
C ARG B 35 -18.11 -23.12 23.81
N ASP B 36 -19.27 -22.77 23.25
CA ASP B 36 -19.54 -21.43 22.80
C ASP B 36 -20.19 -20.67 23.97
N CYS B 37 -19.43 -19.75 24.56
CA CYS B 37 -19.86 -19.10 25.79
C CYS B 37 -20.58 -17.78 25.57
N VAL B 38 -20.94 -17.45 24.33
CA VAL B 38 -21.54 -16.15 24.06
C VAL B 38 -23.06 -16.22 24.16
N GLU B 39 -23.63 -15.24 24.84
CA GLU B 39 -25.06 -15.11 25.07
C GLU B 39 -25.49 -13.69 24.70
N GLU B 40 -26.78 -13.44 24.79
CA GLU B 40 -27.31 -12.10 24.57
C GLU B 40 -27.10 -11.28 25.82
N VAL B 41 -27.26 -9.97 25.66
CA VAL B 41 -27.13 -8.99 26.75
C VAL B 41 -28.11 -9.38 27.84
N PRO B 42 -27.61 -9.68 29.05
CA PRO B 42 -28.54 -9.99 30.16
C PRO B 42 -29.47 -8.84 30.48
N GLU B 43 -30.62 -9.18 31.06
CA GLU B 43 -31.68 -8.20 31.30
C GLU B 43 -31.20 -7.24 32.38
N ASP B 44 -30.42 -7.79 33.32
CA ASP B 44 -29.97 -7.04 34.49
C ASP B 44 -28.83 -6.04 34.25
N ARG B 45 -28.23 -6.01 33.06
CA ARG B 45 -27.24 -4.97 32.77
C ARG B 45 -27.91 -3.72 32.27
N TRP B 46 -28.71 -3.88 31.23
CA TRP B 46 -29.40 -2.77 30.62
C TRP B 46 -30.47 -3.33 29.69
N ASP B 47 -31.50 -2.53 29.45
CA ASP B 47 -32.57 -2.91 28.57
C ASP B 47 -32.10 -2.73 27.13
N HIS B 48 -31.51 -3.78 26.56
CA HIS B 48 -30.90 -3.63 25.23
C HIS B 48 -31.88 -3.25 24.11
N GLY B 49 -33.18 -3.41 24.35
CA GLY B 49 -34.21 -3.01 23.39
C GLY B 49 -34.18 -1.52 23.10
N ARG B 50 -33.93 -0.70 24.13
CA ARG B 50 -33.80 0.75 23.91
C ARG B 50 -32.79 1.11 22.82
N PHE B 51 -31.84 0.21 22.59
CA PHE B 51 -30.65 0.52 21.84
C PHE B 51 -30.52 -0.32 20.58
N TYR B 52 -31.32 -1.37 20.48
CA TYR B 52 -31.19 -2.38 19.42
C TYR B 52 -32.02 -2.11 18.16
N ASP B 53 -31.49 -2.58 17.04
CA ASP B 53 -32.13 -2.50 15.76
C ASP B 53 -31.20 -3.20 14.78
N PRO B 54 -31.61 -4.37 14.25
CA PRO B 54 -30.74 -5.23 13.45
C PRO B 54 -30.35 -4.63 12.12
N ASP B 55 -31.05 -3.59 11.67
CA ASP B 55 -30.67 -2.87 10.47
C ASP B 55 -29.43 -2.01 10.78
N PRO B 56 -28.23 -2.45 10.33
CA PRO B 56 -27.01 -1.66 10.61
C PRO B 56 -27.02 -0.23 10.05
N ALA B 57 -27.90 0.03 9.09
CA ALA B 57 -28.09 1.36 8.52
C ALA B 57 -28.87 2.28 9.47
N ALA B 58 -29.52 1.72 10.50
CA ALA B 58 -30.30 2.52 11.43
C ALA B 58 -29.37 3.45 12.21
N PRO B 59 -29.77 4.74 12.35
CA PRO B 59 -28.94 5.72 13.07
C PRO B 59 -29.16 5.72 14.58
N GLY B 60 -28.08 5.83 15.34
CA GLY B 60 -28.16 5.94 16.81
C GLY B 60 -28.56 4.68 17.53
N LYS B 61 -28.18 3.55 16.95
CA LYS B 61 -28.67 2.23 17.40
C LYS B 61 -27.58 1.20 17.18
N ALA B 62 -27.75 0.06 17.84
CA ALA B 62 -26.79 -1.04 17.74
C ALA B 62 -27.46 -2.19 17.02
N TYR B 63 -26.72 -2.83 16.12
CA TYR B 63 -27.22 -3.92 15.32
C TYR B 63 -26.86 -5.32 15.85
N ALA B 64 -26.25 -5.37 17.04
CA ALA B 64 -25.83 -6.63 17.67
C ALA B 64 -26.23 -6.57 19.13
N LYS B 65 -26.40 -7.74 19.73
CA LYS B 65 -27.01 -7.84 21.05
C LYS B 65 -26.39 -8.94 21.89
N TRP B 66 -25.15 -9.31 21.58
CA TRP B 66 -24.43 -10.40 22.22
C TRP B 66 -23.13 -9.96 22.93
N GLY B 67 -22.62 -10.85 23.76
CA GLY B 67 -21.40 -10.64 24.50
C GLY B 67 -21.01 -11.90 25.23
N GLY B 68 -19.73 -11.97 25.60
CA GLY B 68 -19.24 -12.95 26.56
C GLY B 68 -19.36 -12.28 27.91
N TRP B 69 -20.28 -12.76 28.75
CA TRP B 69 -20.58 -12.08 30.01
C TRP B 69 -20.00 -12.80 31.21
N LEU B 70 -19.41 -12.05 32.15
CA LEU B 70 -19.13 -12.64 33.46
C LEU B 70 -20.44 -12.94 34.18
N SER B 71 -20.45 -13.95 35.04
CA SER B 71 -21.69 -14.29 35.82
C SER B 71 -22.35 -13.13 36.62
N ASP B 72 -21.60 -12.47 37.49
CA ASP B 72 -22.06 -11.28 38.21
C ASP B 72 -20.94 -10.25 38.35
N VAL B 73 -21.10 -9.08 37.74
CA VAL B 73 -20.07 -8.08 37.82
C VAL B 73 -20.29 -7.04 38.90
N ALA B 74 -21.42 -7.11 39.60
CA ALA B 74 -21.75 -6.17 40.67
C ALA B 74 -21.34 -6.65 42.05
N SER B 75 -21.06 -7.95 42.15
CA SER B 75 -20.76 -8.55 43.44
C SER B 75 -19.36 -8.24 43.85
N PHE B 76 -19.18 -7.87 45.12
CA PHE B 76 -17.87 -7.54 45.68
C PHE B 76 -17.93 -7.74 47.19
N ASP B 77 -16.76 -7.95 47.79
CA ASP B 77 -16.60 -8.03 49.24
C ASP B 77 -15.83 -6.80 49.80
N PRO B 78 -16.50 -5.65 49.90
CA PRO B 78 -15.76 -4.44 50.28
C PRO B 78 -15.12 -4.46 51.67
N MSE B 79 -15.68 -5.23 52.59
CA MSE B 79 -15.13 -5.26 53.93
C MSE B 79 -13.74 -5.82 53.79
O MSE B 79 -12.75 -5.15 54.13
CB MSE B 79 -16.06 -6.00 54.89
CG MSE B 79 -16.74 -5.07 55.91
SE MSE B 79 -15.88 -5.22 57.70
CE MSE B 79 -13.99 -5.03 57.15
N PHE B 80 -13.65 -7.04 53.23
CA PHE B 80 -12.39 -7.71 52.94
C PHE B 80 -11.33 -6.74 52.43
N PHE B 81 -11.70 -5.88 51.51
CA PHE B 81 -10.71 -5.04 50.89
C PHE B 81 -10.61 -3.64 51.51
N ARG B 82 -11.01 -3.51 52.78
CA ARG B 82 -10.78 -2.28 53.57
C ARG B 82 -11.54 -1.09 52.98
N MSE B 83 -12.78 -1.31 52.59
CA MSE B 83 -13.49 -0.32 51.80
C MSE B 83 -14.91 -0.27 52.23
O MSE B 83 -15.49 -1.28 52.65
CB MSE B 83 -13.29 -0.78 50.34
CG MSE B 83 -14.00 0.08 49.29
SE MSE B 83 -13.65 -0.40 47.39
CE MSE B 83 -11.94 -1.35 47.56
N SER B 84 -15.53 0.92 52.14
CA SER B 84 -16.96 1.00 52.47
C SER B 84 -17.80 0.56 51.29
N GLN B 85 -19.09 0.35 51.57
CA GLN B 85 -20.10 -0.01 50.56
C GLN B 85 -20.25 1.10 49.57
N VAL B 86 -20.26 2.32 50.06
CA VAL B 86 -20.59 3.45 49.26
C VAL B 86 -19.46 3.76 48.30
N GLU B 87 -18.24 3.63 48.80
CA GLU B 87 -17.09 3.68 47.93
C GLU B 87 -17.22 2.60 46.84
N ALA B 88 -17.57 1.37 47.24
CA ALA B 88 -17.59 0.26 46.30
C ALA B 88 -18.65 0.49 45.21
N GLU B 89 -19.74 1.13 45.57
CA GLU B 89 -20.80 1.42 44.62
C GLU B 89 -20.33 2.46 43.63
N HIS B 90 -19.44 3.34 44.06
CA HIS B 90 -18.96 4.40 43.18
C HIS B 90 -17.70 4.12 42.33
N ILE B 91 -17.07 2.97 42.49
CA ILE B 91 -15.94 2.65 41.63
C ILE B 91 -16.17 1.56 40.58
N ASP B 92 -15.47 1.67 39.45
CA ASP B 92 -15.63 0.75 38.32
C ASP B 92 -15.44 -0.69 38.81
N PRO B 93 -16.30 -1.63 38.37
CA PRO B 93 -16.17 -3.05 38.77
C PRO B 93 -14.86 -3.64 38.31
N GLN B 94 -14.22 -2.99 37.36
CA GLN B 94 -12.91 -3.42 36.91
C GLN B 94 -11.89 -3.37 38.02
N GLU B 95 -12.02 -2.36 38.89
CA GLU B 95 -11.13 -2.11 40.02
C GLU B 95 -11.45 -3.15 41.07
N ARG B 96 -12.73 -3.42 41.21
CA ARG B 96 -13.17 -4.38 42.17
C ARG B 96 -12.80 -5.82 41.83
N ILE B 97 -13.13 -6.23 40.63
CA ILE B 97 -12.85 -7.63 40.21
C ILE B 97 -11.35 -7.95 40.14
N PHE B 98 -10.57 -7.04 39.55
CA PHE B 98 -9.14 -7.26 39.52
C PHE B 98 -8.55 -7.43 40.92
N LEU B 99 -9.15 -6.82 41.94
CA LEU B 99 -8.70 -7.13 43.32
C LEU B 99 -8.83 -8.62 43.67
N GLN B 100 -9.96 -9.21 43.32
CA GLN B 100 -10.27 -10.59 43.63
C GLN B 100 -9.38 -11.48 42.77
N THR B 101 -9.28 -11.11 41.50
CA THR B 101 -8.42 -11.86 40.64
C THR B 101 -7.02 -11.98 41.26
N VAL B 102 -6.46 -10.88 41.74
CA VAL B 102 -5.08 -10.88 42.20
C VAL B 102 -4.98 -11.62 43.53
N TRP B 103 -6.05 -11.62 44.32
CA TRP B 103 -6.07 -12.46 45.52
C TRP B 103 -5.97 -13.93 45.11
N HIS B 104 -6.78 -14.33 44.14
CA HIS B 104 -6.71 -15.69 43.62
C HIS B 104 -5.40 -16.00 42.91
N LEU B 105 -4.71 -15.00 42.38
CA LEU B 105 -3.43 -15.28 41.77
C LEU B 105 -2.46 -15.75 42.84
N LEU B 106 -2.47 -15.08 43.99
CA LEU B 106 -1.52 -15.41 45.02
C LEU B 106 -1.83 -16.79 45.56
N GLU B 107 -3.11 -17.15 45.63
CA GLU B 107 -3.46 -18.49 46.10
C GLU B 107 -3.06 -19.56 45.10
N ASP B 108 -3.15 -19.31 43.79
CA ASP B 108 -2.68 -20.29 42.81
C ASP B 108 -1.16 -20.41 42.83
N ALA B 109 -0.47 -19.33 43.08
CA ALA B 109 0.98 -19.39 43.18
C ALA B 109 1.39 -20.06 44.49
N GLY B 110 0.48 -20.11 45.44
CA GLY B 110 0.82 -20.63 46.74
C GLY B 110 1.65 -19.70 47.58
N THR B 111 1.30 -18.43 47.55
CA THR B 111 2.06 -17.48 48.31
C THR B 111 1.07 -16.59 49.01
N SER B 112 1.56 -15.47 49.49
CA SER B 112 0.72 -14.56 50.27
C SER B 112 1.40 -13.18 50.35
N ARG B 113 0.63 -12.21 50.78
CA ARG B 113 1.18 -10.92 51.07
C ARG B 113 2.42 -11.06 51.95
N ALA B 114 2.35 -11.88 52.98
CA ALA B 114 3.46 -11.92 53.92
C ALA B 114 4.70 -12.58 53.30
N ALA B 115 4.54 -13.65 52.56
CA ALA B 115 5.71 -14.31 51.93
C ALA B 115 6.35 -13.33 50.93
N LEU B 116 5.51 -12.58 50.23
CA LEU B 116 5.97 -11.58 49.26
C LEU B 116 6.43 -10.27 49.88
N SER B 117 6.35 -10.14 51.20
CA SER B 117 6.68 -8.87 51.83
C SER B 117 8.17 -8.55 51.78
N LYS B 118 9.03 -9.55 51.59
CA LYS B 118 10.47 -9.29 51.63
C LYS B 118 11.08 -9.25 50.24
N VAL B 119 10.27 -9.46 49.22
CA VAL B 119 10.67 -9.14 47.87
C VAL B 119 9.94 -7.89 47.43
N ARG B 120 10.45 -7.27 46.40
CA ARG B 120 9.84 -6.06 45.87
C ARG B 120 8.91 -6.46 44.73
N THR B 121 7.60 -6.24 44.90
CA THR B 121 6.60 -6.68 43.92
C THR B 121 5.98 -5.49 43.20
N GLY B 122 5.92 -5.56 41.86
CA GLY B 122 5.33 -4.55 41.03
C GLY B 122 3.99 -5.02 40.45
N VAL B 123 3.20 -4.10 39.93
CA VAL B 123 1.88 -4.37 39.41
C VAL B 123 1.72 -3.65 38.07
N PHE B 124 1.37 -4.38 37.02
CA PHE B 124 1.18 -3.84 35.67
C PHE B 124 -0.14 -4.37 35.15
N VAL B 125 -1.09 -3.49 34.85
CA VAL B 125 -2.41 -3.96 34.43
C VAL B 125 -2.96 -3.19 33.20
N GLY B 126 -3.54 -3.93 32.26
CA GLY B 126 -4.05 -3.33 31.05
C GLY B 126 -5.53 -3.10 31.10
N LEU B 127 -5.96 -1.91 30.67
CA LEU B 127 -7.38 -1.56 30.57
C LEU B 127 -7.58 -0.74 29.33
N MSE B 128 -8.78 -0.77 28.74
CA MSE B 128 -9.07 0.07 27.53
C MSE B 128 -10.38 0.83 27.59
O MSE B 128 -10.59 1.81 26.86
CB MSE B 128 -8.88 -0.69 26.20
CG MSE B 128 -9.96 -1.71 25.87
SE MSE B 128 -9.78 -2.39 24.00
CE MSE B 128 -10.37 -0.80 22.97
N TYR B 129 -11.24 0.45 28.50
CA TYR B 129 -12.47 1.19 28.67
C TYR B 129 -12.65 1.55 30.11
N GLY B 130 -13.26 2.70 30.35
CA GLY B 130 -13.67 3.11 31.68
C GLY B 130 -15.09 3.64 31.69
N HIS B 131 -16.06 2.80 31.39
CA HIS B 131 -17.43 3.27 31.18
C HIS B 131 -18.32 3.46 32.41
N TYR B 132 -18.04 2.75 33.47
CA TYR B 132 -18.81 2.91 34.68
C TYR B 132 -18.96 4.40 35.03
N GLN B 133 -17.93 5.19 34.79
CA GLN B 133 -17.94 6.59 35.18
C GLN B 133 -18.99 7.41 34.46
N LEU B 134 -19.70 6.83 33.51
CA LEU B 134 -20.66 7.57 32.77
C LEU B 134 -21.91 7.62 33.63
N TYR B 135 -22.02 6.68 34.55
CA TYR B 135 -23.18 6.63 35.43
C TYR B 135 -23.06 7.76 36.44
N GLY B 136 -24.17 8.49 36.63
CA GLY B 136 -24.34 9.37 37.78
C GLY B 136 -23.81 10.76 37.55
N VAL B 137 -23.50 11.05 36.31
CA VAL B 137 -22.91 12.32 35.95
C VAL B 137 -23.96 13.40 36.10
N GLU B 138 -25.15 13.16 35.58
CA GLU B 138 -26.24 14.10 35.74
C GLU B 138 -26.53 14.38 37.21
N GLU B 139 -26.53 13.37 38.06
CA GLU B 139 -26.84 13.56 39.47
C GLU B 139 -25.74 14.36 40.17
N ALA B 140 -24.50 13.98 39.93
CA ALA B 140 -23.39 14.63 40.60
C ALA B 140 -23.27 16.11 40.23
N LEU B 141 -23.53 16.44 38.97
CA LEU B 141 -23.59 17.83 38.53
C LEU B 141 -24.76 18.60 39.18
N ARG B 142 -25.86 17.90 39.44
CA ARG B 142 -27.01 18.55 40.01
C ARG B 142 -26.80 18.70 41.50
N GLY B 143 -25.88 17.92 42.07
CA GLY B 143 -25.57 18.05 43.46
C GLY B 143 -26.24 16.99 44.31
N THR B 144 -26.99 16.08 43.70
CA THR B 144 -27.74 15.10 44.49
C THR B 144 -27.05 13.77 44.65
N GLY B 145 -25.90 13.61 43.99
CA GLY B 145 -25.13 12.37 44.05
C GLY B 145 -23.66 12.69 44.06
N ALA B 146 -22.87 11.64 44.22
CA ALA B 146 -21.44 11.73 44.12
C ALA B 146 -21.02 11.06 42.83
N ALA B 147 -19.89 11.51 42.27
CA ALA B 147 -19.39 10.97 41.01
C ALA B 147 -18.84 9.58 41.17
N THR B 148 -19.00 8.78 40.11
CA THR B 148 -18.34 7.50 40.01
C THR B 148 -16.97 7.67 39.37
N SER B 149 -16.08 6.72 39.62
CA SER B 149 -14.75 6.79 39.06
C SER B 149 -14.41 5.54 38.26
N SER B 150 -13.57 5.72 37.27
CA SER B 150 -13.01 4.62 36.49
C SER B 150 -11.50 4.85 36.27
N SER B 151 -10.89 5.61 37.15
CA SER B 151 -9.46 5.77 37.06
C SER B 151 -8.68 4.44 36.77
N TYR B 152 -7.96 4.41 35.68
CA TYR B 152 -7.13 3.26 35.37
C TYR B 152 -6.08 3.01 36.43
N ALA B 153 -5.40 4.10 36.78
CA ALA B 153 -4.33 4.03 37.75
C ALA B 153 -4.86 3.43 39.06
N SER B 154 -6.11 3.72 39.37
CA SER B 154 -6.72 3.20 40.59
C SER B 154 -6.76 1.71 40.64
N VAL B 155 -6.92 1.09 39.49
CA VAL B 155 -6.89 -0.34 39.47
C VAL B 155 -5.56 -0.86 39.94
N ALA B 156 -4.48 -0.32 39.44
CA ALA B 156 -3.18 -0.77 39.87
C ALA B 156 -2.87 -0.36 41.32
N ASN B 157 -3.20 0.88 41.66
CA ASN B 157 -2.78 1.48 42.90
C ASN B 157 -3.52 0.83 44.06
N ARG B 158 -4.80 0.54 43.88
CA ARG B 158 -5.50 -0.15 44.95
C ARG B 158 -4.97 -1.56 45.18
N VAL B 159 -4.61 -2.29 44.13
CA VAL B 159 -3.91 -3.56 44.32
C VAL B 159 -2.62 -3.34 45.11
N SER B 160 -1.77 -2.44 44.66
CA SER B 160 -0.47 -2.22 45.30
C SER B 160 -0.63 -1.85 46.77
N TYR B 161 -1.72 -1.14 47.06
CA TYR B 161 -2.01 -0.72 48.42
C TYR B 161 -2.38 -1.90 49.27
N PHE B 162 -3.45 -2.58 48.89
CA PHE B 162 -3.92 -3.74 49.63
C PHE B 162 -2.87 -4.83 49.84
N PHE B 163 -2.18 -5.19 48.78
CA PHE B 163 -1.23 -6.28 48.84
C PHE B 163 0.16 -5.89 49.32
N ASP B 164 0.38 -4.60 49.60
CA ASP B 164 1.69 -4.09 50.04
C ASP B 164 2.80 -4.40 49.01
N PHE B 165 2.50 -4.15 47.76
CA PHE B 165 3.46 -4.20 46.67
C PHE B 165 4.05 -2.79 46.46
N ASP B 166 5.35 -2.62 46.65
CA ASP B 166 6.00 -1.29 46.58
C ASP B 166 6.99 -1.13 45.37
N GLY B 167 6.87 -2.02 44.42
CA GLY B 167 7.48 -1.83 43.13
C GLY B 167 6.58 -0.94 42.30
N PRO B 168 6.80 -0.88 40.98
CA PRO B 168 6.01 -0.05 40.10
C PRO B 168 4.56 -0.42 40.16
N SER B 169 3.70 0.56 39.97
CA SER B 169 2.27 0.35 39.99
C SER B 169 1.71 1.15 38.82
N ILE B 170 1.40 0.46 37.74
CA ILE B 170 1.17 1.10 36.48
C ILE B 170 0.01 0.53 35.75
N ALA B 171 -0.87 1.41 35.29
CA ALA B 171 -1.97 1.02 34.45
C ALA B 171 -1.66 1.49 33.04
N LEU B 172 -1.89 0.63 32.04
CA LEU B 172 -1.66 0.99 30.65
C LEU B 172 -2.78 0.66 29.68
N ASP B 173 -2.93 1.49 28.66
CA ASP B 173 -3.92 1.18 27.61
C ASP B 173 -3.19 1.09 26.28
N THR B 174 -3.18 -0.09 25.68
CA THR B 174 -2.80 -0.22 24.26
C THR B 174 -3.92 -0.89 23.49
N MSE B 175 -5.17 -0.70 23.97
CA MSE B 175 -6.35 -1.38 23.43
C MSE B 175 -6.20 -2.88 23.58
O MSE B 175 -5.73 -3.36 24.62
CB MSE B 175 -6.69 -0.91 22.03
CG MSE B 175 -6.71 0.60 21.99
SE MSE B 175 -7.62 1.26 20.36
CE MSE B 175 -7.17 3.20 20.47
N CYS B 176 -6.56 -3.63 22.54
CA CYS B 176 -6.70 -5.10 22.60
C CYS B 176 -5.46 -5.81 23.06
N SER B 177 -4.32 -5.17 22.92
CA SER B 177 -3.06 -5.78 23.31
C SER B 177 -2.61 -5.43 24.75
N SER B 178 -3.44 -4.66 25.48
CA SER B 178 -3.03 -4.10 26.77
C SER B 178 -2.44 -5.12 27.74
N SER B 179 -3.11 -6.24 27.92
CA SER B 179 -2.60 -7.38 28.70
C SER B 179 -1.22 -7.86 28.36
N LEU B 180 -0.93 -8.01 27.09
CA LEU B 180 0.41 -8.50 26.75
C LEU B 180 1.46 -7.41 26.84
N THR B 181 1.06 -6.17 26.56
CA THR B 181 1.94 -5.03 26.80
C THR B 181 2.32 -5.02 28.30
N ALA B 182 1.33 -5.27 29.16
CA ALA B 182 1.58 -5.24 30.59
C ALA B 182 2.57 -6.35 30.94
N LEU B 183 2.38 -7.52 30.36
CA LEU B 183 3.34 -8.61 30.60
C LEU B 183 4.72 -8.22 30.13
N HIS B 184 4.79 -7.64 28.95
CA HIS B 184 6.07 -7.14 28.41
C HIS B 184 6.77 -6.29 29.45
N LEU B 185 6.11 -5.23 29.89
CA LEU B 185 6.71 -4.27 30.81
C LEU B 185 7.05 -4.87 32.15
N ALA B 186 6.24 -5.84 32.57
CA ALA B 186 6.51 -6.51 33.83
C ALA B 186 7.82 -7.32 33.73
N CYS B 187 7.99 -8.05 32.64
CA CYS B 187 9.24 -8.77 32.46
C CYS B 187 10.43 -7.82 32.44
N ARG B 188 10.30 -6.66 31.78
CA ARG B 188 11.38 -5.73 31.71
C ARG B 188 11.66 -5.15 33.02
N ALA B 189 10.62 -4.87 33.78
CA ALA B 189 10.81 -4.31 35.10
C ALA B 189 11.67 -5.24 35.97
N ILE B 190 11.46 -6.54 35.84
CA ILE B 190 12.26 -7.50 36.58
C ILE B 190 13.70 -7.60 36.10
N ARG B 191 13.90 -7.77 34.81
CA ARG B 191 15.25 -7.79 34.23
C ARG B 191 16.03 -6.54 34.66
N ASP B 192 15.42 -5.37 34.62
CA ASP B 192 16.10 -4.12 34.95
C ASP B 192 16.23 -3.80 36.45
N GLY B 193 15.63 -4.60 37.32
CA GLY B 193 15.73 -4.35 38.75
C GLY B 193 14.74 -3.36 39.36
N ASP B 194 13.63 -3.06 38.67
CA ASP B 194 12.60 -2.20 39.29
C ASP B 194 11.86 -3.00 40.35
N CYS B 195 11.82 -4.31 40.17
CA CYS B 195 11.15 -5.19 41.11
C CYS B 195 11.67 -6.58 40.90
N GLU B 196 11.38 -7.48 41.82
CA GLU B 196 11.81 -8.89 41.68
C GLU B 196 10.64 -9.80 41.36
N VAL B 197 9.41 -9.37 41.62
CA VAL B 197 8.24 -10.16 41.30
C VAL B 197 7.26 -9.22 40.71
N ALA B 198 6.41 -9.71 39.82
CA ALA B 198 5.43 -8.82 39.24
C ALA B 198 4.11 -9.50 38.94
N VAL B 199 3.03 -8.79 39.24
CA VAL B 199 1.70 -9.16 38.81
C VAL B 199 1.54 -8.49 37.52
N ALA B 200 1.17 -9.23 36.49
CA ALA B 200 0.87 -8.63 35.17
C ALA B 200 -0.51 -9.11 34.79
N GLY B 201 -1.41 -8.19 34.46
CA GLY B 201 -2.77 -8.58 34.15
C GLY B 201 -3.53 -7.66 33.22
N GLY B 202 -4.85 -7.89 33.18
CA GLY B 202 -5.76 -7.10 32.39
C GLY B 202 -7.19 -7.44 32.75
N VAL B 203 -8.05 -6.46 32.59
CA VAL B 203 -9.43 -6.56 33.00
C VAL B 203 -10.30 -5.76 32.03
N ASN B 204 -11.51 -6.22 31.80
CA ASN B 204 -12.47 -5.49 30.97
C ASN B 204 -13.89 -5.90 31.38
N VAL B 205 -14.72 -4.90 31.68
CA VAL B 205 -16.14 -5.13 32.03
C VAL B 205 -17.03 -4.22 31.21
N SER B 206 -18.13 -4.75 30.70
CA SER B 206 -19.04 -4.03 29.84
C SER B 206 -20.17 -3.55 30.70
N SER B 207 -19.98 -2.43 31.34
CA SER B 207 -20.96 -2.02 32.31
C SER B 207 -21.97 -1.02 31.74
N HIS B 208 -21.81 -0.61 30.49
CA HIS B 208 -22.60 0.51 29.97
C HIS B 208 -22.96 0.31 28.49
N PRO B 209 -24.22 0.51 28.12
CA PRO B 209 -24.61 0.31 26.72
C PRO B 209 -23.87 1.18 25.69
N LEU B 210 -23.46 2.40 26.08
CA LEU B 210 -22.77 3.35 25.15
C LEU B 210 -21.66 2.68 24.32
N LYS B 211 -20.94 1.76 24.89
CA LYS B 211 -19.93 0.98 24.17
C LYS B 211 -20.44 0.26 22.93
N TYR B 212 -21.62 -0.35 23.07
CA TYR B 212 -22.26 -1.05 21.96
C TYR B 212 -22.65 -0.04 20.86
N LEU B 213 -23.16 1.13 21.21
CA LEU B 213 -23.43 2.16 20.21
C LEU B 213 -22.15 2.59 19.50
N GLN B 214 -21.10 2.78 20.27
CA GLN B 214 -19.79 3.10 19.73
C GLN B 214 -19.34 2.03 18.77
N LEU B 215 -19.33 0.78 19.20
CA LEU B 215 -18.73 -0.24 18.35
C LEU B 215 -19.55 -0.50 17.06
N ALA B 216 -20.88 -0.32 17.16
CA ALA B 216 -21.78 -0.48 16.02
C ALA B 216 -21.56 0.64 15.04
N LYS B 217 -21.56 1.88 15.54
CA LYS B 217 -21.26 2.99 14.66
C LYS B 217 -19.97 2.77 13.84
N GLY B 218 -18.95 2.12 14.40
CA GLY B 218 -17.74 1.84 13.62
C GLY B 218 -17.86 0.59 12.78
N GLY B 219 -19.00 -0.10 12.80
CA GLY B 219 -19.13 -1.36 12.06
C GLY B 219 -18.17 -2.44 12.56
N PHE B 220 -17.87 -2.41 13.87
CA PHE B 220 -16.85 -3.28 14.44
C PHE B 220 -17.43 -4.58 14.87
N LEU B 221 -18.72 -4.56 15.20
CA LEU B 221 -19.42 -5.71 15.78
C LEU B 221 -19.82 -6.67 14.72
N SER B 222 -19.59 -7.96 14.93
CA SER B 222 -20.17 -8.97 14.06
C SER B 222 -21.72 -8.95 14.13
N THR B 223 -22.35 -9.45 13.07
CA THR B 223 -23.81 -9.42 12.88
C THR B 223 -24.50 -10.63 13.52
N ASP B 224 -23.76 -11.74 13.61
CA ASP B 224 -24.18 -12.91 14.39
C ASP B 224 -23.59 -13.02 15.83
N GLY B 225 -22.82 -12.03 16.27
CA GLY B 225 -22.30 -12.03 17.64
C GLY B 225 -21.28 -13.13 17.95
N ARG B 226 -20.49 -13.49 16.96
CA ARG B 226 -19.41 -14.43 17.17
C ARG B 226 -18.08 -13.85 16.64
N CYS B 227 -16.99 -14.50 17.07
CA CYS B 227 -15.68 -14.29 16.48
C CYS B 227 -15.38 -15.58 15.75
N ARG B 228 -15.60 -15.54 14.44
CA ARG B 228 -15.30 -16.67 13.58
C ARG B 228 -13.82 -16.59 13.25
N SER B 229 -12.99 -16.92 14.23
CA SER B 229 -11.55 -16.82 14.10
C SER B 229 -11.08 -17.70 12.95
N PHE B 230 -10.73 -17.05 11.85
CA PHE B 230 -10.30 -17.68 10.58
C PHE B 230 -11.40 -18.44 9.84
N GLY B 231 -12.64 -18.19 10.24
CA GLY B 231 -13.78 -18.84 9.62
C GLY B 231 -14.40 -18.00 8.52
N GLU B 232 -15.22 -18.66 7.70
CA GLU B 232 -15.99 -17.99 6.68
C GLU B 232 -17.17 -17.21 7.26
N GLY B 233 -17.46 -16.04 6.68
CA GLY B 233 -18.63 -15.22 7.03
C GLY B 233 -18.49 -14.38 8.30
N GLY B 234 -17.25 -14.18 8.74
CA GLY B 234 -16.98 -13.40 9.94
C GLY B 234 -16.92 -11.96 9.51
N ASP B 235 -17.77 -11.12 10.11
CA ASP B 235 -17.85 -9.71 9.67
C ASP B 235 -17.63 -8.71 10.84
N GLY B 236 -16.78 -9.13 11.78
CA GLY B 236 -16.58 -8.43 13.03
C GLY B 236 -16.34 -9.37 14.21
N TYR B 237 -16.38 -8.79 15.42
CA TYR B 237 -16.16 -9.55 16.64
C TYR B 237 -17.28 -9.29 17.61
N VAL B 238 -17.24 -9.99 18.72
CA VAL B 238 -18.22 -9.80 19.77
C VAL B 238 -17.46 -9.43 21.03
N PRO B 239 -17.89 -8.34 21.67
CA PRO B 239 -17.19 -7.88 22.89
C PRO B 239 -17.33 -8.88 24.02
N ALA B 240 -16.30 -9.04 24.83
CA ALA B 240 -16.34 -10.00 25.92
C ALA B 240 -15.67 -9.42 27.17
N GLU B 241 -16.15 -9.85 28.33
CA GLU B 241 -15.62 -9.41 29.61
C GLU B 241 -14.67 -10.42 30.17
N GLY B 242 -13.87 -9.99 31.13
CA GLY B 242 -12.78 -10.83 31.59
C GLY B 242 -11.88 -10.15 32.56
N SER B 243 -11.11 -10.95 33.28
CA SER B 243 -10.10 -10.42 34.21
C SER B 243 -9.12 -11.51 34.51
N GLY B 244 -7.86 -11.25 34.27
CA GLY B 244 -6.84 -12.24 34.55
C GLY B 244 -5.56 -11.63 34.97
N ALA B 245 -4.71 -12.47 35.55
CA ALA B 245 -3.38 -12.01 35.88
C ALA B 245 -2.48 -13.17 36.04
N VAL B 246 -1.21 -12.94 35.87
CA VAL B 246 -0.21 -13.95 36.11
C VAL B 246 0.79 -13.39 37.09
N LEU B 247 1.49 -14.27 37.81
CA LEU B 247 2.59 -13.88 38.70
C LEU B 247 3.97 -14.24 38.09
N LEU B 248 4.87 -13.27 38.04
CA LEU B 248 6.17 -13.43 37.38
C LEU B 248 7.36 -13.31 38.35
N LYS B 249 8.41 -14.07 38.09
CA LYS B 249 9.52 -14.22 39.02
C LYS B 249 10.74 -14.57 38.17
N ARG B 250 11.95 -14.45 38.69
CA ARG B 250 13.09 -15.09 38.03
C ARG B 250 13.07 -16.61 38.20
N ARG B 251 13.70 -17.34 37.26
CA ARG B 251 13.79 -18.81 37.35
C ARG B 251 14.52 -19.21 38.65
N SER B 252 15.63 -18.54 38.93
CA SER B 252 16.40 -18.80 40.12
C SER B 252 15.57 -18.70 41.36
N ALA B 253 14.94 -17.56 41.57
CA ALA B 253 14.13 -17.35 42.78
C ALA B 253 12.98 -18.34 42.91
N ALA B 254 12.35 -18.71 41.78
CA ALA B 254 11.31 -19.73 41.77
C ALA B 254 11.82 -21.08 42.24
N GLU B 255 12.94 -21.52 41.66
CA GLU B 255 13.61 -22.74 42.10
C GLU B 255 13.80 -22.72 43.61
N ALA B 256 14.53 -21.71 44.09
CA ALA B 256 14.81 -21.55 45.53
C ALA B 256 13.58 -21.52 46.45
N ASP B 257 12.47 -20.96 46.00
CA ASP B 257 11.23 -20.98 46.77
C ASP B 257 10.36 -22.23 46.53
N GLY B 258 10.86 -23.18 45.74
CA GLY B 258 10.10 -24.36 45.38
C GLY B 258 8.74 -24.08 44.74
N ASP B 259 8.64 -23.00 43.96
CA ASP B 259 7.40 -22.66 43.26
C ASP B 259 7.14 -23.65 42.12
N ARG B 260 5.87 -23.79 41.76
CA ARG B 260 5.49 -24.52 40.57
C ARG B 260 5.56 -23.58 39.38
N VAL B 261 6.46 -23.86 38.45
CA VAL B 261 6.62 -23.03 37.25
C VAL B 261 5.65 -23.50 36.17
N LEU B 262 4.80 -22.63 35.68
CA LEU B 262 3.81 -23.01 34.67
C LEU B 262 4.33 -22.81 33.25
N ALA B 263 5.32 -21.95 33.07
CA ALA B 263 5.77 -21.54 31.75
C ALA B 263 7.03 -20.70 31.88
N VAL B 264 7.96 -20.84 30.91
CA VAL B 264 9.13 -19.98 30.87
C VAL B 264 8.88 -18.91 29.81
N VAL B 265 9.01 -17.65 30.20
CA VAL B 265 8.90 -16.53 29.27
C VAL B 265 10.18 -16.40 28.44
N ARG B 266 10.13 -16.89 27.18
CA ARG B 266 11.31 -16.88 26.32
C ARG B 266 11.53 -15.49 25.76
N SER B 267 10.46 -14.88 25.26
CA SER B 267 10.53 -13.50 24.78
C SER B 267 9.20 -12.75 24.83
N THR B 268 9.30 -11.43 24.99
CA THR B 268 8.13 -10.57 24.77
C THR B 268 8.57 -9.55 23.75
N ALA B 269 7.62 -8.97 23.01
CA ALA B 269 7.91 -7.85 22.11
C ALA B 269 6.70 -6.98 21.87
N VAL B 270 6.91 -5.68 21.70
CA VAL B 270 5.83 -4.76 21.38
C VAL B 270 6.28 -3.78 20.30
N ASN B 271 5.35 -3.31 19.48
CA ASN B 271 5.62 -2.24 18.52
C ASN B 271 4.31 -1.65 18.03
N HIS B 272 4.35 -0.87 16.94
CA HIS B 272 3.12 -0.26 16.42
C HIS B 272 3.17 -0.29 14.90
N GLY B 273 2.01 -0.17 14.28
CA GLY B 273 1.93 -0.22 12.83
C GLY B 273 2.53 0.95 12.07
N GLY B 274 2.81 2.06 12.73
CA GLY B 274 3.18 3.30 12.06
C GLY B 274 2.07 3.79 11.17
N ALA B 275 2.46 4.42 10.08
CA ALA B 275 1.55 4.90 9.02
C ALA B 275 1.33 3.87 7.94
N GLY B 276 0.44 2.92 8.19
CA GLY B 276 0.04 1.98 7.14
C GLY B 276 -1.22 2.45 6.43
N LYS B 277 -2.10 1.53 6.09
CA LYS B 277 -3.19 1.83 5.18
C LYS B 277 -4.09 2.93 5.67
N GLY B 278 -4.31 2.96 6.97
CA GLY B 278 -5.03 4.04 7.59
C GLY B 278 -4.96 3.89 9.08
N PHE B 279 -5.58 4.82 9.79
CA PHE B 279 -5.55 4.80 11.21
C PHE B 279 -6.35 3.63 11.68
N SER B 280 -5.77 2.82 12.56
CA SER B 280 -6.52 1.68 13.13
C SER B 280 -6.88 0.59 12.09
N VAL B 281 -6.10 0.54 11.01
CA VAL B 281 -6.07 -0.61 10.10
C VAL B 281 -4.77 -1.40 10.34
N PRO B 282 -4.87 -2.72 10.40
CA PRO B 282 -3.67 -3.48 10.78
C PRO B 282 -2.59 -3.55 9.72
N ASN B 283 -1.34 -3.50 10.17
CA ASN B 283 -0.21 -3.44 9.25
C ASN B 283 0.51 -4.78 9.27
N PRO B 284 0.41 -5.52 8.18
CA PRO B 284 1.00 -6.85 8.10
C PRO B 284 2.51 -6.83 8.32
N ARG B 285 3.14 -5.77 7.82
CA ARG B 285 4.59 -5.57 7.91
C ARG B 285 5.08 -5.45 9.37
N ALA B 286 4.37 -4.63 10.14
CA ALA B 286 4.72 -4.36 11.50
C ALA B 286 4.56 -5.63 12.26
N GLN B 287 3.49 -6.35 11.96
CA GLN B 287 3.27 -7.63 12.61
C GLN B 287 4.44 -8.57 12.36
N GLY B 288 4.90 -8.63 11.12
CA GLY B 288 6.00 -9.50 10.80
C GLY B 288 7.31 -9.16 11.51
N VAL B 289 7.62 -7.87 11.64
CA VAL B 289 8.87 -7.47 12.25
C VAL B 289 8.84 -7.84 13.74
N LEU B 290 7.70 -7.52 14.37
CA LEU B 290 7.40 -7.88 15.75
C LEU B 290 7.61 -9.34 16.02
N ILE B 291 6.90 -10.19 15.29
CA ILE B 291 6.95 -11.61 15.54
C ILE B 291 8.33 -12.15 15.21
N GLY B 292 8.94 -11.63 14.17
CA GLY B 292 10.30 -12.02 13.78
C GLY B 292 11.30 -11.68 14.85
N GLU B 293 11.25 -10.48 15.38
CA GLU B 293 12.16 -10.18 16.45
C GLU B 293 11.91 -11.03 17.68
N ALA B 294 10.64 -11.24 18.02
CA ALA B 294 10.27 -12.10 19.15
C ALA B 294 10.97 -13.47 19.07
N LEU B 295 11.01 -14.04 17.86
CA LEU B 295 11.60 -15.36 17.65
C LEU B 295 13.09 -15.31 17.88
N GLU B 296 13.73 -14.30 17.34
CA GLU B 296 15.15 -14.15 17.49
C GLU B 296 15.52 -13.95 18.95
N ARG B 297 14.72 -13.19 19.69
CA ARG B 297 15.03 -12.98 21.09
C ARG B 297 14.87 -14.30 21.85
N ALA B 298 13.77 -14.99 21.56
CA ALA B 298 13.48 -16.30 22.10
C ALA B 298 14.59 -17.34 21.82
N GLY B 299 15.43 -17.12 20.80
CA GLY B 299 16.41 -18.12 20.39
C GLY B 299 15.70 -19.34 19.85
N LEU B 300 14.61 -19.12 19.12
CA LEU B 300 13.71 -20.19 18.72
C LEU B 300 13.38 -20.05 17.26
N ALA B 301 13.31 -21.18 16.56
CA ALA B 301 12.95 -21.20 15.12
C ALA B 301 11.48 -21.61 14.92
N PRO B 302 10.82 -21.11 13.86
CA PRO B 302 9.46 -21.58 13.56
C PRO B 302 9.36 -23.10 13.54
N ALA B 303 10.44 -23.77 13.20
CA ALA B 303 10.49 -25.23 13.19
C ALA B 303 10.14 -25.80 14.55
N ASP B 304 10.63 -25.18 15.62
CA ASP B 304 10.42 -25.64 16.98
C ASP B 304 9.12 -25.10 17.61
N LEU B 305 8.32 -24.37 16.85
CA LEU B 305 7.10 -23.77 17.39
C LEU B 305 5.90 -24.72 17.42
N GLY B 306 5.32 -24.90 18.61
CA GLY B 306 4.31 -25.95 18.89
C GLY B 306 2.84 -25.57 18.86
N TYR B 307 2.52 -24.29 19.06
CA TYR B 307 1.15 -23.81 18.98
C TYR B 307 1.22 -22.33 18.69
N LEU B 308 0.18 -21.79 18.05
CA LEU B 308 0.13 -20.37 17.84
C LEU B 308 -1.22 -19.85 18.22
N GLU B 309 -1.30 -19.12 19.33
CA GLU B 309 -2.54 -18.54 19.79
C GLU B 309 -2.67 -17.24 19.07
N ALA B 310 -3.58 -17.19 18.11
CA ALA B 310 -3.70 -16.05 17.22
C ALA B 310 -4.61 -14.98 17.80
N HIS B 311 -4.42 -13.77 17.31
CA HIS B 311 -5.26 -12.65 17.64
C HIS B 311 -6.70 -13.07 17.29
N GLY B 312 -6.92 -13.46 16.04
CA GLY B 312 -8.15 -14.15 15.65
C GLY B 312 -9.45 -13.44 15.93
N THR B 313 -9.53 -12.19 15.51
CA THR B 313 -10.72 -11.36 15.67
C THR B 313 -11.97 -11.96 15.02
N GLY B 314 -11.81 -12.61 13.88
CA GLY B 314 -12.94 -13.02 13.01
C GLY B 314 -13.44 -12.01 11.97
N THR B 315 -12.55 -11.16 11.49
CA THR B 315 -12.91 -10.18 10.46
C THR B 315 -12.51 -10.68 9.11
N SER B 316 -13.33 -10.36 8.10
CA SER B 316 -13.13 -10.85 6.74
C SER B 316 -11.72 -10.53 6.27
N LEU B 317 -11.30 -9.27 6.43
CA LEU B 317 -10.00 -8.80 5.98
C LEU B 317 -8.91 -8.92 7.04
N GLY B 318 -9.27 -8.82 8.32
CA GLY B 318 -8.28 -8.79 9.39
C GLY B 318 -7.55 -10.10 9.64
N ASP B 319 -8.24 -11.23 9.52
CA ASP B 319 -7.63 -12.54 9.72
C ASP B 319 -6.55 -12.89 8.64
N PRO B 320 -6.82 -12.60 7.37
CA PRO B 320 -5.77 -12.72 6.35
C PRO B 320 -4.52 -11.90 6.68
N VAL B 321 -4.76 -10.64 7.04
CA VAL B 321 -3.69 -9.75 7.40
C VAL B 321 -2.85 -10.42 8.47
N GLU B 322 -3.50 -11.02 9.47
CA GLU B 322 -2.74 -11.74 10.47
C GLU B 322 -1.86 -12.88 9.91
N ILE B 323 -2.38 -13.65 8.97
CA ILE B 323 -1.56 -14.73 8.41
C ILE B 323 -0.40 -14.18 7.58
N THR B 324 -0.71 -13.25 6.69
CA THR B 324 0.32 -12.56 5.91
C THR B 324 1.43 -12.16 6.85
N GLY B 325 1.01 -11.54 7.98
CA GLY B 325 1.91 -11.12 9.03
C GLY B 325 2.84 -12.21 9.48
N LEU B 326 2.29 -13.38 9.78
CA LEU B 326 3.10 -14.53 10.23
C LEU B 326 4.07 -15.02 9.15
N VAL B 327 3.53 -15.11 7.94
CA VAL B 327 4.31 -15.56 6.82
C VAL B 327 5.56 -14.67 6.72
N ARG B 328 5.34 -13.36 6.85
CA ARG B 328 6.45 -12.42 6.77
C ARG B 328 7.52 -12.65 7.82
N ALA B 329 7.11 -12.96 9.05
CA ALA B 329 8.05 -13.21 10.16
C ALA B 329 8.83 -14.52 9.96
N PHE B 330 8.21 -15.44 9.22
CA PHE B 330 8.81 -16.72 8.85
C PHE B 330 9.73 -16.67 7.63
N GLN B 331 9.67 -15.62 6.82
CA GLN B 331 10.63 -15.47 5.73
C GLN B 331 12.03 -15.62 6.31
N GLY B 332 12.88 -16.33 5.57
CA GLY B 332 14.25 -16.57 6.01
C GLY B 332 14.47 -17.79 6.88
N HIS B 333 13.44 -18.60 7.13
CA HIS B 333 13.60 -19.87 7.85
C HIS B 333 13.11 -21.00 6.98
N ASP B 334 13.52 -22.21 7.33
CA ASP B 334 13.15 -23.40 6.57
C ASP B 334 11.77 -23.89 7.01
N LEU B 335 10.79 -23.82 6.12
CA LEU B 335 9.40 -24.16 6.49
C LEU B 335 8.94 -25.59 6.11
N THR B 336 9.84 -26.39 5.54
CA THR B 336 9.43 -27.63 4.89
C THR B 336 9.20 -28.77 5.92
N GLY B 337 8.07 -29.44 5.79
CA GLY B 337 7.63 -30.44 6.75
C GLY B 337 6.89 -29.87 7.93
N VAL B 338 7.18 -28.60 8.27
CA VAL B 338 6.68 -27.95 9.48
C VAL B 338 5.15 -27.75 9.49
N ARG B 339 4.51 -28.18 10.58
CA ARG B 339 3.08 -27.99 10.74
C ARG B 339 2.84 -27.36 12.08
N ILE B 340 2.28 -26.16 12.11
CA ILE B 340 1.96 -25.47 13.37
C ILE B 340 0.46 -25.30 13.53
N PRO B 341 -0.12 -25.91 14.58
CA PRO B 341 -1.54 -25.72 14.85
C PRO B 341 -1.86 -24.28 15.31
N ILE B 342 -3.00 -23.77 14.86
CA ILE B 342 -3.38 -22.41 15.12
C ILE B 342 -4.85 -22.34 15.47
N GLY B 343 -5.16 -21.52 16.48
CA GLY B 343 -6.51 -21.29 16.96
C GLY B 343 -6.56 -19.97 17.72
N SER B 344 -7.74 -19.61 18.21
CA SER B 344 -7.90 -18.41 19.00
C SER B 344 -8.98 -18.61 20.03
N VAL B 345 -8.69 -18.27 21.28
CA VAL B 345 -9.67 -18.34 22.35
C VAL B 345 -10.89 -17.47 22.07
N LYS B 346 -10.77 -16.48 21.21
CA LYS B 346 -11.91 -15.59 21.01
C LYS B 346 -13.13 -16.33 20.47
N SER B 347 -12.90 -17.39 19.70
CA SER B 347 -14.02 -18.13 19.09
C SER B 347 -14.96 -18.76 20.13
N GLY B 348 -14.35 -19.24 21.22
CA GLY B 348 -15.07 -19.61 22.45
C GLY B 348 -15.71 -18.48 23.27
N ILE B 349 -14.92 -17.52 23.77
CA ILE B 349 -15.46 -16.45 24.68
C ILE B 349 -15.79 -15.06 24.05
N GLY B 350 -15.30 -14.82 22.83
CA GLY B 350 -15.37 -13.49 22.24
C GLY B 350 -14.15 -12.66 22.60
N HIS B 351 -14.18 -11.41 22.16
CA HIS B 351 -13.01 -10.58 22.16
C HIS B 351 -13.00 -9.84 23.48
N ALA B 352 -12.15 -10.31 24.41
CA ALA B 352 -12.16 -9.75 25.78
C ALA B 352 -11.38 -8.42 25.95
N GLU B 353 -11.02 -7.82 24.83
CA GLU B 353 -10.58 -6.45 24.76
C GLU B 353 -9.36 -6.25 25.65
N SER B 354 -9.44 -5.42 26.69
CA SER B 354 -8.23 -5.17 27.40
C SER B 354 -7.74 -6.44 28.06
N ALA B 355 -8.62 -7.42 28.26
CA ALA B 355 -8.19 -8.70 28.85
C ALA B 355 -8.02 -9.84 27.86
N ALA B 356 -8.10 -9.55 26.57
CA ALA B 356 -7.92 -10.60 25.58
C ALA B 356 -6.59 -11.37 25.66
N GLY B 357 -5.51 -10.67 25.86
CA GLY B 357 -4.23 -11.31 26.03
C GLY B 357 -4.18 -12.24 27.23
N MSE B 358 -4.87 -11.86 28.31
CA MSE B 358 -4.90 -12.69 29.51
C MSE B 358 -5.64 -13.99 29.26
O MSE B 358 -5.19 -15.05 29.68
CB MSE B 358 -5.47 -11.92 30.70
CG MSE B 358 -4.39 -11.06 31.37
SE MSE B 358 -2.86 -12.13 32.04
CE MSE B 358 -1.41 -11.01 31.33
N ALA B 359 -6.76 -13.90 28.55
CA ALA B 359 -7.53 -15.05 28.11
C ALA B 359 -6.72 -15.98 27.21
N ALA B 360 -6.00 -15.37 26.28
CA ALA B 360 -5.22 -16.12 25.35
C ALA B 360 -4.00 -16.76 26.03
N LEU B 361 -3.48 -16.08 27.03
CA LEU B 361 -2.29 -16.55 27.70
C LEU B 361 -2.68 -17.71 28.59
N THR B 362 -3.87 -17.65 29.14
CA THR B 362 -4.28 -18.61 30.10
C THR B 362 -4.57 -19.93 29.38
N LYS B 363 -5.37 -19.89 28.32
CA LYS B 363 -5.56 -21.05 27.44
C LYS B 363 -4.23 -21.73 27.15
N VAL B 364 -3.22 -20.99 26.78
CA VAL B 364 -1.92 -21.60 26.48
C VAL B 364 -1.34 -22.25 27.74
N LEU B 365 -1.50 -21.58 28.86
CA LEU B 365 -0.95 -22.08 30.11
C LEU B 365 -1.57 -23.39 30.51
N LEU B 366 -2.87 -23.48 30.23
CA LEU B 366 -3.69 -24.62 30.58
C LEU B 366 -3.40 -25.78 29.64
N GLN B 367 -3.22 -25.45 28.36
CA GLN B 367 -2.90 -26.43 27.36
C GLN B 367 -1.55 -27.04 27.66
N PHE B 368 -0.64 -26.30 28.28
CA PHE B 368 0.66 -26.88 28.64
C PHE B 368 0.47 -27.92 29.75
N ARG B 369 -0.27 -27.52 30.80
CA ARG B 369 -0.43 -28.32 32.01
C ARG B 369 -1.19 -29.63 31.75
N HIS B 370 -2.11 -29.59 30.78
CA HIS B 370 -2.95 -30.70 30.45
C HIS B 370 -2.52 -31.38 29.14
N GLN B 371 -1.45 -30.90 28.53
CA GLN B 371 -0.92 -31.49 27.30
C GLN B 371 -1.99 -31.85 26.26
N GLU B 372 -2.94 -30.95 26.05
CA GLU B 372 -3.94 -31.10 24.99
C GLU B 372 -4.04 -29.80 24.26
N LEU B 373 -4.26 -29.91 22.96
CA LEU B 373 -4.69 -28.80 22.12
C LEU B 373 -6.23 -28.80 22.08
N VAL B 374 -6.85 -27.64 22.24
CA VAL B 374 -8.30 -27.56 22.32
C VAL B 374 -8.89 -26.97 21.06
N PRO B 375 -10.19 -27.21 20.81
CA PRO B 375 -10.90 -26.68 19.63
C PRO B 375 -10.96 -25.16 19.53
N SER B 376 -10.66 -24.65 18.34
CA SER B 376 -11.01 -23.30 18.00
C SER B 376 -12.27 -23.40 17.12
N LEU B 377 -13.28 -22.61 17.48
CA LEU B 377 -14.63 -22.69 16.92
C LEU B 377 -14.90 -21.82 15.68
N HIS B 378 -16.07 -22.10 15.07
CA HIS B 378 -16.73 -21.35 13.97
C HIS B 378 -15.96 -21.26 12.65
N ALA B 379 -15.13 -22.25 12.40
CA ALA B 379 -14.33 -22.25 11.18
C ALA B 379 -14.39 -23.62 10.46
N GLU B 380 -15.61 -24.11 10.26
CA GLU B 380 -15.85 -25.33 9.48
C GLU B 380 -15.32 -25.00 8.09
N ARG B 381 -15.83 -23.93 7.51
CA ARG B 381 -15.25 -23.35 6.32
C ARG B 381 -14.26 -22.21 6.69
N LEU B 382 -12.99 -22.36 6.32
CA LEU B 382 -12.01 -21.29 6.46
C LEU B 382 -12.45 -20.07 5.69
N ASN B 383 -11.83 -18.92 6.00
CA ASN B 383 -12.06 -17.67 5.26
C ASN B 383 -11.58 -17.91 3.83
N PRO B 384 -12.38 -17.49 2.83
CA PRO B 384 -11.95 -17.71 1.46
C PRO B 384 -10.72 -16.87 1.04
N HIS B 385 -10.41 -15.83 1.80
CA HIS B 385 -9.22 -15.03 1.51
C HIS B 385 -7.92 -15.71 1.95
N LEU B 386 -8.03 -16.83 2.65
CA LEU B 386 -6.89 -17.29 3.46
C LEU B 386 -5.77 -17.97 2.67
N ASP B 387 -6.06 -19.07 1.99
CA ASP B 387 -4.98 -19.91 1.45
C ASP B 387 -4.02 -20.47 2.54
N LEU B 388 -4.56 -21.11 3.56
CA LEU B 388 -3.74 -21.67 4.63
C LEU B 388 -2.79 -22.76 4.21
N ASP B 389 -3.09 -23.42 3.11
CA ASP B 389 -2.38 -24.65 2.77
C ASP B 389 -0.94 -24.36 2.34
N ALA B 390 -0.72 -23.16 1.81
CA ALA B 390 0.63 -22.69 1.48
C ALA B 390 1.50 -22.43 2.71
N THR B 391 0.91 -22.37 3.90
CA THR B 391 1.64 -22.04 5.14
C THR B 391 1.78 -23.30 5.98
N PRO B 392 2.51 -23.23 7.11
CA PRO B 392 2.52 -24.37 8.05
C PRO B 392 1.23 -24.47 8.90
N PHE B 393 0.40 -23.44 8.87
CA PHE B 393 -0.67 -23.32 9.86
C PHE B 393 -1.87 -24.20 9.55
N ARG B 394 -2.31 -24.95 10.55
CA ARG B 394 -3.52 -25.73 10.44
C ARG B 394 -4.39 -25.36 11.62
N LEU B 395 -5.60 -24.89 11.29
CA LEU B 395 -6.56 -24.53 12.29
C LEU B 395 -6.89 -25.77 13.06
N GLN B 396 -6.78 -25.72 14.39
CA GLN B 396 -7.13 -26.83 15.26
C GLN B 396 -8.62 -26.77 15.64
N ARG B 397 -9.45 -27.53 14.91
CA ARG B 397 -10.91 -27.53 15.12
C ARG B 397 -11.36 -28.56 16.13
N ASP B 398 -10.45 -29.49 16.47
CA ASP B 398 -10.75 -30.67 17.28
C ASP B 398 -9.93 -30.69 18.56
N LEU B 399 -10.39 -31.50 19.51
CA LEU B 399 -9.65 -31.77 20.72
C LEU B 399 -8.60 -32.85 20.45
N ALA B 400 -7.34 -32.59 20.77
CA ALA B 400 -6.24 -33.46 20.37
C ALA B 400 -5.13 -33.49 21.40
N PRO B 401 -4.43 -34.62 21.54
CA PRO B 401 -3.30 -34.57 22.46
C PRO B 401 -2.21 -33.70 21.89
N TRP B 402 -1.53 -32.96 22.77
CA TRP B 402 -0.47 -32.07 22.31
C TRP B 402 0.81 -32.90 22.28
N THR B 403 1.00 -33.53 21.13
CA THR B 403 2.18 -34.34 20.88
C THR B 403 3.39 -33.44 20.82
N PRO B 404 4.42 -33.76 21.63
CA PRO B 404 5.65 -32.98 21.58
C PRO B 404 6.42 -33.27 20.32
N ARG B 405 7.63 -32.76 20.28
CA ARG B 405 8.54 -33.09 19.23
C ARG B 405 9.82 -33.58 19.87
N VAL B 406 10.64 -34.22 19.04
CA VAL B 406 11.81 -34.95 19.51
C VAL B 406 13.07 -34.42 18.81
N ASP B 407 14.21 -35.04 19.07
CA ASP B 407 15.50 -34.52 18.61
C ASP B 407 16.05 -35.48 17.56
N ALA B 408 17.37 -35.43 17.34
CA ALA B 408 18.07 -36.59 16.79
C ALA B 408 17.78 -37.82 17.68
N THR B 409 18.17 -37.73 18.96
CA THR B 409 18.11 -38.89 19.86
C THR B 409 16.71 -39.44 20.18
N GLY B 410 15.66 -38.92 19.55
CA GLY B 410 14.32 -39.50 19.67
C GLY B 410 13.55 -39.17 20.94
N ARG B 411 14.15 -38.41 21.86
CA ARG B 411 13.49 -38.08 23.13
C ARG B 411 12.76 -36.72 23.03
N ALA B 412 11.77 -36.52 23.90
CA ALA B 412 10.84 -35.38 23.81
C ALA B 412 11.38 -34.03 24.30
N LEU B 413 10.95 -32.94 23.68
CA LEU B 413 11.32 -31.60 24.15
C LEU B 413 10.14 -30.87 24.80
N PRO B 414 10.45 -29.81 25.57
CA PRO B 414 9.39 -28.96 26.12
C PRO B 414 8.62 -28.23 25.02
N ARG B 415 7.30 -28.16 25.19
CA ARG B 415 6.42 -27.60 24.18
C ARG B 415 6.57 -26.06 24.13
N THR B 416 6.22 -25.49 22.99
CA THR B 416 6.33 -24.05 22.80
C THR B 416 5.06 -23.48 22.23
N ALA B 417 4.80 -22.22 22.59
CA ALA B 417 3.66 -21.52 22.05
C ALA B 417 3.94 -20.02 21.94
N ALA B 418 3.08 -19.36 21.17
CA ALA B 418 3.30 -18.02 20.69
C ALA B 418 1.96 -17.35 20.66
N ILE B 419 1.86 -16.24 21.40
CA ILE B 419 0.63 -15.50 21.50
C ILE B 419 0.80 -14.10 20.95
N SER B 420 -0.15 -13.73 20.09
CA SER B 420 -0.23 -12.43 19.47
C SER B 420 -1.46 -11.72 19.96
N ALA B 421 -1.36 -10.39 20.04
CA ALA B 421 -2.52 -9.50 20.26
C ALA B 421 -2.28 -8.15 19.60
N PHE B 422 -3.22 -7.75 18.77
CA PHE B 422 -3.10 -6.58 17.94
C PHE B 422 -4.15 -5.59 18.29
N GLY B 423 -3.73 -4.48 18.90
CA GLY B 423 -4.64 -3.43 19.34
C GLY B 423 -5.27 -2.76 18.14
N ALA B 424 -6.54 -2.42 18.21
CA ALA B 424 -7.14 -1.75 17.07
C ALA B 424 -6.38 -0.48 16.63
N GLY B 425 -5.77 0.25 17.57
CA GLY B 425 -5.15 1.52 17.21
C GLY B 425 -3.74 1.34 16.70
N GLY B 426 -3.29 0.09 16.58
CA GLY B 426 -2.00 -0.20 16.00
C GLY B 426 -0.96 -0.82 16.91
N SER B 427 -1.23 -0.89 18.22
CA SER B 427 -0.22 -1.34 19.14
C SER B 427 -0.19 -2.84 19.19
N ASN B 428 0.95 -3.43 18.85
CA ASN B 428 1.05 -4.88 18.78
C ASN B 428 1.86 -5.46 19.92
N ALA B 429 1.53 -6.69 20.30
CA ALA B 429 2.31 -7.42 21.30
C ALA B 429 2.42 -8.89 20.92
N HIS B 430 3.53 -9.50 21.27
CA HIS B 430 3.71 -10.91 20.95
C HIS B 430 4.61 -11.56 22.00
N VAL B 431 4.23 -12.77 22.40
CA VAL B 431 4.97 -13.47 23.46
C VAL B 431 5.22 -14.97 23.19
N ILE B 432 6.41 -15.41 23.60
CA ILE B 432 6.88 -16.74 23.37
C ILE B 432 7.10 -17.47 24.69
N LEU B 433 6.41 -18.62 24.78
CA LEU B 433 6.34 -19.44 25.96
C LEU B 433 6.85 -20.85 25.73
N GLU B 434 7.52 -21.34 26.75
CA GLU B 434 8.04 -22.68 26.76
C GLU B 434 7.43 -23.37 27.94
N GLU B 435 7.17 -24.65 27.77
CA GLU B 435 6.66 -25.49 28.83
C GLU B 435 7.69 -25.65 29.95
N SER B 436 7.18 -25.78 31.16
CA SER B 436 8.04 -26.05 32.30
C SER B 436 7.98 -27.54 32.66
N VAL B 437 9.15 -28.16 32.76
CA VAL B 437 9.21 -29.56 33.21
C VAL B 437 9.86 -29.61 34.58
N PRO B 438 9.16 -30.21 35.57
CA PRO B 438 9.52 -29.99 36.98
C PRO B 438 10.77 -30.71 37.48
N PRO B 439 11.24 -30.36 38.69
CA PRO B 439 12.18 -31.22 39.43
C PRO B 439 11.45 -32.33 40.18
N ALA B 444 8.76 -37.19 48.15
CA ALA B 444 7.45 -37.47 48.77
C ALA B 444 7.51 -37.32 50.30
N GLN B 445 6.39 -37.59 50.96
CA GLN B 445 6.24 -37.39 52.41
C GLN B 445 4.96 -38.10 52.92
N GLU B 446 5.08 -38.83 54.03
CA GLU B 446 4.06 -39.77 54.48
C GLU B 446 3.24 -39.28 55.69
N PRO B 447 1.98 -39.75 55.83
CA PRO B 447 1.00 -39.30 56.84
C PRO B 447 1.47 -39.43 58.29
N PRO B 448 0.64 -39.02 59.26
CA PRO B 448 -0.64 -38.33 59.16
C PRO B 448 -0.48 -36.85 58.81
N TYR B 449 -1.36 -36.35 57.94
CA TYR B 449 -1.34 -34.97 57.53
C TYR B 449 -2.42 -34.20 58.27
N VAL B 450 -2.32 -32.89 58.20
CA VAL B 450 -3.31 -31.98 58.78
C VAL B 450 -3.88 -31.07 57.68
N CYS B 451 -5.14 -30.67 57.84
CA CYS B 451 -5.79 -29.77 56.88
C CYS B 451 -6.31 -28.56 57.61
N ALA B 452 -5.55 -27.46 57.52
CA ALA B 452 -5.99 -26.16 58.05
C ALA B 452 -6.74 -25.33 57.00
N LEU B 453 -7.71 -24.55 57.48
CA LEU B 453 -8.57 -23.69 56.68
C LEU B 453 -8.82 -22.40 57.45
N SER B 454 -8.98 -21.29 56.74
CA SER B 454 -9.28 -20.02 57.41
CA SER B 454 -9.19 -19.97 57.36
C SER B 454 -10.26 -19.19 56.61
N ALA B 455 -10.80 -18.17 57.23
CA ALA B 455 -11.72 -17.24 56.55
C ALA B 455 -12.00 -16.02 57.40
N ARG B 456 -12.71 -15.05 56.84
CA ARG B 456 -12.81 -13.74 57.52
C ARG B 456 -13.82 -13.85 58.65
N ASP B 457 -14.85 -14.66 58.43
CA ASP B 457 -15.91 -14.90 59.39
C ASP B 457 -16.49 -16.29 59.13
N ALA B 458 -17.50 -16.65 59.94
CA ALA B 458 -18.10 -17.99 59.97
C ALA B 458 -18.78 -18.38 58.68
N GLU B 459 -19.67 -17.50 58.24
CA GLU B 459 -20.42 -17.68 56.99
C GLU B 459 -19.50 -17.99 55.75
N ARG B 460 -18.35 -17.28 55.64
CA ARG B 460 -17.35 -17.51 54.56
C ARG B 460 -16.55 -18.81 54.78
N LEU B 461 -16.24 -19.13 56.04
CA LEU B 461 -15.58 -20.40 56.38
C LEU B 461 -16.48 -21.58 56.04
N HIS B 462 -17.78 -21.41 56.27
CA HIS B 462 -18.70 -22.43 55.82
C HIS B 462 -18.53 -22.69 54.31
N GLU B 463 -18.77 -21.67 53.48
CA GLU B 463 -18.76 -21.88 52.02
C GLU B 463 -17.40 -22.40 51.53
N HIS B 464 -16.33 -21.95 52.18
CA HIS B 464 -14.97 -22.39 51.81
C HIS B 464 -14.86 -23.90 52.05
N THR B 465 -15.05 -24.30 53.30
CA THR B 465 -15.00 -25.70 53.69
C THR B 465 -15.81 -26.54 52.69
N ALA B 466 -17.08 -26.14 52.57
CA ALA B 466 -17.99 -26.70 51.60
C ALA B 466 -17.36 -26.92 50.20
N ARG B 467 -16.84 -25.86 49.56
CA ARG B 467 -16.27 -25.95 48.20
C ARG B 467 -15.01 -26.78 48.17
N THR B 468 -14.26 -26.72 49.26
CA THR B 468 -13.04 -27.50 49.40
C THR B 468 -13.41 -28.97 49.46
N ALA B 469 -14.53 -29.26 50.12
CA ALA B 469 -15.03 -30.64 50.24
C ALA B 469 -15.49 -31.19 48.88
N GLU B 470 -16.30 -30.41 48.19
CA GLU B 470 -16.76 -30.76 46.84
C GLU B 470 -15.62 -31.05 45.86
N PHE B 471 -14.48 -30.38 46.05
CA PHE B 471 -13.32 -30.48 45.17
C PHE B 471 -12.57 -31.79 45.38
N LEU B 472 -12.63 -32.30 46.61
CA LEU B 472 -12.01 -33.57 46.93
C LEU B 472 -12.78 -34.75 46.32
N ARG B 473 -14.11 -34.65 46.29
CA ARG B 473 -14.96 -35.62 45.59
C ARG B 473 -14.86 -35.57 44.06
N GLY B 474 -14.70 -34.36 43.50
CA GLY B 474 -14.72 -34.17 42.04
C GLY B 474 -13.36 -34.29 41.37
N GLU B 475 -12.87 -33.20 40.81
CA GLU B 475 -11.61 -33.23 40.05
C GLU B 475 -10.36 -33.36 40.94
N GLY B 476 -10.54 -33.55 42.25
CA GLY B 476 -9.40 -33.55 43.16
C GLY B 476 -9.31 -34.71 44.12
N ARG B 477 -9.93 -35.85 43.76
CA ARG B 477 -9.74 -37.10 44.55
C ARG B 477 -8.45 -37.80 44.11
N ALA B 478 -8.07 -37.60 42.84
CA ALA B 478 -6.79 -38.11 42.30
C ALA B 478 -5.55 -37.46 42.93
N ALA B 479 -5.79 -36.47 43.80
CA ALA B 479 -4.74 -35.65 44.41
C ALA B 479 -3.85 -36.40 45.40
N HIS B 480 -2.74 -35.78 45.74
CA HIS B 480 -1.88 -36.27 46.81
C HIS B 480 -2.27 -35.48 48.06
N PRO B 481 -2.66 -36.19 49.13
CA PRO B 481 -3.02 -35.54 50.40
C PRO B 481 -1.92 -34.69 51.08
N ALA B 482 -0.65 -34.93 50.73
CA ALA B 482 0.46 -34.17 51.30
C ALA B 482 0.49 -32.78 50.68
N ALA B 483 0.32 -32.77 49.36
CA ALA B 483 0.20 -31.57 48.58
C ALA B 483 -0.97 -30.70 49.02
N VAL B 484 -2.08 -31.35 49.36
CA VAL B 484 -3.28 -30.62 49.81
C VAL B 484 -3.06 -29.92 51.15
N ALA B 485 -2.22 -30.50 52.00
CA ALA B 485 -1.89 -29.90 53.29
C ALA B 485 -0.96 -28.71 53.09
N ALA B 486 0.06 -28.90 52.26
CA ALA B 486 1.07 -27.87 52.07
C ALA B 486 0.47 -26.65 51.37
N THR B 487 -0.29 -26.89 50.30
CA THR B 487 -0.92 -25.80 49.56
C THR B 487 -1.77 -24.97 50.50
N LEU B 488 -2.60 -25.63 51.29
CA LEU B 488 -3.51 -24.92 52.21
C LEU B 488 -2.78 -24.14 53.29
N LEU B 489 -1.62 -24.62 53.68
CA LEU B 489 -0.82 -23.95 54.69
C LEU B 489 0.00 -22.78 54.14
N THR B 490 -0.08 -22.50 52.84
CA THR B 490 0.54 -21.30 52.27
C THR B 490 -0.40 -20.10 52.30
N ARG B 491 -1.69 -20.38 52.48
CA ARG B 491 -2.71 -19.36 52.40
C ARG B 491 -2.71 -18.53 53.65
N GLU B 492 -3.11 -17.28 53.48
CA GLU B 492 -3.04 -16.32 54.53
C GLU B 492 -4.08 -16.73 55.56
N PRO B 493 -3.66 -16.87 56.84
CA PRO B 493 -4.54 -17.17 57.93
C PRO B 493 -5.32 -15.96 58.40
N MSE B 494 -6.58 -16.22 58.75
CA MSE B 494 -7.55 -15.21 59.14
C MSE B 494 -8.20 -15.59 60.45
O MSE B 494 -7.83 -16.61 61.05
CB MSE B 494 -8.57 -15.13 58.00
CG MSE B 494 -7.89 -14.82 56.65
SE MSE B 494 -9.24 -14.65 55.22
CE MSE B 494 -8.43 -15.91 53.92
N ALA B 495 -9.17 -14.80 60.89
CA ALA B 495 -9.80 -15.00 62.21
C ALA B 495 -10.48 -16.38 62.42
N HIS B 496 -11.44 -16.75 61.59
CA HIS B 496 -12.16 -18.01 61.83
C HIS B 496 -11.40 -19.19 61.22
N ARG B 497 -11.06 -20.16 62.06
CA ARG B 497 -10.15 -21.22 61.66
C ARG B 497 -10.76 -22.58 61.87
N LEU B 498 -10.16 -23.56 61.20
CA LEU B 498 -10.63 -24.92 61.21
C LEU B 498 -9.44 -25.85 60.90
N ALA B 499 -9.48 -27.08 61.42
CA ALA B 499 -8.41 -28.08 61.24
C ALA B 499 -8.91 -29.52 61.41
N VAL B 500 -8.26 -30.44 60.71
CA VAL B 500 -8.62 -31.85 60.67
C VAL B 500 -7.42 -32.69 60.25
N VAL B 501 -6.99 -33.60 61.13
CA VAL B 501 -5.90 -34.51 60.81
C VAL B 501 -6.48 -35.55 59.89
N PHE B 502 -5.64 -36.12 59.01
CA PHE B 502 -6.11 -37.10 58.03
C PHE B 502 -4.93 -37.81 57.38
N ASP B 503 -5.27 -38.79 56.54
CA ASP B 503 -4.29 -39.69 55.95
C ASP B 503 -4.46 -39.84 54.44
N THR B 504 -5.71 -39.84 53.97
CA THR B 504 -6.04 -39.85 52.54
C THR B 504 -7.07 -38.81 52.17
N VAL B 505 -7.11 -38.49 50.88
CA VAL B 505 -8.09 -37.57 50.32
C VAL B 505 -9.48 -38.09 50.70
N ASP B 506 -9.73 -39.35 50.34
CA ASP B 506 -10.94 -40.08 50.70
C ASP B 506 -11.43 -39.69 52.11
N ASP B 507 -10.56 -39.88 53.10
CA ASP B 507 -10.96 -39.75 54.51
C ASP B 507 -11.11 -38.29 54.94
N LEU B 508 -10.36 -37.42 54.27
CA LEU B 508 -10.44 -35.98 54.54
C LEU B 508 -11.82 -35.45 54.10
N ALA B 509 -12.18 -35.77 52.87
CA ALA B 509 -13.50 -35.43 52.34
C ALA B 509 -14.62 -36.07 53.16
N ASP B 510 -14.46 -37.35 53.51
CA ASP B 510 -15.35 -38.02 54.45
C ASP B 510 -15.59 -37.11 55.65
N ALA B 511 -14.52 -36.88 56.41
CA ALA B 511 -14.59 -36.15 57.68
C ALA B 511 -15.34 -34.82 57.57
N LEU B 512 -14.98 -34.04 56.55
CA LEU B 512 -15.52 -32.69 56.37
C LEU B 512 -17.01 -32.69 56.04
N GLU B 513 -17.41 -33.56 55.10
CA GLU B 513 -18.84 -33.76 54.77
C GLU B 513 -19.67 -33.87 56.04
N ASP B 514 -19.19 -34.69 56.96
CA ASP B 514 -19.92 -34.97 58.18
C ASP B 514 -20.07 -33.70 59.03
N HIS B 515 -19.04 -32.86 59.12
CA HIS B 515 -19.18 -31.56 59.83
C HIS B 515 -20.30 -30.75 59.19
N LEU B 516 -20.33 -30.72 57.86
CA LEU B 516 -21.23 -29.82 57.13
C LEU B 516 -22.69 -30.13 57.41
N ALA B 517 -23.10 -31.34 57.03
CA ALA B 517 -24.45 -31.83 57.30
C ALA B 517 -24.58 -32.14 58.78
N VAL B 524 -12.78 -33.12 63.94
CA VAL B 524 -12.96 -31.87 63.17
C VAL B 524 -13.22 -30.67 64.10
N LEU B 525 -12.19 -29.87 64.34
CA LEU B 525 -12.27 -28.72 65.24
C LEU B 525 -12.60 -27.43 64.48
N THR B 526 -12.88 -26.37 65.25
CA THR B 526 -13.24 -25.06 64.74
C THR B 526 -12.95 -24.04 65.85
N GLY B 527 -12.26 -22.94 65.53
CA GLY B 527 -12.00 -21.90 66.53
C GLY B 527 -12.03 -20.51 65.94
N THR B 528 -11.61 -19.55 66.74
CA THR B 528 -11.37 -18.20 66.27
C THR B 528 -9.93 -17.89 66.65
N ALA B 529 -9.26 -17.12 65.79
CA ALA B 529 -7.84 -16.92 65.95
C ALA B 529 -7.59 -16.07 67.17
N SER B 530 -6.42 -16.29 67.74
CA SER B 530 -5.95 -15.55 68.89
C SER B 530 -4.48 -15.26 68.62
N ARG B 531 -4.11 -13.99 68.64
CA ARG B 531 -2.74 -13.60 68.30
C ARG B 531 -1.66 -14.10 69.29
N ALA B 532 -1.99 -14.18 70.57
CA ALA B 532 -1.04 -14.68 71.56
C ALA B 532 -1.35 -16.13 72.02
N ALA B 533 -1.76 -16.98 71.06
CA ALA B 533 -2.06 -18.40 71.33
C ALA B 533 -0.79 -19.19 71.65
N ALA B 534 -0.96 -20.30 72.37
CA ALA B 534 0.17 -21.11 72.84
C ALA B 534 0.79 -21.85 71.65
N PRO B 535 2.14 -21.88 71.56
CA PRO B 535 2.75 -22.53 70.40
C PRO B 535 2.47 -24.02 70.31
N ALA B 536 2.57 -24.55 69.09
CA ALA B 536 2.40 -25.98 68.87
C ALA B 536 3.31 -26.74 69.82
N THR B 537 2.71 -27.57 70.65
CA THR B 537 3.45 -28.35 71.65
C THR B 537 4.31 -29.48 71.04
N GLY B 538 4.46 -29.49 69.71
CA GLY B 538 5.43 -30.36 69.03
C GLY B 538 4.98 -30.73 67.64
N ARG B 539 5.94 -30.96 66.75
CA ARG B 539 5.70 -31.28 65.33
C ARG B 539 4.65 -32.39 65.03
N THR B 540 4.40 -33.29 65.99
CA THR B 540 3.34 -34.32 65.82
C THR B 540 1.97 -33.69 65.44
N ALA B 541 1.30 -34.33 64.47
CA ALA B 541 0.22 -33.72 63.71
C ALA B 541 -0.99 -33.26 64.53
N PRO B 542 -1.60 -34.16 65.31
CA PRO B 542 -2.79 -33.69 66.03
C PRO B 542 -2.51 -32.58 67.05
N GLU B 543 -1.23 -32.26 67.28
CA GLU B 543 -0.85 -31.12 68.10
C GLU B 543 -0.86 -29.84 67.25
N LEU B 544 -0.50 -29.99 65.97
CA LEU B 544 -0.53 -28.87 64.99
C LEU B 544 -1.96 -28.46 64.72
N ALA B 545 -2.78 -29.43 64.31
CA ALA B 545 -4.19 -29.16 64.05
C ALA B 545 -4.83 -28.34 65.17
N GLU B 546 -4.35 -28.49 66.41
CA GLU B 546 -4.85 -27.69 67.52
C GLU B 546 -4.19 -26.32 67.51
N ALA B 547 -2.90 -26.30 67.25
CA ALA B 547 -2.13 -25.06 67.15
C ALA B 547 -2.78 -24.07 66.18
N TRP B 548 -3.36 -24.60 65.11
CA TRP B 548 -4.06 -23.76 64.16
C TRP B 548 -5.33 -23.23 64.79
N VAL B 549 -6.19 -24.12 65.26
CA VAL B 549 -7.55 -23.74 65.61
C VAL B 549 -7.61 -22.63 66.66
N ARG B 550 -6.64 -22.64 67.56
CA ARG B 550 -6.56 -21.57 68.56
C ARG B 550 -5.96 -20.31 67.98
N GLY B 551 -5.10 -20.48 66.97
CA GLY B 551 -4.48 -19.37 66.27
C GLY B 551 -2.99 -19.22 66.53
N ALA B 552 -2.26 -20.33 66.39
CA ALA B 552 -0.82 -20.28 66.31
C ALA B 552 -0.43 -20.30 64.85
N PRO B 553 0.73 -19.70 64.51
CA PRO B 553 1.32 -19.97 63.21
C PRO B 553 1.83 -21.42 63.10
N VAL B 554 1.83 -21.93 61.88
CA VAL B 554 2.55 -23.17 61.54
C VAL B 554 2.82 -23.22 60.01
N ALA B 555 4.10 -23.38 59.67
CA ALA B 555 4.56 -23.34 58.29
C ALA B 555 4.62 -24.73 57.66
N ALA B 556 4.21 -24.80 56.39
CA ALA B 556 4.20 -26.03 55.60
C ALA B 556 5.61 -26.59 55.43
N PRO B 557 5.73 -27.92 55.30
CA PRO B 557 7.05 -28.54 55.11
C PRO B 557 7.67 -28.10 53.79
N ALA B 558 8.62 -27.16 53.86
CA ALA B 558 9.18 -26.51 52.68
C ALA B 558 9.62 -27.50 51.60
N GLY B 559 9.37 -27.15 50.34
CA GLY B 559 9.65 -28.03 49.21
C GLY B 559 8.61 -29.14 49.02
N ALA B 560 7.47 -29.01 49.66
CA ALA B 560 6.40 -29.97 49.44
C ALA B 560 5.79 -29.70 48.07
N PRO B 561 5.21 -30.73 47.43
CA PRO B 561 4.46 -30.50 46.19
C PRO B 561 3.23 -29.63 46.43
N ARG B 562 2.57 -29.20 45.36
CA ARG B 562 1.44 -28.29 45.49
C ARG B 562 0.36 -28.56 44.44
N VAL B 563 -0.87 -28.16 44.76
CA VAL B 563 -2.00 -28.30 43.84
C VAL B 563 -2.98 -27.12 43.87
N SER B 564 -3.78 -27.01 42.82
CA SER B 564 -4.78 -25.96 42.69
C SER B 564 -6.09 -26.33 43.43
N LEU B 565 -6.24 -25.87 44.67
CA LEU B 565 -7.51 -25.97 45.37
C LEU B 565 -8.32 -24.74 45.03
N PRO B 566 -9.63 -24.77 45.32
CA PRO B 566 -10.45 -23.56 45.14
C PRO B 566 -10.05 -22.36 46.02
N GLY B 567 -10.08 -21.17 45.41
CA GLY B 567 -9.70 -19.92 46.08
C GLY B 567 -10.73 -19.44 47.07
N TYR B 568 -10.37 -18.44 47.84
CA TYR B 568 -11.28 -17.90 48.87
C TYR B 568 -12.64 -17.52 48.22
N PRO B 569 -13.75 -17.97 48.81
CA PRO B 569 -15.04 -17.60 48.29
C PRO B 569 -15.46 -16.27 48.89
N PHE B 570 -15.26 -15.21 48.11
CA PHE B 570 -15.59 -13.88 48.59
C PHE B 570 -17.08 -13.72 48.82
N ALA B 571 -17.41 -12.79 49.69
CA ALA B 571 -18.79 -12.43 49.91
C ALA B 571 -19.26 -11.78 48.62
N ARG B 572 -20.56 -11.88 48.37
CA ARG B 572 -21.11 -11.38 47.14
C ARG B 572 -22.18 -10.31 47.38
N GLU B 573 -21.76 -9.23 48.05
CA GLU B 573 -22.59 -8.05 48.27
C GLU B 573 -22.74 -7.24 46.99
N ARG B 574 -23.99 -6.97 46.62
CA ARG B 574 -24.25 -6.26 45.40
C ARG B 574 -23.83 -4.81 45.59
N CYS B 575 -22.94 -4.34 44.72
CA CYS B 575 -22.47 -2.95 44.75
C CYS B 575 -22.69 -2.36 43.36
N TRP B 576 -23.63 -1.45 43.23
CA TRP B 576 -23.96 -0.90 41.94
C TRP B 576 -24.73 0.37 42.09
N LEU B 577 -24.23 1.44 41.51
CA LEU B 577 -24.83 2.73 41.73
C LEU B 577 -26.32 2.60 41.33
N PRO B 578 -27.27 2.93 42.24
CA PRO B 578 -28.70 2.90 41.90
C PRO B 578 -29.06 3.71 40.64
N ALA B 579 -28.53 4.91 40.51
CA ALA B 579 -28.81 5.72 39.34
C ALA B 579 -28.27 5.10 38.08
N ALA B 580 -27.66 3.93 38.16
CA ALA B 580 -27.40 3.14 36.94
C ALA B 580 -28.61 2.28 36.48
N ASP B 581 -29.70 2.23 37.26
CA ASP B 581 -30.92 1.48 36.87
C ASP B 581 -31.69 2.18 35.75
N ALA B 582 -31.50 3.49 35.58
CA ALA B 582 -32.12 4.24 34.48
C ALA B 582 -31.85 3.67 33.07
N VAL B 583 -30.93 2.73 32.92
CA VAL B 583 -30.78 2.07 31.63
C VAL B 583 -31.43 0.67 31.59
N ARG B 584 -32.13 0.28 32.66
CA ARG B 584 -32.94 -0.97 32.65
C ARG B 584 -34.45 -0.74 32.51
N ASP C 6 -26.52 -10.00 -40.11
CA ASP C 6 -26.57 -9.41 -38.73
C ASP C 6 -26.17 -10.46 -37.70
N ASP C 7 -24.87 -10.54 -37.43
CA ASP C 7 -24.35 -11.39 -36.35
C ASP C 7 -23.42 -10.58 -35.40
N GLU C 8 -23.91 -10.32 -34.20
CA GLU C 8 -23.15 -9.59 -33.20
C GLU C 8 -22.08 -10.44 -32.56
N ILE C 9 -21.10 -9.76 -31.98
CA ILE C 9 -19.99 -10.40 -31.28
C ILE C 9 -20.32 -10.53 -29.78
N VAL C 10 -19.96 -11.67 -29.21
CA VAL C 10 -20.25 -11.90 -27.82
C VAL C 10 -19.04 -12.43 -27.08
N ILE C 11 -19.12 -12.39 -25.76
CA ILE C 11 -18.02 -12.89 -24.97
C ILE C 11 -18.49 -14.16 -24.29
N VAL C 12 -17.72 -15.21 -24.49
CA VAL C 12 -18.06 -16.53 -23.99
C VAL C 12 -17.02 -17.03 -22.99
N GLY C 13 -16.08 -16.14 -22.64
CA GLY C 13 -14.99 -16.49 -21.73
C GLY C 13 -14.24 -15.33 -21.11
N VAL C 14 -13.84 -15.52 -19.86
CA VAL C 14 -12.96 -14.56 -19.21
C VAL C 14 -12.09 -15.18 -18.12
N ALA C 15 -10.85 -14.75 -18.03
CA ALA C 15 -9.92 -15.22 -17.03
C ALA C 15 -8.99 -14.09 -16.77
N GLY C 16 -8.39 -14.08 -15.59
CA GLY C 16 -7.59 -12.94 -15.17
C GLY C 16 -7.00 -13.02 -13.78
N ARG C 17 -5.92 -12.28 -13.58
CA ARG C 17 -5.23 -12.25 -12.32
C ARG C 17 -5.12 -10.80 -11.98
N TYR C 18 -5.33 -10.48 -10.70
CA TYR C 18 -5.34 -9.09 -10.25
C TYR C 18 -4.81 -9.00 -8.83
N PRO C 19 -4.62 -7.76 -8.35
CA PRO C 19 -4.05 -7.65 -7.00
C PRO C 19 -4.96 -8.34 -5.97
N LYS C 20 -4.33 -9.22 -5.21
CA LYS C 20 -4.99 -10.06 -4.20
C LYS C 20 -6.10 -10.92 -4.81
N ALA C 21 -5.93 -11.33 -6.05
CA ALA C 21 -6.94 -12.11 -6.70
C ALA C 21 -6.26 -13.01 -7.70
N ASP C 22 -5.92 -14.20 -7.25
CA ASP C 22 -5.31 -15.18 -8.18
C ASP C 22 -6.29 -15.78 -9.23
N ASP C 23 -7.58 -15.60 -9.07
CA ASP C 23 -8.56 -16.03 -10.10
C ASP C 23 -9.76 -15.15 -9.96
N LEU C 24 -10.74 -15.34 -10.84
CA LEU C 24 -11.87 -14.44 -10.89
C LEU C 24 -12.85 -14.66 -9.75
N ALA C 25 -12.82 -15.83 -9.13
CA ALA C 25 -13.62 -16.04 -7.92
C ALA C 25 -13.17 -15.08 -6.83
N GLN C 26 -11.89 -15.12 -6.52
CA GLN C 26 -11.30 -14.26 -5.51
C GLN C 26 -11.46 -12.76 -5.88
N PHE C 27 -11.39 -12.45 -7.16
CA PHE C 27 -11.62 -11.11 -7.63
C PHE C 27 -13.01 -10.64 -7.36
N TRP C 28 -13.99 -11.50 -7.63
CA TRP C 28 -15.37 -11.13 -7.32
C TRP C 28 -15.57 -10.88 -5.82
N ARG C 29 -15.03 -11.78 -5.01
CA ARG C 29 -15.09 -11.66 -3.58
C ARG C 29 -14.55 -10.27 -3.21
N ASN C 30 -13.28 -10.00 -3.52
CA ASN C 30 -12.67 -8.68 -3.26
C ASN C 30 -13.51 -7.54 -3.73
N LEU C 31 -13.98 -7.65 -4.96
CA LEU C 31 -14.77 -6.60 -5.54
C LEU C 31 -16.01 -6.33 -4.71
N ARG C 32 -16.72 -7.41 -4.40
CA ARG C 32 -17.98 -7.36 -3.69
C ARG C 32 -17.90 -6.64 -2.35
N GLU C 33 -16.87 -7.02 -1.59
CA GLU C 33 -16.54 -6.50 -0.29
C GLU C 33 -15.99 -5.09 -0.30
N GLY C 34 -15.66 -4.53 -1.46
CA GLY C 34 -14.92 -3.27 -1.51
C GLY C 34 -13.55 -3.34 -0.82
N ARG C 35 -12.78 -4.36 -1.16
CA ARG C 35 -11.50 -4.54 -0.57
C ARG C 35 -10.51 -3.58 -1.22
N ASP C 36 -9.61 -3.04 -0.43
CA ASP C 36 -8.51 -2.24 -0.92
C ASP C 36 -7.38 -3.21 -1.06
N CYS C 37 -6.89 -3.41 -2.26
CA CYS C 37 -5.86 -4.41 -2.48
C CYS C 37 -4.47 -3.82 -2.71
N VAL C 38 -4.31 -2.53 -2.47
CA VAL C 38 -3.05 -1.87 -2.62
C VAL C 38 -2.14 -2.06 -1.40
N GLU C 39 -0.85 -2.29 -1.63
CA GLU C 39 0.08 -2.60 -0.59
C GLU C 39 1.47 -1.97 -0.88
N GLU C 40 2.37 -2.08 0.07
CA GLU C 40 3.69 -1.55 -0.11
C GLU C 40 4.47 -2.42 -1.06
N VAL C 41 5.46 -1.83 -1.72
CA VAL C 41 6.33 -2.62 -2.56
C VAL C 41 6.78 -3.85 -1.79
N PRO C 42 6.51 -5.05 -2.33
CA PRO C 42 7.03 -6.27 -1.71
C PRO C 42 8.54 -6.26 -1.75
N GLU C 43 9.15 -6.89 -0.77
CA GLU C 43 10.58 -6.76 -0.56
C GLU C 43 11.32 -7.79 -1.39
N ASP C 44 10.59 -8.80 -1.87
CA ASP C 44 11.14 -9.74 -2.84
C ASP C 44 11.20 -9.19 -4.29
N ARG C 45 10.56 -8.05 -4.56
CA ARG C 45 10.73 -7.34 -5.83
C ARG C 45 11.99 -6.49 -5.84
N TRP C 46 12.00 -5.49 -4.98
CA TRP C 46 13.17 -4.65 -4.86
C TRP C 46 13.14 -4.00 -3.53
N ASP C 47 14.29 -3.49 -3.17
CA ASP C 47 14.45 -2.71 -1.98
C ASP C 47 14.03 -1.27 -2.22
N HIS C 48 12.79 -0.95 -1.89
CA HIS C 48 12.28 0.37 -2.18
C HIS C 48 12.99 1.48 -1.45
N GLY C 49 13.64 1.17 -0.33
CA GLY C 49 14.36 2.17 0.43
C GLY C 49 15.51 2.82 -0.31
N ARG C 50 16.04 2.13 -1.30
CA ARG C 50 17.04 2.74 -2.15
C ARG C 50 16.49 3.88 -2.96
N PHE C 51 15.19 3.89 -3.22
CA PHE C 51 14.65 4.84 -4.15
C PHE C 51 13.61 5.75 -3.59
N TYR C 52 13.20 5.55 -2.36
CA TYR C 52 12.01 6.28 -1.87
C TYR C 52 12.44 7.53 -1.14
N ASP C 53 11.69 8.62 -1.31
CA ASP C 53 11.82 9.77 -0.41
C ASP C 53 10.49 10.50 -0.48
N PRO C 54 9.90 10.86 0.68
CA PRO C 54 8.52 11.34 0.65
C PRO C 54 8.36 12.72 0.07
N ASP C 55 9.47 13.43 -0.06
CA ASP C 55 9.48 14.74 -0.69
C ASP C 55 9.33 14.58 -2.21
N PRO C 56 8.18 15.02 -2.74
CA PRO C 56 7.88 14.84 -4.17
C PRO C 56 8.77 15.62 -5.16
N ALA C 57 9.78 16.31 -4.68
CA ALA C 57 10.78 16.90 -5.56
C ALA C 57 12.18 16.46 -5.11
N ALA C 58 12.32 15.37 -4.38
CA ALA C 58 13.67 14.87 -4.13
C ALA C 58 14.23 14.34 -5.46
N PRO C 59 15.33 14.93 -5.92
CA PRO C 59 15.95 14.50 -7.17
C PRO C 59 16.37 13.05 -7.16
N GLY C 60 16.00 12.31 -8.21
CA GLY C 60 16.43 10.94 -8.39
C GLY C 60 15.65 9.91 -7.61
N LYS C 61 14.53 10.29 -7.00
CA LYS C 61 13.86 9.45 -5.97
C LYS C 61 12.38 9.30 -6.30
N ALA C 62 11.72 8.31 -5.73
CA ALA C 62 10.27 8.17 -5.93
C ALA C 62 9.59 8.57 -4.66
N TYR C 63 8.46 9.24 -4.74
CA TYR C 63 7.83 9.76 -3.53
C TYR C 63 6.64 8.93 -3.14
N ALA C 64 6.46 7.78 -3.77
CA ALA C 64 5.40 6.90 -3.30
C ALA C 64 5.88 5.50 -3.29
N LYS C 65 5.22 4.64 -2.52
CA LYS C 65 5.73 3.28 -2.24
C LYS C 65 4.71 2.18 -2.27
N TRP C 66 3.60 2.39 -2.97
CA TRP C 66 2.47 1.46 -3.03
C TRP C 66 2.15 0.92 -4.42
N GLY C 67 1.36 -0.16 -4.45
CA GLY C 67 1.02 -0.82 -5.70
C GLY C 67 -0.03 -1.89 -5.55
N GLY C 68 -0.60 -2.26 -6.67
CA GLY C 68 -1.52 -3.37 -6.69
C GLY C 68 -0.71 -4.52 -7.22
N TRP C 69 -0.32 -5.44 -6.36
CA TRP C 69 0.69 -6.45 -6.70
C TRP C 69 0.03 -7.78 -6.95
N LEU C 70 0.46 -8.53 -7.95
CA LEU C 70 0.00 -9.89 -8.12
C LEU C 70 0.68 -10.72 -7.09
N SER C 71 0.07 -11.80 -6.66
CA SER C 71 0.64 -12.54 -5.54
C SER C 71 2.11 -12.90 -5.78
N ASP C 72 2.41 -13.41 -6.95
CA ASP C 72 3.74 -13.85 -7.22
C ASP C 72 3.94 -13.93 -8.72
N VAL C 73 4.72 -12.99 -9.24
CA VAL C 73 4.94 -12.89 -10.66
C VAL C 73 6.17 -13.68 -11.16
N ALA C 74 6.98 -14.27 -10.29
CA ALA C 74 8.11 -15.03 -10.80
C ALA C 74 7.74 -16.49 -11.08
N SER C 75 6.58 -16.95 -10.61
CA SER C 75 6.18 -18.38 -10.74
C SER C 75 5.72 -18.69 -12.13
N PHE C 76 6.11 -19.87 -12.61
CA PHE C 76 5.77 -20.30 -13.96
C PHE C 76 5.88 -21.83 -14.11
N ASP C 77 5.29 -22.39 -15.16
CA ASP C 77 5.42 -23.81 -15.42
C ASP C 77 6.12 -24.09 -16.76
N PRO C 78 7.46 -23.93 -16.77
CA PRO C 78 8.22 -24.06 -18.00
C PRO C 78 8.04 -25.41 -18.70
N MSE C 79 7.90 -26.49 -17.95
CA MSE C 79 7.77 -27.83 -18.53
C MSE C 79 6.44 -27.95 -19.22
O MSE C 79 6.37 -28.49 -20.32
CB MSE C 79 7.87 -28.96 -17.50
CG MSE C 79 9.20 -29.01 -16.74
SE MSE C 79 10.71 -29.46 -17.94
CE MSE C 79 11.74 -27.78 -17.91
N PHE C 80 5.38 -27.44 -18.62
CA PHE C 80 4.06 -27.51 -19.23
C PHE C 80 4.06 -26.77 -20.51
N PHE C 81 4.76 -25.64 -20.55
CA PHE C 81 4.84 -24.85 -21.79
C PHE C 81 6.00 -25.14 -22.73
N ARG C 82 6.61 -26.32 -22.60
CA ARG C 82 7.58 -26.80 -23.57
C ARG C 82 8.85 -25.96 -23.64
N MSE C 83 9.20 -25.26 -22.57
CA MSE C 83 10.42 -24.42 -22.53
C MSE C 83 11.30 -24.78 -21.35
O MSE C 83 10.85 -25.38 -20.38
CB MSE C 83 10.02 -22.95 -22.69
CG MSE C 83 9.85 -22.13 -21.40
SE MSE C 83 9.20 -20.29 -21.82
CE MSE C 83 7.67 -20.78 -22.95
N SER C 84 12.59 -24.47 -21.47
CA SER C 84 13.57 -24.71 -20.40
C SER C 84 13.49 -23.65 -19.28
N GLN C 85 13.90 -24.03 -18.09
CA GLN C 85 14.03 -23.12 -16.96
C GLN C 85 14.81 -21.82 -17.32
N VAL C 86 15.97 -22.01 -17.93
CA VAL C 86 16.85 -20.92 -18.25
C VAL C 86 16.09 -19.96 -19.18
N GLU C 87 15.33 -20.48 -20.12
CA GLU C 87 14.61 -19.60 -21.04
C GLU C 87 13.53 -18.84 -20.28
N ALA C 88 12.89 -19.52 -19.32
CA ALA C 88 11.81 -18.92 -18.59
C ALA C 88 12.40 -17.81 -17.79
N GLU C 89 13.58 -18.06 -17.25
CA GLU C 89 14.33 -17.05 -16.53
C GLU C 89 14.60 -15.77 -17.35
N HIS C 90 14.81 -15.91 -18.66
CA HIS C 90 15.24 -14.82 -19.53
C HIS C 90 14.13 -14.11 -20.32
N ILE C 91 12.85 -14.44 -20.07
CA ILE C 91 11.72 -13.76 -20.69
C ILE C 91 10.85 -13.07 -19.65
N ASP C 92 10.33 -11.92 -20.02
CA ASP C 92 9.48 -11.11 -19.19
C ASP C 92 8.37 -11.98 -18.64
N PRO C 93 8.06 -11.80 -17.36
CA PRO C 93 6.91 -12.50 -16.78
C PRO C 93 5.54 -12.13 -17.41
N GLN C 94 5.43 -10.98 -18.06
CA GLN C 94 4.24 -10.67 -18.87
C GLN C 94 3.95 -11.75 -19.93
N GLU C 95 4.99 -12.27 -20.54
CA GLU C 95 4.83 -13.32 -21.53
C GLU C 95 4.33 -14.56 -20.86
N ARG C 96 4.95 -14.92 -19.74
CA ARG C 96 4.70 -16.18 -19.07
C ARG C 96 3.34 -16.24 -18.43
N ILE C 97 2.96 -15.14 -17.81
CA ILE C 97 1.70 -15.06 -17.13
C ILE C 97 0.55 -15.07 -18.12
N PHE C 98 0.70 -14.42 -19.26
CA PHE C 98 -0.40 -14.43 -20.25
C PHE C 98 -0.65 -15.82 -20.89
N LEU C 99 0.41 -16.59 -21.06
CA LEU C 99 0.21 -17.97 -21.48
C LEU C 99 -0.74 -18.72 -20.56
N GLN C 100 -0.53 -18.57 -19.26
CA GLN C 100 -1.36 -19.27 -18.24
C GLN C 100 -2.78 -18.64 -18.20
N THR C 101 -2.85 -17.32 -18.27
CA THR C 101 -4.13 -16.62 -18.40
C THR C 101 -4.97 -17.18 -19.54
N VAL C 102 -4.36 -17.35 -20.71
CA VAL C 102 -5.08 -17.87 -21.87
C VAL C 102 -5.47 -19.34 -21.70
N TRP C 103 -4.65 -20.13 -21.02
CA TRP C 103 -5.09 -21.47 -20.71
C TRP C 103 -6.34 -21.39 -19.84
N HIS C 104 -6.28 -20.59 -18.77
CA HIS C 104 -7.43 -20.47 -17.90
C HIS C 104 -8.66 -19.91 -18.63
N LEU C 105 -8.42 -19.05 -19.61
CA LEU C 105 -9.52 -18.48 -20.39
C LEU C 105 -10.28 -19.55 -21.15
N LEU C 106 -9.54 -20.45 -21.77
CA LEU C 106 -10.15 -21.55 -22.49
C LEU C 106 -10.98 -22.43 -21.53
N GLU C 107 -10.41 -22.73 -20.36
CA GLU C 107 -11.12 -23.47 -19.31
C GLU C 107 -12.38 -22.77 -18.86
N ASP C 108 -12.36 -21.45 -18.75
CA ASP C 108 -13.60 -20.72 -18.44
C ASP C 108 -14.65 -20.82 -19.53
N ALA C 109 -14.24 -20.91 -20.78
CA ALA C 109 -15.21 -20.94 -21.91
C ALA C 109 -15.72 -22.37 -22.17
N GLY C 110 -15.08 -23.33 -21.53
CA GLY C 110 -15.40 -24.74 -21.62
C GLY C 110 -14.90 -25.27 -22.93
N THR C 111 -13.79 -24.76 -23.41
CA THR C 111 -13.31 -25.20 -24.71
C THR C 111 -11.86 -25.64 -24.57
N SER C 112 -11.21 -25.83 -25.73
CA SER C 112 -9.82 -26.30 -25.76
C SER C 112 -9.16 -26.02 -27.07
N ARG C 113 -7.86 -26.26 -27.06
CA ARG C 113 -7.02 -26.20 -28.22
C ARG C 113 -7.64 -27.11 -29.27
N ALA C 114 -7.97 -28.35 -28.88
CA ALA C 114 -8.52 -29.32 -29.84
C ALA C 114 -9.86 -28.83 -30.41
N ALA C 115 -10.77 -28.40 -29.53
CA ALA C 115 -12.12 -27.93 -29.93
C ALA C 115 -12.09 -26.76 -30.89
N LEU C 116 -11.07 -25.92 -30.76
CA LEU C 116 -10.93 -24.72 -31.58
C LEU C 116 -10.14 -24.96 -32.84
N SER C 117 -9.54 -26.14 -32.98
CA SER C 117 -8.65 -26.44 -34.09
C SER C 117 -9.31 -26.28 -35.48
N LYS C 118 -10.63 -26.22 -35.50
CA LYS C 118 -11.42 -26.18 -36.73
C LYS C 118 -11.82 -24.76 -37.04
N VAL C 119 -11.55 -23.83 -36.15
CA VAL C 119 -11.87 -22.44 -36.40
C VAL C 119 -10.59 -21.62 -36.46
N ARG C 120 -10.69 -20.43 -36.99
CA ARG C 120 -9.54 -19.61 -37.04
C ARG C 120 -9.61 -18.65 -35.89
N THR C 121 -8.60 -18.73 -35.03
CA THR C 121 -8.51 -17.94 -33.84
C THR C 121 -7.36 -16.91 -33.88
N GLY C 122 -7.71 -15.65 -33.67
CA GLY C 122 -6.73 -14.61 -33.51
C GLY C 122 -6.42 -14.24 -32.05
N VAL C 123 -5.29 -13.60 -31.86
CA VAL C 123 -4.87 -13.18 -30.56
C VAL C 123 -4.45 -11.71 -30.62
N PHE C 124 -4.97 -10.95 -29.66
CA PHE C 124 -4.77 -9.52 -29.68
C PHE C 124 -4.50 -9.09 -28.26
N VAL C 125 -3.29 -8.61 -27.96
CA VAL C 125 -2.92 -8.33 -26.58
C VAL C 125 -2.27 -6.98 -26.38
N GLY C 126 -2.68 -6.31 -25.32
CA GLY C 126 -2.17 -4.99 -24.98
C GLY C 126 -1.09 -5.03 -23.90
N LEU C 127 -0.04 -4.25 -24.13
CA LEU C 127 1.08 -4.10 -23.22
C LEU C 127 1.62 -2.69 -23.31
N MSE C 128 2.09 -2.13 -22.21
CA MSE C 128 2.63 -0.76 -22.28
C MSE C 128 4.02 -0.56 -21.79
O MSE C 128 4.61 0.46 -22.06
CB MSE C 128 1.63 0.25 -21.74
CG MSE C 128 1.53 0.32 -20.25
SE MSE C 128 0.50 1.97 -19.81
CE MSE C 128 1.88 3.34 -20.00
N TYR C 129 4.58 -1.56 -21.12
CA TYR C 129 5.88 -1.50 -20.51
C TYR C 129 6.58 -2.81 -20.77
N GLY C 130 7.88 -2.73 -20.98
CA GLY C 130 8.68 -3.94 -21.09
C GLY C 130 9.91 -3.85 -20.22
N HIS C 131 9.74 -3.95 -18.93
CA HIS C 131 10.82 -3.58 -18.01
C HIS C 131 11.73 -4.73 -17.61
N TYR C 132 11.25 -5.98 -17.73
CA TYR C 132 12.06 -7.11 -17.32
C TYR C 132 13.39 -7.15 -18.09
N GLN C 133 13.42 -6.53 -19.27
CA GLN C 133 14.62 -6.59 -20.13
C GLN C 133 15.75 -5.68 -19.64
N LEU C 134 15.48 -4.85 -18.63
CA LEU C 134 16.51 -4.01 -18.05
C LEU C 134 17.43 -4.79 -17.12
N TYR C 135 16.95 -5.92 -16.60
CA TYR C 135 17.79 -6.80 -15.82
C TYR C 135 18.81 -7.52 -16.70
N GLY C 136 20.01 -7.68 -16.15
CA GLY C 136 21.09 -8.47 -16.75
C GLY C 136 21.87 -7.78 -17.85
N VAL C 137 21.48 -6.57 -18.20
CA VAL C 137 22.10 -5.91 -19.33
C VAL C 137 23.61 -5.88 -19.17
N GLU C 138 24.10 -5.37 -18.05
CA GLU C 138 25.55 -5.30 -17.87
C GLU C 138 26.21 -6.70 -17.99
N GLU C 139 25.59 -7.74 -17.45
CA GLU C 139 26.22 -9.05 -17.43
C GLU C 139 26.31 -9.56 -18.87
N ALA C 140 25.37 -9.13 -19.71
CA ALA C 140 25.37 -9.48 -21.11
C ALA C 140 26.37 -8.68 -21.94
N LEU C 141 26.48 -7.39 -21.73
CA LEU C 141 27.50 -6.64 -22.43
C LEU C 141 28.88 -7.19 -22.14
N ARG C 142 29.11 -7.51 -20.87
CA ARG C 142 30.35 -8.12 -20.39
C ARG C 142 30.50 -9.57 -20.85
N GLY C 143 29.41 -10.24 -21.16
CA GLY C 143 29.51 -11.56 -21.78
C GLY C 143 29.61 -12.70 -20.78
N THR C 144 29.18 -12.43 -19.57
CA THR C 144 29.10 -13.41 -18.50
C THR C 144 27.69 -13.91 -18.25
N GLY C 145 26.69 -13.33 -18.90
CA GLY C 145 25.35 -13.91 -18.92
C GLY C 145 24.68 -13.62 -20.24
N ALA C 146 23.48 -14.20 -20.41
CA ALA C 146 22.66 -13.95 -21.59
C ALA C 146 21.64 -12.81 -21.38
N ALA C 147 21.14 -12.24 -22.48
CA ALA C 147 20.17 -11.14 -22.40
C ALA C 147 18.76 -11.59 -22.09
N THR C 148 18.03 -10.76 -21.35
CA THR C 148 16.66 -10.98 -21.05
C THR C 148 15.84 -10.32 -22.14
N SER C 149 14.59 -10.72 -22.29
CA SER C 149 13.77 -10.08 -23.30
C SER C 149 12.38 -9.79 -22.81
N SER C 150 11.89 -8.63 -23.20
CA SER C 150 10.52 -8.23 -22.98
C SER C 150 9.80 -7.98 -24.31
N SER C 151 10.06 -8.78 -25.35
CA SER C 151 9.43 -8.55 -26.67
C SER C 151 7.91 -8.57 -26.61
N TYR C 152 7.23 -7.52 -27.08
CA TYR C 152 5.76 -7.51 -26.98
C TYR C 152 5.10 -8.54 -27.90
N ALA C 153 5.59 -8.58 -29.15
CA ALA C 153 5.04 -9.55 -30.13
C ALA C 153 5.11 -10.96 -29.59
N SER C 154 6.18 -11.25 -28.87
CA SER C 154 6.38 -12.55 -28.31
C SER C 154 5.30 -13.01 -27.32
N VAL C 155 4.72 -12.07 -26.59
CA VAL C 155 3.54 -12.33 -25.77
C VAL C 155 2.39 -12.85 -26.63
N ALA C 156 2.15 -12.19 -27.78
CA ALA C 156 1.10 -12.61 -28.69
C ALA C 156 1.51 -13.88 -29.38
N ASN C 157 2.74 -13.93 -29.85
CA ASN C 157 3.17 -15.03 -30.69
C ASN C 157 3.32 -16.36 -29.99
N ARG C 158 3.79 -16.37 -28.75
CA ARG C 158 3.95 -17.61 -28.07
C ARG C 158 2.61 -18.26 -27.71
N VAL C 159 1.59 -17.44 -27.47
CA VAL C 159 0.21 -17.94 -27.28
C VAL C 159 -0.28 -18.56 -28.57
N SER C 160 -0.26 -17.77 -29.65
CA SER C 160 -0.61 -18.28 -30.95
C SER C 160 0.06 -19.62 -31.25
N TYR C 161 1.37 -19.72 -30.99
CA TYR C 161 2.15 -20.93 -31.26
C TYR C 161 1.71 -22.12 -30.40
N PHE C 162 1.61 -21.90 -29.09
CA PHE C 162 1.31 -22.97 -28.16
C PHE C 162 -0.17 -23.42 -28.21
N PHE C 163 -1.09 -22.48 -28.43
CA PHE C 163 -2.50 -22.84 -28.55
C PHE C 163 -2.91 -23.11 -29.96
N ASP C 164 -1.98 -22.92 -30.90
CA ASP C 164 -2.21 -23.27 -32.31
C ASP C 164 -3.33 -22.43 -32.89
N PHE C 165 -3.22 -21.13 -32.65
CA PHE C 165 -4.17 -20.19 -33.21
C PHE C 165 -3.54 -19.54 -34.41
N ASP C 166 -4.10 -19.77 -35.59
CA ASP C 166 -3.48 -19.28 -36.81
C ASP C 166 -4.17 -18.05 -37.36
N GLY C 167 -5.01 -17.38 -36.57
CA GLY C 167 -5.49 -16.07 -36.97
C GLY C 167 -4.43 -14.97 -36.80
N PRO C 168 -4.86 -13.72 -36.95
CA PRO C 168 -3.94 -12.65 -36.65
C PRO C 168 -3.32 -12.88 -35.26
N SER C 169 -2.10 -12.39 -35.05
CA SER C 169 -1.39 -12.47 -33.76
C SER C 169 -0.62 -11.13 -33.55
N ILE C 170 -1.23 -10.26 -32.74
CA ILE C 170 -0.89 -8.87 -32.69
C ILE C 170 -0.71 -8.36 -31.25
N ALA C 171 0.48 -7.80 -30.96
CA ALA C 171 0.66 -7.02 -29.74
C ALA C 171 0.54 -5.56 -30.10
N LEU C 172 -0.09 -4.79 -29.22
CA LEU C 172 -0.26 -3.39 -29.46
C LEU C 172 -0.14 -2.55 -28.18
N ASP C 173 0.28 -1.30 -28.35
CA ASP C 173 0.47 -0.39 -27.23
C ASP C 173 -0.25 0.93 -27.52
N THR C 174 -1.25 1.23 -26.71
CA THR C 174 -1.84 2.56 -26.66
C THR C 174 -1.89 3.09 -25.20
N MSE C 175 -0.90 2.69 -24.39
CA MSE C 175 -0.82 2.99 -22.96
C MSE C 175 -2.04 2.42 -22.24
O MSE C 175 -2.38 1.28 -22.47
CB MSE C 175 -0.55 4.49 -22.74
CG MSE C 175 0.63 4.96 -23.58
SE MSE C 175 1.36 6.66 -22.91
CE MSE C 175 2.57 7.07 -24.42
N CYS C 176 -2.70 3.21 -21.39
CA CYS C 176 -3.74 2.74 -20.44
C CYS C 176 -4.95 2.02 -21.09
N SER C 177 -5.27 2.38 -22.32
CA SER C 177 -6.39 1.77 -23.07
C SER C 177 -6.07 0.51 -23.92
N SER C 178 -4.82 0.07 -23.84
CA SER C 178 -4.34 -1.02 -24.66
C SER C 178 -5.26 -2.22 -24.66
N SER C 179 -5.86 -2.51 -23.52
CA SER C 179 -6.71 -3.67 -23.41
C SER C 179 -7.95 -3.46 -24.22
N LEU C 180 -8.55 -2.26 -24.12
CA LEU C 180 -9.81 -2.01 -24.82
C LEU C 180 -9.61 -1.88 -26.32
N THR C 181 -8.52 -1.25 -26.69
CA THR C 181 -8.07 -1.25 -28.06
C THR C 181 -7.92 -2.67 -28.61
N ALA C 182 -7.38 -3.60 -27.83
CA ALA C 182 -7.20 -4.97 -28.30
C ALA C 182 -8.53 -5.54 -28.64
N LEU C 183 -9.48 -5.33 -27.73
CA LEU C 183 -10.88 -5.78 -27.90
C LEU C 183 -11.47 -5.23 -29.21
N HIS C 184 -11.30 -3.92 -29.43
CA HIS C 184 -11.82 -3.27 -30.60
C HIS C 184 -11.30 -3.96 -31.83
N LEU C 185 -9.97 -4.07 -31.93
CA LEU C 185 -9.35 -4.77 -33.05
C LEU C 185 -9.74 -6.21 -33.14
N ALA C 186 -10.02 -6.84 -32.02
CA ALA C 186 -10.39 -8.23 -32.06
C ALA C 186 -11.78 -8.35 -32.64
N CYS C 187 -12.63 -7.36 -32.31
CA CYS C 187 -13.99 -7.41 -32.77
C CYS C 187 -14.03 -7.14 -34.24
N ARG C 188 -13.36 -6.09 -34.68
CA ARG C 188 -13.29 -5.77 -36.09
C ARG C 188 -12.83 -6.94 -36.90
N ALA C 189 -11.91 -7.72 -36.35
CA ALA C 189 -11.29 -8.82 -37.09
C ALA C 189 -12.17 -10.06 -37.34
N ILE C 190 -13.07 -10.34 -36.42
CA ILE C 190 -14.08 -11.38 -36.57
C ILE C 190 -15.09 -10.91 -37.60
N ARG C 191 -15.57 -9.67 -37.45
CA ARG C 191 -16.46 -9.06 -38.46
C ARG C 191 -15.89 -9.02 -39.90
N ASP C 192 -14.65 -8.59 -40.07
CA ASP C 192 -14.03 -8.49 -41.40
C ASP C 192 -13.54 -9.85 -41.93
N GLY C 193 -13.72 -10.91 -41.16
CA GLY C 193 -13.30 -12.23 -41.60
C GLY C 193 -11.84 -12.63 -41.48
N ASP C 194 -11.01 -11.88 -40.75
CA ASP C 194 -9.62 -12.31 -40.47
C ASP C 194 -9.57 -13.54 -39.56
N CYS C 195 -10.57 -13.64 -38.67
CA CYS C 195 -10.74 -14.82 -37.83
C CYS C 195 -12.20 -15.03 -37.44
N GLU C 196 -12.50 -16.15 -36.80
CA GLU C 196 -13.86 -16.42 -36.32
C GLU C 196 -14.01 -16.30 -34.80
N VAL C 197 -12.99 -16.74 -34.08
CA VAL C 197 -12.89 -16.63 -32.64
C VAL C 197 -11.72 -15.75 -32.38
N ALA C 198 -11.76 -15.02 -31.26
CA ALA C 198 -10.54 -14.32 -30.84
C ALA C 198 -10.29 -14.17 -29.34
N VAL C 199 -9.00 -14.22 -29.01
CA VAL C 199 -8.54 -13.87 -27.69
C VAL C 199 -8.20 -12.41 -27.73
N ALA C 200 -8.84 -11.63 -26.87
CA ALA C 200 -8.41 -10.24 -26.61
C ALA C 200 -8.02 -10.09 -25.16
N GLY C 201 -6.87 -9.46 -24.92
CA GLY C 201 -6.35 -9.29 -23.58
C GLY C 201 -5.42 -8.10 -23.37
N GLY C 202 -4.83 -8.10 -22.17
CA GLY C 202 -3.92 -7.10 -21.72
C GLY C 202 -3.19 -7.61 -20.49
N VAL C 203 -1.96 -7.17 -20.33
CA VAL C 203 -1.16 -7.67 -19.24
C VAL C 203 -0.17 -6.59 -18.82
N ASN C 204 0.07 -6.50 -17.51
CA ASN C 204 1.01 -5.56 -17.01
C ASN C 204 1.69 -6.07 -15.78
N VAL C 205 3.03 -6.12 -15.78
CA VAL C 205 3.80 -6.50 -14.59
C VAL C 205 4.89 -5.48 -14.26
N SER C 206 4.96 -5.09 -13.00
CA SER C 206 5.89 -4.11 -12.57
C SER C 206 7.11 -4.85 -12.06
N SER C 207 7.95 -5.32 -12.97
CA SER C 207 9.09 -6.10 -12.55
C SER C 207 10.30 -5.32 -12.06
N HIS C 208 10.33 -4.02 -12.32
CA HIS C 208 11.56 -3.25 -12.16
C HIS C 208 11.29 -1.87 -11.54
N PRO C 209 12.12 -1.48 -10.56
CA PRO C 209 11.83 -0.18 -9.91
C PRO C 209 11.92 1.08 -10.78
N LEU C 210 12.58 0.99 -11.93
CA LEU C 210 12.75 2.15 -12.85
C LEU C 210 11.38 2.79 -13.10
N LYS C 211 10.36 1.96 -13.22
CA LYS C 211 9.04 2.48 -13.46
C LYS C 211 8.64 3.52 -12.42
N TYR C 212 9.01 3.30 -11.16
CA TYR C 212 8.53 4.17 -10.11
C TYR C 212 9.30 5.48 -10.19
N LEU C 213 10.60 5.40 -10.44
CA LEU C 213 11.37 6.60 -10.74
C LEU C 213 10.78 7.44 -11.90
N GLN C 214 10.38 6.84 -13.04
CA GLN C 214 9.81 7.59 -14.20
C GLN C 214 8.50 8.25 -13.86
N LEU C 215 7.60 7.49 -13.27
CA LEU C 215 6.31 8.00 -12.95
C LEU C 215 6.40 9.14 -11.92
N ALA C 216 7.29 9.02 -10.95
CA ALA C 216 7.56 10.11 -10.00
C ALA C 216 8.05 11.37 -10.72
N LYS C 217 8.99 11.19 -11.67
CA LYS C 217 9.55 12.32 -12.37
C LYS C 217 8.52 13.07 -13.19
N GLY C 218 7.51 12.37 -13.69
CA GLY C 218 6.43 13.02 -14.41
C GLY C 218 5.21 13.42 -13.57
N GLY C 219 5.29 13.23 -12.25
CA GLY C 219 4.29 13.75 -11.37
C GLY C 219 3.02 12.95 -11.28
N PHE C 220 3.05 11.71 -11.77
CA PHE C 220 1.82 10.93 -11.92
C PHE C 220 1.38 10.16 -10.71
N LEU C 221 2.27 9.86 -9.80
CA LEU C 221 1.90 9.04 -8.65
C LEU C 221 1.14 9.92 -7.66
N SER C 222 0.16 9.35 -7.01
CA SER C 222 -0.45 10.01 -5.88
C SER C 222 0.44 9.86 -4.67
N THR C 223 0.30 10.77 -3.71
CA THR C 223 1.13 10.74 -2.50
C THR C 223 0.64 9.77 -1.43
N ASP C 224 -0.64 9.40 -1.46
CA ASP C 224 -1.21 8.42 -0.52
C ASP C 224 -1.31 6.98 -1.07
N GLY C 225 -0.89 6.75 -2.32
CA GLY C 225 -0.88 5.42 -2.90
C GLY C 225 -2.28 4.91 -3.19
N ARG C 226 -3.15 5.82 -3.66
CA ARG C 226 -4.52 5.49 -3.96
C ARG C 226 -4.97 6.12 -5.27
N CYS C 227 -5.94 5.46 -5.92
CA CYS C 227 -6.72 6.08 -6.98
C CYS C 227 -8.05 6.43 -6.34
N ARG C 228 -8.20 7.66 -5.84
CA ARG C 228 -9.49 8.08 -5.33
C ARG C 228 -10.40 8.45 -6.48
N SER C 229 -11.06 7.47 -7.06
CA SER C 229 -11.77 7.75 -8.30
C SER C 229 -12.94 8.70 -8.00
N PHE C 230 -12.85 9.92 -8.50
CA PHE C 230 -13.85 10.96 -8.25
C PHE C 230 -14.01 11.33 -6.77
N GLY C 231 -13.05 10.92 -5.93
CA GLY C 231 -13.09 11.24 -4.53
C GLY C 231 -12.41 12.58 -4.28
N GLU C 232 -12.59 13.10 -3.08
CA GLU C 232 -11.95 14.33 -2.67
C GLU C 232 -10.44 14.14 -2.51
N GLY C 233 -9.65 15.11 -3.01
CA GLY C 233 -8.22 15.14 -2.79
C GLY C 233 -7.38 14.07 -3.52
N GLY C 234 -7.84 13.62 -4.71
CA GLY C 234 -7.09 12.71 -5.51
C GLY C 234 -5.94 13.48 -6.11
N ASP C 235 -4.71 13.03 -5.87
CA ASP C 235 -3.50 13.71 -6.41
C ASP C 235 -2.56 12.84 -7.32
N GLY C 236 -3.16 11.95 -8.09
CA GLY C 236 -2.43 11.05 -8.98
C GLY C 236 -3.05 9.68 -8.92
N TYR C 237 -2.40 8.69 -9.52
CA TYR C 237 -2.85 7.30 -9.43
C TYR C 237 -1.82 6.42 -8.74
N VAL C 238 -2.16 5.15 -8.56
CA VAL C 238 -1.24 4.15 -8.04
C VAL C 238 -1.16 2.93 -8.99
N PRO C 239 0.07 2.53 -9.37
CA PRO C 239 0.26 1.48 -10.34
C PRO C 239 -0.14 0.09 -9.84
N ALA C 240 -0.66 -0.70 -10.76
CA ALA C 240 -1.17 -2.01 -10.46
C ALA C 240 -0.78 -3.01 -11.57
N GLU C 241 -0.81 -4.28 -11.24
CA GLU C 241 -0.40 -5.34 -12.09
C GLU C 241 -1.65 -6.13 -12.43
N GLY C 242 -1.62 -6.92 -13.50
CA GLY C 242 -2.81 -7.61 -13.90
C GLY C 242 -2.61 -8.36 -15.19
N SER C 243 -3.39 -9.42 -15.37
CA SER C 243 -3.42 -10.20 -16.58
C SER C 243 -4.83 -10.67 -16.80
N GLY C 244 -5.34 -10.42 -17.99
CA GLY C 244 -6.72 -10.79 -18.31
C GLY C 244 -6.88 -11.00 -19.80
N ALA C 245 -7.91 -11.74 -20.14
CA ALA C 245 -8.30 -11.90 -21.52
C ALA C 245 -9.73 -12.38 -21.57
N VAL C 246 -10.39 -12.09 -22.68
CA VAL C 246 -11.73 -12.62 -22.92
C VAL C 246 -11.67 -13.39 -24.25
N LEU C 247 -12.62 -14.33 -24.43
CA LEU C 247 -12.78 -15.05 -25.69
C LEU C 247 -14.02 -14.54 -26.37
N LEU C 248 -13.88 -14.22 -27.65
CA LEU C 248 -14.92 -13.59 -28.44
C LEU C 248 -15.31 -14.48 -29.62
N LYS C 249 -16.58 -14.37 -29.97
CA LYS C 249 -17.24 -15.26 -30.90
C LYS C 249 -18.43 -14.52 -31.48
N ARG C 250 -18.91 -14.99 -32.63
CA ARG C 250 -20.18 -14.54 -33.19
C ARG C 250 -21.31 -15.13 -32.35
N ARG C 251 -22.43 -14.42 -32.25
CA ARG C 251 -23.55 -14.95 -31.50
C ARG C 251 -24.00 -16.31 -32.05
N SER C 252 -24.14 -16.41 -33.37
CA SER C 252 -24.65 -17.64 -33.99
C SER C 252 -23.79 -18.83 -33.64
N ALA C 253 -22.48 -18.63 -33.65
CA ALA C 253 -21.57 -19.72 -33.39
C ALA C 253 -21.58 -20.09 -31.92
N ALA C 254 -21.80 -19.09 -31.06
CA ALA C 254 -21.96 -19.35 -29.62
C ALA C 254 -23.22 -20.16 -29.34
N GLU C 255 -24.33 -19.82 -30.01
CA GLU C 255 -25.59 -20.54 -29.81
C GLU C 255 -25.39 -21.97 -30.26
N ALA C 256 -24.91 -22.12 -31.47
CA ALA C 256 -24.72 -23.43 -32.09
C ALA C 256 -23.63 -24.31 -31.45
N ASP C 257 -22.85 -23.79 -30.52
CA ASP C 257 -21.90 -24.64 -29.75
C ASP C 257 -22.36 -24.79 -28.32
N GLY C 258 -23.44 -24.12 -27.97
CA GLY C 258 -23.97 -24.13 -26.61
C GLY C 258 -23.07 -23.47 -25.61
N ASP C 259 -22.42 -22.37 -26.02
CA ASP C 259 -21.54 -21.59 -25.17
C ASP C 259 -22.39 -20.80 -24.15
N ARG C 260 -21.85 -20.63 -22.94
CA ARG C 260 -22.42 -19.73 -21.93
C ARG C 260 -21.99 -18.35 -22.35
N VAL C 261 -22.92 -17.41 -22.48
CA VAL C 261 -22.62 -16.07 -22.98
C VAL C 261 -22.55 -15.08 -21.83
N LEU C 262 -21.39 -14.45 -21.69
CA LEU C 262 -21.09 -13.56 -20.58
C LEU C 262 -21.60 -12.15 -20.86
N ALA C 263 -21.59 -11.75 -22.12
CA ALA C 263 -22.18 -10.48 -22.53
C ALA C 263 -22.14 -10.33 -24.04
N VAL C 264 -22.90 -9.36 -24.52
CA VAL C 264 -22.92 -9.01 -25.94
C VAL C 264 -22.19 -7.70 -26.12
N VAL C 265 -21.29 -7.67 -27.10
CA VAL C 265 -20.52 -6.46 -27.38
C VAL C 265 -21.28 -5.60 -28.37
N ARG C 266 -22.07 -4.67 -27.86
CA ARG C 266 -22.88 -3.80 -28.71
C ARG C 266 -21.97 -2.93 -29.58
N SER C 267 -20.94 -2.35 -28.99
CA SER C 267 -19.99 -1.54 -29.76
C SER C 267 -18.65 -1.32 -29.08
N THR C 268 -17.69 -0.89 -29.89
CA THR C 268 -16.38 -0.48 -29.42
C THR C 268 -15.96 0.69 -30.28
N ALA C 269 -15.04 1.52 -29.77
CA ALA C 269 -14.59 2.72 -30.51
C ALA C 269 -13.25 3.16 -30.01
N VAL C 270 -12.44 3.73 -30.90
CA VAL C 270 -11.15 4.28 -30.52
C VAL C 270 -10.85 5.58 -31.27
N ASN C 271 -10.35 6.55 -30.55
CA ASN C 271 -9.88 7.75 -31.18
C ASN C 271 -8.65 8.28 -30.44
N HIS C 272 -8.29 9.53 -30.69
CA HIS C 272 -7.18 10.14 -29.98
C HIS C 272 -7.58 11.55 -29.62
N GLY C 273 -6.91 12.10 -28.63
CA GLY C 273 -7.19 13.46 -28.21
C GLY C 273 -6.87 14.51 -29.26
N GLY C 274 -6.14 14.13 -30.30
CA GLY C 274 -5.51 15.12 -31.16
C GLY C 274 -4.61 16.10 -30.42
N ALA C 275 -4.60 17.35 -30.87
CA ALA C 275 -3.68 18.36 -30.36
C ALA C 275 -4.48 19.24 -29.44
N GLY C 276 -4.72 18.77 -28.22
CA GLY C 276 -5.52 19.52 -27.26
C GLY C 276 -4.57 20.41 -26.52
N LYS C 277 -4.77 20.62 -25.22
CA LYS C 277 -3.92 21.56 -24.46
C LYS C 277 -2.54 21.00 -24.09
N GLY C 278 -1.83 20.45 -25.08
CA GLY C 278 -0.50 19.86 -24.87
C GLY C 278 -0.43 18.34 -24.96
N PHE C 279 0.78 17.85 -25.20
CA PHE C 279 1.00 16.41 -25.33
C PHE C 279 0.62 15.70 -24.06
N SER C 280 -0.32 14.76 -24.17
CA SER C 280 -0.69 13.89 -23.08
C SER C 280 -1.55 14.56 -22.01
N VAL C 281 -2.42 15.46 -22.43
CA VAL C 281 -3.47 15.97 -21.57
C VAL C 281 -4.83 15.40 -21.99
N PRO C 282 -5.60 14.84 -21.06
CA PRO C 282 -6.95 14.39 -21.47
C PRO C 282 -7.75 15.51 -22.16
N ASN C 283 -8.45 15.12 -23.21
CA ASN C 283 -9.25 16.01 -24.02
C ASN C 283 -10.73 15.63 -23.92
N PRO C 284 -11.51 16.45 -23.22
CA PRO C 284 -12.92 16.12 -23.04
C PRO C 284 -13.67 16.09 -24.34
N ARG C 285 -13.31 16.98 -25.24
CA ARG C 285 -13.99 17.07 -26.51
C ARG C 285 -13.89 15.71 -27.22
N ALA C 286 -12.68 15.14 -27.23
CA ALA C 286 -12.42 13.87 -27.89
C ALA C 286 -13.09 12.67 -27.21
N GLN C 287 -13.26 12.77 -25.90
CA GLN C 287 -13.97 11.76 -25.16
C GLN C 287 -15.46 11.81 -25.47
N GLY C 288 -15.96 13.03 -25.67
CA GLY C 288 -17.38 13.27 -25.95
C GLY C 288 -17.75 12.65 -27.26
N VAL C 289 -16.90 12.86 -28.24
CA VAL C 289 -17.08 12.26 -29.54
C VAL C 289 -17.05 10.75 -29.44
N LEU C 290 -15.96 10.22 -28.88
CA LEU C 290 -15.78 8.77 -28.80
C LEU C 290 -16.99 8.09 -28.19
N ILE C 291 -17.46 8.62 -27.07
CA ILE C 291 -18.54 7.97 -26.33
C ILE C 291 -19.89 8.18 -27.02
N GLY C 292 -20.10 9.35 -27.63
CA GLY C 292 -21.29 9.61 -28.44
C GLY C 292 -21.40 8.64 -29.63
N GLU C 293 -20.28 8.40 -30.30
CA GLU C 293 -20.27 7.48 -31.42
C GLU C 293 -20.46 6.07 -30.97
N ALA C 294 -19.90 5.76 -29.81
CA ALA C 294 -20.01 4.42 -29.27
C ALA C 294 -21.47 4.09 -28.93
N LEU C 295 -22.22 5.09 -28.48
CA LEU C 295 -23.64 4.93 -28.25
C LEU C 295 -24.38 4.68 -29.54
N GLU C 296 -24.13 5.53 -30.53
CA GLU C 296 -24.80 5.40 -31.83
C GLU C 296 -24.68 3.99 -32.40
N ARG C 297 -23.46 3.60 -32.82
CA ARG C 297 -23.16 2.22 -33.27
C ARG C 297 -23.81 1.11 -32.45
N ALA C 298 -24.04 1.36 -31.17
CA ALA C 298 -24.65 0.36 -30.31
C ALA C 298 -26.17 0.48 -30.27
N GLY C 299 -26.70 1.60 -30.76
CA GLY C 299 -28.14 1.86 -30.73
C GLY C 299 -28.65 2.11 -29.32
N LEU C 300 -27.92 2.88 -28.54
CA LEU C 300 -28.28 3.08 -27.16
C LEU C 300 -28.37 4.55 -26.82
N ALA C 301 -29.30 4.85 -25.94
CA ALA C 301 -29.47 6.19 -25.42
C ALA C 301 -29.08 6.20 -23.94
N PRO C 302 -28.51 7.31 -23.46
CA PRO C 302 -28.10 7.36 -22.06
C PRO C 302 -29.22 7.03 -21.09
N ALA C 303 -30.47 7.28 -21.51
CA ALA C 303 -31.64 6.86 -20.74
C ALA C 303 -31.56 5.38 -20.30
N ASP C 304 -31.09 4.52 -21.21
CA ASP C 304 -31.05 3.07 -21.01
C ASP C 304 -29.69 2.49 -20.49
N LEU C 305 -28.73 3.34 -20.14
CA LEU C 305 -27.44 2.85 -19.67
C LEU C 305 -27.48 2.52 -18.18
N GLY C 306 -27.11 1.28 -17.84
CA GLY C 306 -27.30 0.72 -16.50
C GLY C 306 -26.16 0.93 -15.53
N TYR C 307 -24.94 1.07 -16.05
CA TYR C 307 -23.76 1.32 -15.22
C TYR C 307 -22.64 1.81 -16.12
N LEU C 308 -21.78 2.65 -15.57
CA LEU C 308 -20.68 3.19 -16.33
C LEU C 308 -19.39 2.96 -15.58
N GLU C 309 -18.49 2.21 -16.21
CA GLU C 309 -17.21 1.88 -15.60
C GLU C 309 -16.24 2.91 -16.13
N ALA C 310 -16.08 4.02 -15.42
CA ALA C 310 -15.20 5.10 -15.83
C ALA C 310 -13.70 4.75 -15.77
N HIS C 311 -12.90 5.56 -16.46
CA HIS C 311 -11.45 5.48 -16.37
C HIS C 311 -11.05 5.63 -14.89
N GLY C 312 -11.57 6.66 -14.23
CA GLY C 312 -11.59 6.71 -12.76
C GLY C 312 -10.22 6.80 -12.14
N THR C 313 -9.38 7.61 -12.75
CA THR C 313 -7.98 7.63 -12.46
C THR C 313 -7.63 8.29 -11.10
N GLY C 314 -8.46 9.21 -10.63
CA GLY C 314 -8.25 9.86 -9.34
C GLY C 314 -7.31 11.07 -9.35
N THR C 315 -7.18 11.74 -10.50
CA THR C 315 -6.33 12.92 -10.59
C THR C 315 -7.21 14.11 -10.33
N SER C 316 -6.59 15.24 -9.99
CA SER C 316 -7.34 16.46 -9.70
C SER C 316 -7.96 17.05 -10.97
N LEU C 317 -7.24 16.98 -12.08
CA LEU C 317 -7.73 17.52 -13.35
C LEU C 317 -8.45 16.44 -14.20
N GLY C 318 -7.91 15.21 -14.20
CA GLY C 318 -8.42 14.14 -15.05
C GLY C 318 -9.83 13.63 -14.79
N ASP C 319 -10.24 13.60 -13.53
CA ASP C 319 -11.58 13.13 -13.20
C ASP C 319 -12.62 14.16 -13.66
N PRO C 320 -12.41 15.45 -13.36
CA PRO C 320 -13.33 16.43 -13.91
C PRO C 320 -13.47 16.32 -15.41
N VAL C 321 -12.35 16.17 -16.09
CA VAL C 321 -12.36 16.07 -17.55
C VAL C 321 -13.17 14.88 -18.03
N GLU C 322 -12.98 13.72 -17.40
CA GLU C 322 -13.75 12.53 -17.77
C GLU C 322 -15.27 12.78 -17.72
N ILE C 323 -15.72 13.51 -16.69
CA ILE C 323 -17.14 13.86 -16.53
C ILE C 323 -17.60 14.91 -17.54
N THR C 324 -16.79 15.95 -17.70
CA THR C 324 -16.97 16.85 -18.80
C THR C 324 -17.15 16.03 -20.04
N GLY C 325 -16.25 15.06 -20.25
CA GLY C 325 -16.33 14.13 -21.39
C GLY C 325 -17.70 13.51 -21.58
N LEU C 326 -18.30 13.02 -20.49
CA LEU C 326 -19.58 12.31 -20.54
C LEU C 326 -20.81 13.21 -20.73
N VAL C 327 -20.77 14.42 -20.15
CA VAL C 327 -21.81 15.40 -20.42
C VAL C 327 -21.91 15.72 -21.90
N ARG C 328 -20.74 15.91 -22.54
CA ARG C 328 -20.71 16.26 -23.96
C ARG C 328 -21.30 15.16 -24.80
N ALA C 329 -20.99 13.93 -24.43
CA ALA C 329 -21.45 12.79 -25.17
C ALA C 329 -22.95 12.60 -24.99
N PHE C 330 -23.51 13.27 -24.00
CA PHE C 330 -24.93 13.17 -23.69
C PHE C 330 -25.74 14.38 -24.18
N GLN C 331 -25.09 15.35 -24.81
CA GLN C 331 -25.80 16.54 -25.29
C GLN C 331 -26.76 16.19 -26.40
N GLY C 332 -27.94 16.81 -26.38
CA GLY C 332 -29.01 16.49 -27.33
C GLY C 332 -29.58 15.10 -27.07
N HIS C 333 -29.92 14.84 -25.81
CA HIS C 333 -30.56 13.60 -25.37
C HIS C 333 -31.39 13.89 -24.15
N ASP C 334 -32.48 13.16 -23.97
CA ASP C 334 -33.29 13.39 -22.78
C ASP C 334 -32.63 12.79 -21.56
N LEU C 335 -32.21 13.64 -20.63
CA LEU C 335 -31.57 13.22 -19.39
C LEU C 335 -32.45 13.45 -18.18
N THR C 336 -33.76 13.50 -18.40
CA THR C 336 -34.75 13.72 -17.35
C THR C 336 -35.08 12.41 -16.66
N GLY C 337 -35.05 12.42 -15.31
CA GLY C 337 -35.31 11.22 -14.49
C GLY C 337 -34.29 10.11 -14.69
N VAL C 338 -33.10 10.47 -15.17
CA VAL C 338 -32.08 9.51 -15.53
C VAL C 338 -30.99 9.52 -14.48
N ARG C 339 -30.79 8.36 -13.85
CA ARG C 339 -29.77 8.18 -12.80
CA ARG C 339 -29.74 8.20 -12.85
C ARG C 339 -28.86 6.99 -13.17
N ILE C 340 -27.61 7.27 -13.53
CA ILE C 340 -26.64 6.22 -13.92
C ILE C 340 -25.53 5.99 -12.88
N PRO C 341 -25.49 4.81 -12.25
CA PRO C 341 -24.38 4.60 -11.33
C PRO C 341 -23.07 4.55 -12.06
N ILE C 342 -22.03 5.04 -11.41
CA ILE C 342 -20.70 5.15 -12.00
C ILE C 342 -19.69 4.66 -10.96
N GLY C 343 -18.55 4.19 -11.46
CA GLY C 343 -17.48 3.63 -10.63
C GLY C 343 -16.20 3.24 -11.39
N SER C 344 -15.18 2.86 -10.64
CA SER C 344 -13.95 2.47 -11.24
C SER C 344 -13.27 1.47 -10.39
N VAL C 345 -13.07 0.28 -10.94
CA VAL C 345 -12.28 -0.74 -10.29
C VAL C 345 -10.89 -0.25 -9.85
N LYS C 346 -10.40 0.84 -10.43
CA LYS C 346 -9.11 1.41 -10.02
C LYS C 346 -8.99 1.82 -8.57
N SER C 347 -10.13 2.15 -7.98
CA SER C 347 -10.21 2.58 -6.57
C SER C 347 -9.86 1.45 -5.61
N GLY C 348 -10.12 0.21 -6.01
CA GLY C 348 -9.80 -0.95 -5.20
C GLY C 348 -8.44 -1.57 -5.46
N ILE C 349 -8.05 -1.65 -6.73
CA ILE C 349 -6.83 -2.36 -7.11
C ILE C 349 -5.67 -1.50 -7.66
N GLY C 350 -5.94 -0.23 -7.91
CA GLY C 350 -5.01 0.64 -8.51
C GLY C 350 -5.20 0.67 -10.00
N HIS C 351 -4.26 1.32 -10.65
CA HIS C 351 -4.31 1.54 -12.09
C HIS C 351 -3.44 0.50 -12.82
N ALA C 352 -4.07 -0.54 -13.37
CA ALA C 352 -3.30 -1.68 -13.91
C ALA C 352 -2.68 -1.38 -15.30
N GLU C 353 -2.75 -0.13 -15.70
CA GLU C 353 -2.03 0.36 -16.86
C GLU C 353 -2.48 -0.38 -18.12
N SER C 354 -1.57 -1.07 -18.81
CA SER C 354 -1.97 -1.79 -20.04
C SER C 354 -3.07 -2.77 -19.75
N ALA C 355 -3.18 -3.31 -18.54
CA ALA C 355 -4.27 -4.24 -18.23
C ALA C 355 -5.45 -3.61 -17.58
N ALA C 356 -5.47 -2.28 -17.54
CA ALA C 356 -6.59 -1.59 -16.90
C ALA C 356 -7.97 -1.92 -17.46
N GLY C 357 -8.09 -1.91 -18.79
CA GLY C 357 -9.37 -2.14 -19.42
C GLY C 357 -9.92 -3.55 -19.19
N MSE C 358 -9.03 -4.53 -19.12
CA MSE C 358 -9.38 -5.89 -18.78
C MSE C 358 -9.93 -6.02 -17.38
O MSE C 358 -10.96 -6.62 -17.18
CB MSE C 358 -8.14 -6.80 -18.91
CG MSE C 358 -7.88 -7.21 -20.36
SE MSE C 358 -9.36 -8.32 -21.02
CE MSE C 358 -9.77 -7.26 -22.62
N ALA C 359 -9.27 -5.46 -16.38
CA ALA C 359 -9.88 -5.44 -15.04
C ALA C 359 -11.23 -4.67 -15.02
N ALA C 360 -11.30 -3.52 -15.71
CA ALA C 360 -12.56 -2.80 -15.86
C ALA C 360 -13.61 -3.69 -16.49
N LEU C 361 -13.25 -4.28 -17.62
CA LEU C 361 -14.16 -5.14 -18.37
C LEU C 361 -14.64 -6.31 -17.51
N THR C 362 -13.68 -6.99 -16.90
CA THR C 362 -13.97 -8.13 -16.07
C THR C 362 -14.84 -7.76 -14.89
N LYS C 363 -14.64 -6.57 -14.33
CA LYS C 363 -15.52 -6.12 -13.27
C LYS C 363 -16.94 -6.18 -13.75
N VAL C 364 -17.21 -5.55 -14.88
CA VAL C 364 -18.54 -5.57 -15.43
C VAL C 364 -19.07 -6.97 -15.74
N LEU C 365 -18.27 -7.81 -16.35
CA LEU C 365 -18.78 -9.15 -16.65
C LEU C 365 -19.22 -9.83 -15.36
N LEU C 366 -18.43 -9.75 -14.29
CA LEU C 366 -18.85 -10.36 -13.04
C LEU C 366 -20.02 -9.64 -12.42
N GLN C 367 -20.18 -8.34 -12.71
CA GLN C 367 -21.38 -7.61 -12.28
C GLN C 367 -22.61 -8.09 -13.04
N PHE C 368 -22.45 -8.42 -14.31
CA PHE C 368 -23.53 -9.04 -15.07
C PHE C 368 -23.91 -10.43 -14.52
N ARG C 369 -22.93 -11.31 -14.39
CA ARG C 369 -23.19 -12.66 -13.86
C ARG C 369 -23.94 -12.63 -12.53
N HIS C 370 -23.54 -11.80 -11.57
CA HIS C 370 -24.17 -11.84 -10.26
C HIS C 370 -25.26 -10.80 -10.09
N GLN C 371 -25.45 -9.89 -11.04
CA GLN C 371 -26.56 -8.92 -10.94
C GLN C 371 -26.44 -7.98 -9.75
N GLU C 372 -25.22 -7.71 -9.31
CA GLU C 372 -24.97 -6.75 -8.24
C GLU C 372 -24.03 -5.66 -8.74
N LEU C 373 -24.11 -4.50 -8.07
CA LEU C 373 -23.16 -3.40 -8.26
C LEU C 373 -22.23 -3.35 -7.04
N VAL C 374 -20.93 -3.36 -7.29
CA VAL C 374 -19.97 -3.43 -6.20
C VAL C 374 -19.53 -2.03 -5.89
N PRO C 375 -18.90 -1.84 -4.72
CA PRO C 375 -18.44 -0.54 -4.30
C PRO C 375 -17.35 0.04 -5.17
N SER C 376 -17.34 1.37 -5.24
CA SER C 376 -16.19 2.15 -5.64
C SER C 376 -15.68 2.87 -4.37
N LEU C 377 -14.40 2.66 -4.06
CA LEU C 377 -13.80 3.10 -2.82
C LEU C 377 -13.31 4.57 -2.86
N HIS C 378 -12.89 5.05 -1.68
CA HIS C 378 -12.16 6.31 -1.46
C HIS C 378 -12.82 7.58 -2.00
N ALA C 379 -14.15 7.59 -2.01
CA ALA C 379 -14.90 8.76 -2.42
C ALA C 379 -16.11 9.03 -1.50
N GLU C 380 -15.91 8.78 -0.21
CA GLU C 380 -16.87 9.14 0.84
C GLU C 380 -17.40 10.55 0.59
N ARG C 381 -16.49 11.49 0.40
CA ARG C 381 -16.82 12.82 -0.10
C ARG C 381 -16.33 12.86 -1.54
N LEU C 382 -17.07 13.55 -2.41
CA LEU C 382 -16.72 13.67 -3.83
C LEU C 382 -15.73 14.77 -4.08
N ASN C 383 -14.95 14.64 -5.15
CA ASN C 383 -14.17 15.72 -5.69
C ASN C 383 -15.13 16.88 -6.03
N PRO C 384 -15.05 17.97 -5.25
CA PRO C 384 -16.03 19.07 -5.32
C PRO C 384 -16.09 19.81 -6.67
N HIS C 385 -15.05 19.72 -7.49
CA HIS C 385 -15.04 20.38 -8.80
C HIS C 385 -15.77 19.61 -9.91
N LEU C 386 -16.39 18.49 -9.55
CA LEU C 386 -17.20 17.72 -10.48
C LEU C 386 -18.57 18.36 -10.67
N ASP C 387 -19.23 18.68 -9.55
CA ASP C 387 -20.66 19.07 -9.55
C ASP C 387 -21.46 17.93 -10.19
N LEU C 388 -21.33 16.77 -9.57
CA LEU C 388 -21.81 15.53 -10.13
C LEU C 388 -23.29 15.35 -9.91
N ASP C 389 -23.91 16.26 -9.17
CA ASP C 389 -25.33 16.17 -8.92
C ASP C 389 -26.14 16.91 -9.99
N ALA C 390 -25.48 17.77 -10.77
CA ALA C 390 -26.13 18.37 -11.96
C ALA C 390 -26.04 17.43 -13.17
N THR C 391 -25.63 16.19 -12.92
CA THR C 391 -25.45 15.19 -13.96
C THR C 391 -26.17 13.93 -13.55
N PRO C 392 -26.37 12.99 -14.50
CA PRO C 392 -27.03 11.74 -14.16
C PRO C 392 -26.24 10.82 -13.23
N PHE C 393 -24.94 11.05 -13.06
CA PHE C 393 -24.07 10.01 -12.53
C PHE C 393 -24.07 10.01 -11.00
N ARG C 394 -24.08 8.83 -10.41
CA ARG C 394 -24.07 8.69 -8.96
C ARG C 394 -23.09 7.61 -8.57
N LEU C 395 -22.09 8.02 -7.81
CA LEU C 395 -21.01 7.16 -7.41
C LEU C 395 -21.59 5.97 -6.64
N GLN C 396 -21.11 4.78 -6.94
CA GLN C 396 -21.61 3.57 -6.30
C GLN C 396 -20.73 3.20 -5.11
N ARG C 397 -21.06 3.74 -3.96
CA ARG C 397 -20.29 3.52 -2.74
C ARG C 397 -20.59 2.20 -2.03
N ASP C 398 -21.78 1.64 -2.26
CA ASP C 398 -22.28 0.43 -1.56
C ASP C 398 -22.50 -0.77 -2.49
N LEU C 399 -22.45 -1.97 -1.94
CA LEU C 399 -22.96 -3.18 -2.61
C LEU C 399 -24.48 -3.09 -2.71
N ALA C 400 -25.02 -3.29 -3.89
CA ALA C 400 -26.46 -3.16 -4.10
C ALA C 400 -26.87 -4.18 -5.15
N PRO C 401 -28.15 -4.61 -5.16
CA PRO C 401 -28.62 -5.38 -6.30
C PRO C 401 -28.76 -4.46 -7.50
N TRP C 402 -28.43 -5.01 -8.67
CA TRP C 402 -28.54 -4.29 -9.92
C TRP C 402 -29.94 -4.57 -10.47
N THR C 403 -30.92 -3.81 -9.99
CA THR C 403 -32.25 -3.89 -10.54
C THR C 403 -32.22 -3.38 -11.96
N PRO C 404 -32.97 -4.02 -12.86
CA PRO C 404 -32.88 -3.60 -14.24
C PRO C 404 -33.88 -2.49 -14.58
N ARG C 405 -33.84 -2.04 -15.84
CA ARG C 405 -34.87 -1.17 -16.41
C ARG C 405 -36.07 -2.02 -16.86
N VAL C 406 -37.19 -1.35 -17.13
CA VAL C 406 -38.42 -2.03 -17.51
C VAL C 406 -39.08 -1.35 -18.71
N ASP C 407 -39.47 -2.12 -19.72
CA ASP C 407 -40.37 -1.58 -20.76
C ASP C 407 -41.75 -1.33 -20.13
N ALA C 408 -42.65 -0.67 -20.88
CA ALA C 408 -43.98 -0.31 -20.34
C ALA C 408 -44.93 -1.51 -20.15
N THR C 409 -44.57 -2.69 -20.65
CA THR C 409 -45.20 -3.96 -20.24
C THR C 409 -44.95 -4.28 -18.76
N GLY C 410 -43.89 -3.68 -18.19
CA GLY C 410 -43.37 -4.04 -16.86
C GLY C 410 -42.32 -5.14 -16.94
N ARG C 411 -41.75 -5.36 -18.12
CA ARG C 411 -40.83 -6.48 -18.36
C ARG C 411 -39.37 -6.03 -18.28
N ALA C 412 -38.52 -6.93 -17.81
CA ALA C 412 -37.12 -6.62 -17.50
C ALA C 412 -36.24 -6.58 -18.75
N LEU C 413 -35.67 -5.42 -19.05
CA LEU C 413 -34.76 -5.29 -20.19
C LEU C 413 -33.41 -5.85 -19.77
N PRO C 414 -32.63 -6.40 -20.72
CA PRO C 414 -31.26 -6.79 -20.35
C PRO C 414 -30.44 -5.60 -19.93
N ARG C 415 -29.54 -5.83 -18.99
CA ARG C 415 -28.72 -4.78 -18.41
C ARG C 415 -27.57 -4.41 -19.34
N THR C 416 -27.19 -3.16 -19.30
CA THR C 416 -26.20 -2.60 -20.18
C THR C 416 -25.13 -1.83 -19.37
N ALA C 417 -23.93 -1.74 -19.95
CA ALA C 417 -22.80 -1.04 -19.33
C ALA C 417 -21.88 -0.44 -20.38
N ALA C 418 -21.20 0.64 -20.01
CA ALA C 418 -20.20 1.29 -20.85
C ALA C 418 -18.89 1.37 -20.08
N ILE C 419 -17.78 1.18 -20.77
CA ILE C 419 -16.50 1.19 -20.14
C ILE C 419 -15.57 2.10 -20.89
N SER C 420 -14.92 3.01 -20.17
CA SER C 420 -13.97 3.93 -20.76
C SER C 420 -12.52 3.61 -20.38
N ALA C 421 -11.60 3.90 -21.29
CA ALA C 421 -10.17 3.84 -21.01
C ALA C 421 -9.42 4.84 -21.86
N PHE C 422 -8.75 5.77 -21.18
CA PHE C 422 -8.03 6.90 -21.75
C PHE C 422 -6.55 6.81 -21.55
N GLY C 423 -5.82 6.57 -22.60
CA GLY C 423 -4.38 6.44 -22.48
C GLY C 423 -3.76 7.77 -22.16
N ALA C 424 -2.74 7.77 -21.32
CA ALA C 424 -2.00 8.99 -20.98
C ALA C 424 -1.59 9.76 -22.23
N GLY C 425 -1.08 9.02 -23.21
CA GLY C 425 -0.62 9.61 -24.45
C GLY C 425 -1.69 10.09 -25.42
N GLY C 426 -2.97 9.89 -25.10
CA GLY C 426 -4.07 10.39 -25.93
C GLY C 426 -5.09 9.38 -26.44
N SER C 427 -4.64 8.13 -26.68
CA SER C 427 -5.44 7.09 -27.28
C SER C 427 -6.62 6.70 -26.36
N ASN C 428 -7.83 6.84 -26.90
CA ASN C 428 -9.02 6.52 -26.14
C ASN C 428 -9.70 5.29 -26.73
N ALA C 429 -10.47 4.63 -25.89
CA ALA C 429 -11.23 3.47 -26.31
C ALA C 429 -12.46 3.48 -25.44
N HIS C 430 -13.55 2.95 -25.95
CA HIS C 430 -14.77 2.85 -25.17
C HIS C 430 -15.55 1.64 -25.69
N VAL C 431 -16.35 1.03 -24.85
CA VAL C 431 -17.03 -0.17 -25.24
C VAL C 431 -18.36 -0.21 -24.54
N ILE C 432 -19.39 -0.59 -25.29
CA ILE C 432 -20.72 -0.77 -24.72
C ILE C 432 -21.01 -2.26 -24.70
N LEU C 433 -21.51 -2.74 -23.56
CA LEU C 433 -21.75 -4.15 -23.36
C LEU C 433 -23.19 -4.35 -22.97
N GLU C 434 -23.75 -5.52 -23.29
CA GLU C 434 -25.10 -5.86 -22.82
C GLU C 434 -25.18 -7.27 -22.29
N GLU C 435 -26.03 -7.44 -21.27
CA GLU C 435 -26.30 -8.74 -20.64
C GLU C 435 -26.89 -9.69 -21.69
N SER C 436 -26.54 -10.97 -21.59
CA SER C 436 -27.09 -11.95 -22.49
C SER C 436 -28.30 -12.61 -21.87
N VAL C 437 -29.36 -12.66 -22.67
CA VAL C 437 -30.56 -13.42 -22.36
C VAL C 437 -30.25 -14.92 -22.48
N PRO C 438 -30.21 -15.65 -21.34
CA PRO C 438 -29.98 -17.10 -21.38
C PRO C 438 -31.23 -17.86 -21.89
N PRO C 439 -31.09 -18.61 -22.99
CA PRO C 439 -32.27 -19.28 -23.56
C PRO C 439 -32.59 -20.61 -22.87
N THR C 440 -33.69 -20.67 -22.11
CA THR C 440 -34.05 -21.86 -21.31
C THR C 440 -33.65 -23.15 -22.04
N GLN C 441 -32.72 -23.87 -21.43
CA GLN C 441 -32.08 -25.03 -22.04
C GLN C 441 -32.80 -26.33 -21.65
N THR C 442 -32.36 -27.43 -22.26
CA THR C 442 -32.98 -28.74 -22.09
C THR C 442 -32.80 -29.28 -20.68
N PRO C 443 -33.66 -30.23 -20.24
CA PRO C 443 -33.44 -30.83 -18.93
C PRO C 443 -32.16 -31.61 -18.96
N ALA C 444 -31.56 -31.78 -17.79
CA ALA C 444 -30.21 -32.30 -17.70
C ALA C 444 -30.22 -33.76 -17.30
N GLN C 445 -29.13 -34.43 -17.64
CA GLN C 445 -28.93 -35.85 -17.36
C GLN C 445 -29.07 -36.23 -15.89
N GLU C 446 -29.62 -37.42 -15.66
CA GLU C 446 -29.78 -37.95 -14.32
C GLU C 446 -28.51 -38.63 -13.84
N PRO C 447 -28.42 -38.86 -12.51
CA PRO C 447 -27.31 -39.64 -12.02
C PRO C 447 -27.32 -41.03 -12.65
N PRO C 448 -26.20 -41.74 -12.57
CA PRO C 448 -24.94 -41.28 -12.01
C PRO C 448 -24.18 -40.43 -13.01
N TYR C 449 -23.17 -39.73 -12.52
CA TYR C 449 -22.32 -38.91 -13.36
C TYR C 449 -20.92 -39.38 -13.14
N VAL C 450 -20.03 -38.99 -14.06
CA VAL C 450 -18.61 -39.31 -13.94
C VAL C 450 -17.79 -38.04 -13.78
N CYS C 451 -16.90 -38.05 -12.79
CA CYS C 451 -15.97 -36.96 -12.55
C CYS C 451 -14.65 -37.45 -13.07
N ALA C 452 -14.20 -36.83 -14.16
CA ALA C 452 -12.94 -37.16 -14.80
C ALA C 452 -12.03 -35.99 -14.63
N LEU C 453 -10.92 -36.16 -13.91
CA LEU C 453 -9.90 -35.14 -13.83
C LEU C 453 -8.61 -35.68 -14.41
N SER C 454 -7.79 -34.75 -14.92
CA SER C 454 -6.44 -35.07 -15.37
C SER C 454 -5.50 -33.93 -15.08
N ALA C 455 -4.23 -34.27 -15.11
CA ALA C 455 -3.16 -33.32 -14.96
C ALA C 455 -1.90 -33.92 -15.54
N ARG C 456 -0.91 -33.08 -15.70
CA ARG C 456 0.33 -33.45 -16.34
C ARG C 456 1.22 -34.40 -15.50
N ASP C 457 1.03 -34.40 -14.17
CA ASP C 457 1.75 -35.32 -13.26
C ASP C 457 0.96 -35.52 -11.97
N ALA C 458 1.41 -36.45 -11.11
CA ALA C 458 0.68 -36.76 -9.85
C ALA C 458 0.51 -35.53 -8.94
N GLU C 459 1.61 -34.79 -8.78
CA GLU C 459 1.68 -33.64 -7.91
C GLU C 459 0.61 -32.62 -8.38
N ARG C 460 0.53 -32.38 -9.69
CA ARG C 460 -0.48 -31.48 -10.25
C ARG C 460 -1.89 -32.02 -10.05
N LEU C 461 -2.05 -33.30 -10.31
CA LEU C 461 -3.35 -33.97 -10.16
C LEU C 461 -3.86 -33.86 -8.73
N HIS C 462 -2.96 -34.12 -7.78
CA HIS C 462 -3.28 -34.01 -6.35
C HIS C 462 -3.84 -32.62 -5.99
N GLU C 463 -3.18 -31.56 -6.45
CA GLU C 463 -3.61 -30.19 -6.13
C GLU C 463 -4.89 -29.84 -6.87
N HIS C 464 -4.97 -30.24 -8.13
CA HIS C 464 -6.22 -30.09 -8.90
C HIS C 464 -7.37 -30.70 -8.12
N THR C 465 -7.22 -31.98 -7.79
CA THR C 465 -8.22 -32.68 -7.03
C THR C 465 -8.61 -31.91 -5.74
N ALA C 466 -7.62 -31.60 -4.92
CA ALA C 466 -7.86 -30.81 -3.70
C ALA C 466 -8.70 -29.56 -3.96
N ARG C 467 -8.29 -28.72 -4.91
CA ARG C 467 -8.96 -27.44 -5.15
C ARG C 467 -10.36 -27.67 -5.65
N THR C 468 -10.54 -28.76 -6.36
CA THR C 468 -11.83 -29.12 -6.92
C THR C 468 -12.74 -29.53 -5.81
N ALA C 469 -12.19 -30.35 -4.91
CA ALA C 469 -12.92 -30.77 -3.70
C ALA C 469 -13.30 -29.57 -2.81
N GLU C 470 -12.30 -28.77 -2.48
CA GLU C 470 -12.52 -27.52 -1.74
C GLU C 470 -13.65 -26.70 -2.41
N PHE C 471 -13.69 -26.67 -3.72
CA PHE C 471 -14.67 -25.85 -4.44
C PHE C 471 -16.08 -26.34 -4.20
N LEU C 472 -16.25 -27.65 -4.37
CA LEU C 472 -17.54 -28.29 -4.22
C LEU C 472 -18.08 -28.08 -2.81
N ARG C 473 -17.19 -28.09 -1.81
CA ARG C 473 -17.55 -27.74 -0.41
C ARG C 473 -17.91 -26.28 -0.19
N GLY C 474 -17.35 -25.38 -1.01
CA GLY C 474 -17.60 -23.96 -0.88
C GLY C 474 -18.62 -23.44 -1.86
N GLU C 475 -18.13 -22.71 -2.84
CA GLU C 475 -18.98 -21.94 -3.73
C GLU C 475 -19.71 -22.87 -4.68
N GLY C 476 -19.21 -24.10 -4.81
CA GLY C 476 -19.77 -25.06 -5.71
C GLY C 476 -20.85 -25.99 -5.18
N ARG C 477 -21.18 -25.91 -3.89
CA ARG C 477 -22.20 -26.83 -3.30
C ARG C 477 -23.51 -26.84 -4.09
N ALA C 478 -23.97 -25.64 -4.42
CA ALA C 478 -25.26 -25.43 -5.07
C ALA C 478 -25.23 -25.55 -6.59
N ALA C 479 -24.07 -25.94 -7.12
CA ALA C 479 -23.96 -26.26 -8.53
C ALA C 479 -24.80 -27.51 -8.84
N HIS C 480 -25.31 -27.58 -10.06
CA HIS C 480 -26.02 -28.76 -10.55
C HIS C 480 -24.94 -29.77 -10.93
N PRO C 481 -24.98 -31.00 -10.37
CA PRO C 481 -23.89 -31.96 -10.63
C PRO C 481 -23.66 -32.36 -12.09
N ALA C 482 -24.63 -32.18 -12.96
CA ALA C 482 -24.42 -32.45 -14.37
C ALA C 482 -23.54 -31.37 -14.99
N ALA C 483 -23.71 -30.15 -14.52
CA ALA C 483 -22.89 -29.04 -14.98
C ALA C 483 -21.42 -29.29 -14.65
N VAL C 484 -21.20 -29.85 -13.47
CA VAL C 484 -19.86 -30.10 -12.98
C VAL C 484 -19.16 -31.12 -13.85
N ALA C 485 -19.83 -32.26 -13.99
CA ALA C 485 -19.29 -33.39 -14.74
C ALA C 485 -18.97 -32.97 -16.16
N ALA C 486 -19.89 -32.21 -16.76
CA ALA C 486 -19.86 -31.90 -18.20
C ALA C 486 -18.70 -31.00 -18.53
N THR C 487 -18.62 -29.92 -17.76
CA THR C 487 -17.59 -28.95 -17.91
C THR C 487 -16.22 -29.58 -17.80
N LEU C 488 -16.01 -30.37 -16.75
CA LEU C 488 -14.76 -31.14 -16.59
C LEU C 488 -14.42 -31.95 -17.83
N LEU C 489 -15.43 -32.49 -18.48
CA LEU C 489 -15.19 -33.26 -19.68
C LEU C 489 -14.81 -32.46 -20.94
N THR C 490 -14.98 -31.13 -20.91
CA THR C 490 -14.51 -30.27 -22.01
C THR C 490 -13.03 -29.95 -21.89
N ARG C 491 -12.42 -30.29 -20.75
CA ARG C 491 -11.04 -29.99 -20.55
C ARG C 491 -10.14 -30.96 -21.24
N GLU C 492 -9.08 -30.41 -21.83
CA GLU C 492 -8.07 -31.17 -22.51
C GLU C 492 -7.53 -32.31 -21.63
N PRO C 493 -7.70 -33.56 -22.09
CA PRO C 493 -7.21 -34.69 -21.29
C PRO C 493 -5.69 -34.74 -21.21
N MSE C 494 -5.17 -34.88 -20.00
CA MSE C 494 -3.75 -35.06 -19.76
C MSE C 494 -3.44 -36.43 -19.17
O MSE C 494 -4.34 -37.17 -18.76
CB MSE C 494 -3.33 -33.96 -18.79
CG MSE C 494 -3.46 -32.56 -19.37
SE MSE C 494 -2.82 -31.17 -18.09
CE MSE C 494 -4.35 -29.97 -18.46
N ALA C 495 -2.14 -36.72 -19.07
CA ALA C 495 -1.54 -38.00 -18.72
C ALA C 495 -2.00 -38.64 -17.43
N HIS C 496 -2.01 -37.90 -16.33
CA HIS C 496 -2.39 -38.46 -15.08
C HIS C 496 -3.88 -38.24 -14.91
N ARG C 497 -4.57 -39.32 -14.54
CA ARG C 497 -6.02 -39.46 -14.65
C ARG C 497 -6.66 -39.93 -13.35
N LEU C 498 -7.85 -39.41 -13.13
CA LEU C 498 -8.62 -39.68 -11.96
C LEU C 498 -10.08 -39.61 -12.36
N ALA C 499 -10.84 -40.61 -11.96
CA ALA C 499 -12.26 -40.72 -12.27
C ALA C 499 -13.06 -41.29 -11.09
N VAL C 500 -14.26 -40.78 -10.88
CA VAL C 500 -15.15 -41.25 -9.85
C VAL C 500 -16.58 -41.09 -10.34
N VAL C 501 -17.40 -42.10 -10.10
CA VAL C 501 -18.81 -42.00 -10.41
C VAL C 501 -19.52 -41.36 -9.24
N PHE C 502 -20.43 -40.44 -9.50
CA PHE C 502 -21.08 -39.71 -8.41
C PHE C 502 -22.51 -39.31 -8.70
N ASP C 503 -23.27 -39.03 -7.65
CA ASP C 503 -24.70 -38.66 -7.78
C ASP C 503 -24.99 -37.21 -7.38
N THR C 504 -24.38 -36.79 -6.28
CA THR C 504 -24.46 -35.42 -5.76
C THR C 504 -23.09 -34.76 -5.61
N VAL C 505 -23.11 -33.43 -5.68
CA VAL C 505 -21.92 -32.64 -5.40
C VAL C 505 -21.35 -33.08 -4.02
N ASP C 506 -22.23 -33.28 -3.05
CA ASP C 506 -21.79 -33.68 -1.73
C ASP C 506 -20.99 -34.98 -1.78
N ASP C 507 -21.52 -36.01 -2.44
CA ASP C 507 -20.85 -37.31 -2.39
C ASP C 507 -19.59 -37.33 -3.22
N LEU C 508 -19.54 -36.51 -4.27
CA LEU C 508 -18.28 -36.27 -4.96
C LEU C 508 -17.15 -35.77 -4.02
N ALA C 509 -17.41 -34.66 -3.33
CA ALA C 509 -16.50 -34.15 -2.30
C ALA C 509 -16.03 -35.20 -1.28
N ASP C 510 -16.93 -36.08 -0.86
CA ASP C 510 -16.57 -37.11 0.11
C ASP C 510 -15.45 -37.99 -0.41
N ALA C 511 -15.54 -38.34 -1.69
CA ALA C 511 -14.65 -39.34 -2.29
C ALA C 511 -13.28 -38.74 -2.61
N LEU C 512 -13.29 -37.45 -2.87
CA LEU C 512 -12.07 -36.76 -3.17
C LEU C 512 -11.33 -36.60 -1.85
N GLU C 513 -12.05 -36.16 -0.84
CA GLU C 513 -11.46 -36.05 0.50
C GLU C 513 -10.94 -37.41 0.97
N ASP C 514 -11.77 -38.45 0.89
CA ASP C 514 -11.33 -39.78 1.27
C ASP C 514 -10.08 -40.15 0.49
N HIS C 515 -10.09 -39.92 -0.82
CA HIS C 515 -8.94 -40.24 -1.66
C HIS C 515 -7.70 -39.42 -1.26
N LEU C 516 -7.88 -38.14 -0.93
CA LEU C 516 -6.76 -37.25 -0.55
C LEU C 516 -6.07 -37.70 0.75
N ALA C 517 -6.82 -38.33 1.65
CA ALA C 517 -6.29 -38.92 2.90
C ALA C 517 -6.01 -40.42 2.74
N PRO C 522 -11.53 -46.62 -2.84
CA PRO C 522 -12.04 -47.72 -3.70
C PRO C 522 -12.95 -47.19 -4.80
N ARG C 523 -13.85 -46.30 -4.41
CA ARG C 523 -14.71 -45.53 -5.30
C ARG C 523 -13.96 -44.74 -6.41
N VAL C 524 -12.76 -44.26 -6.06
CA VAL C 524 -11.95 -43.36 -6.89
C VAL C 524 -10.90 -44.11 -7.70
N LEU C 525 -10.98 -44.04 -9.02
CA LEU C 525 -10.06 -44.74 -9.90
C LEU C 525 -8.97 -43.79 -10.32
N THR C 526 -7.74 -44.29 -10.47
CA THR C 526 -6.62 -43.47 -10.89
C THR C 526 -5.63 -44.26 -11.75
N GLY C 527 -5.03 -43.59 -12.71
CA GLY C 527 -4.12 -44.25 -13.62
C GLY C 527 -3.41 -43.26 -14.53
N THR C 528 -2.37 -43.76 -15.16
CA THR C 528 -1.63 -43.00 -16.13
C THR C 528 -2.15 -43.45 -17.49
N ALA C 529 -2.74 -42.51 -18.23
CA ALA C 529 -3.30 -42.75 -19.57
C ALA C 529 -2.37 -43.52 -20.49
N SER C 530 -2.97 -44.29 -21.38
CA SER C 530 -2.24 -44.99 -22.44
C SER C 530 -2.74 -44.60 -23.84
N ARG C 531 -1.83 -44.44 -24.77
CA ARG C 531 -2.19 -44.54 -26.20
C ARG C 531 -2.64 -45.97 -26.37
N ALA C 532 -3.51 -46.22 -27.33
CA ALA C 532 -3.97 -47.60 -27.54
C ALA C 532 -4.78 -48.10 -26.34
N ALA C 533 -5.34 -47.18 -25.57
CA ALA C 533 -6.30 -47.57 -24.54
C ALA C 533 -7.55 -48.04 -25.26
N ALA C 534 -8.11 -49.14 -24.76
CA ALA C 534 -9.36 -49.69 -25.29
C ALA C 534 -10.49 -48.70 -25.02
N PRO C 535 -11.33 -48.46 -26.05
CA PRO C 535 -12.40 -47.46 -25.93
C PRO C 535 -13.52 -47.89 -24.96
N ALA C 536 -14.37 -46.95 -24.56
CA ALA C 536 -15.43 -47.21 -23.58
C ALA C 536 -16.33 -48.34 -24.08
N THR C 537 -16.53 -49.33 -23.21
CA THR C 537 -17.35 -50.51 -23.52
C THR C 537 -18.87 -50.23 -23.46
N GLY C 538 -19.25 -49.02 -23.04
CA GLY C 538 -20.65 -48.63 -22.97
C GLY C 538 -20.74 -47.24 -22.41
N ARG C 539 -21.92 -46.65 -22.43
CA ARG C 539 -22.10 -45.26 -21.99
C ARG C 539 -22.45 -45.05 -20.51
N THR C 540 -22.57 -46.14 -19.75
CA THR C 540 -22.86 -46.02 -18.34
C THR C 540 -21.72 -45.30 -17.65
N ALA C 541 -22.03 -44.59 -16.59
CA ALA C 541 -21.03 -43.89 -15.79
C ALA C 541 -19.75 -44.69 -15.41
N PRO C 542 -19.88 -45.91 -14.86
CA PRO C 542 -18.64 -46.66 -14.55
C PRO C 542 -17.78 -47.03 -15.75
N GLU C 543 -18.43 -47.41 -16.85
CA GLU C 543 -17.72 -47.71 -18.07
C GLU C 543 -16.93 -46.53 -18.51
N LEU C 544 -17.52 -45.35 -18.40
CA LEU C 544 -16.88 -44.11 -18.86
C LEU C 544 -15.68 -43.81 -17.96
N ALA C 545 -15.87 -43.98 -16.65
CA ALA C 545 -14.80 -43.81 -15.69
C ALA C 545 -13.60 -44.72 -15.91
N GLU C 546 -13.85 -45.94 -16.34
CA GLU C 546 -12.77 -46.91 -16.56
C GLU C 546 -11.98 -46.45 -17.74
N ALA C 547 -12.72 -46.15 -18.81
CA ALA C 547 -12.19 -45.65 -20.06
C ALA C 547 -11.25 -44.45 -19.86
N TRP C 548 -11.73 -43.47 -19.11
CA TRP C 548 -10.96 -42.28 -18.83
C TRP C 548 -9.64 -42.60 -18.13
N VAL C 549 -9.69 -43.47 -17.14
CA VAL C 549 -8.48 -43.82 -16.39
C VAL C 549 -7.51 -44.69 -17.23
N ARG C 550 -8.00 -45.42 -18.22
CA ARG C 550 -7.16 -46.12 -19.20
C ARG C 550 -6.47 -45.12 -20.07
N GLY C 551 -7.14 -44.01 -20.30
CA GLY C 551 -6.62 -43.02 -21.21
C GLY C 551 -7.49 -42.89 -22.43
N ALA C 552 -8.59 -43.64 -22.48
CA ALA C 552 -9.52 -43.49 -23.58
C ALA C 552 -10.25 -42.17 -23.42
N PRO C 553 -10.78 -41.64 -24.54
CA PRO C 553 -11.42 -40.34 -24.44
C PRO C 553 -12.91 -40.54 -24.15
N VAL C 554 -13.52 -39.51 -23.59
CA VAL C 554 -14.90 -39.53 -23.19
C VAL C 554 -15.41 -38.14 -23.56
N ALA C 555 -16.50 -38.07 -24.34
CA ALA C 555 -17.01 -36.75 -24.77
C ALA C 555 -17.98 -36.16 -23.73
N ALA C 556 -18.09 -34.83 -23.73
CA ALA C 556 -19.08 -34.16 -22.90
C ALA C 556 -20.45 -34.35 -23.58
N PRO C 557 -21.47 -34.76 -22.79
CA PRO C 557 -22.82 -34.89 -23.36
C PRO C 557 -23.35 -33.52 -23.82
N ALA C 558 -23.79 -33.44 -25.07
CA ALA C 558 -24.01 -32.14 -25.74
C ALA C 558 -25.13 -31.31 -25.10
N GLY C 559 -24.96 -29.99 -25.13
CA GLY C 559 -25.98 -29.04 -24.67
C GLY C 559 -26.02 -28.83 -23.17
N ALA C 560 -25.25 -29.63 -22.43
CA ALA C 560 -25.28 -29.61 -20.96
C ALA C 560 -24.91 -28.25 -20.31
N PRO C 561 -25.43 -28.00 -19.10
CA PRO C 561 -25.14 -26.73 -18.42
C PRO C 561 -23.66 -26.62 -18.04
N ARG C 562 -23.09 -25.43 -18.18
CA ARG C 562 -21.70 -25.25 -17.79
C ARG C 562 -21.59 -24.42 -16.53
N VAL C 563 -20.53 -24.69 -15.75
CA VAL C 563 -20.25 -23.93 -14.52
C VAL C 563 -18.75 -23.71 -14.32
N SER C 564 -18.39 -22.54 -13.75
CA SER C 564 -16.99 -22.18 -13.54
C SER C 564 -16.34 -22.99 -12.43
N LEU C 565 -15.33 -23.77 -12.80
CA LEU C 565 -14.58 -24.59 -11.86
C LEU C 565 -13.14 -24.11 -11.74
N PRO C 566 -12.50 -24.33 -10.60
CA PRO C 566 -11.12 -23.92 -10.51
C PRO C 566 -10.27 -24.43 -11.69
N GLY C 567 -9.48 -23.55 -12.27
CA GLY C 567 -8.67 -23.85 -13.43
C GLY C 567 -7.43 -24.63 -13.10
N TYR C 568 -6.79 -25.17 -14.12
CA TYR C 568 -5.57 -25.95 -13.92
C TYR C 568 -4.60 -25.27 -12.94
N PRO C 569 -4.07 -26.02 -11.95
CA PRO C 569 -3.02 -25.51 -11.05
C PRO C 569 -1.58 -25.66 -11.59
N PHE C 570 -1.13 -24.66 -12.33
CA PHE C 570 0.21 -24.74 -12.88
C PHE C 570 1.24 -24.99 -11.80
N ALA C 571 2.33 -25.66 -12.15
CA ALA C 571 3.44 -25.74 -11.25
C ALA C 571 3.96 -24.30 -10.99
N ARG C 572 4.38 -24.03 -9.77
CA ARG C 572 4.92 -22.73 -9.45
C ARG C 572 6.42 -22.80 -9.22
N GLU C 573 7.24 -22.88 -10.26
CA GLU C 573 8.69 -22.86 -10.06
C GLU C 573 9.17 -21.41 -10.17
N ARG C 574 10.14 -21.03 -9.36
CA ARG C 574 10.66 -19.66 -9.47
C ARG C 574 11.41 -19.54 -10.80
N CYS C 575 11.02 -18.56 -11.62
CA CYS C 575 11.77 -18.23 -12.81
C CYS C 575 12.08 -16.70 -12.80
N TRP C 576 13.29 -16.36 -12.38
CA TRP C 576 13.64 -14.96 -12.22
C TRP C 576 15.13 -14.85 -12.38
N LEU C 577 15.58 -13.95 -13.22
CA LEU C 577 17.02 -13.83 -13.46
C LEU C 577 17.76 -13.57 -12.13
N PRO C 578 18.74 -14.40 -11.80
CA PRO C 578 19.59 -14.14 -10.64
C PRO C 578 20.19 -12.73 -10.61
N ALA C 579 20.72 -12.22 -11.71
CA ALA C 579 21.18 -10.84 -11.69
C ALA C 579 20.07 -9.82 -11.43
N ALA C 580 18.82 -10.25 -11.38
CA ALA C 580 17.73 -9.38 -10.92
C ALA C 580 17.73 -9.12 -9.42
N ASP C 581 18.55 -9.85 -8.67
CA ASP C 581 18.57 -9.76 -7.19
C ASP C 581 19.28 -8.52 -6.74
N ALA C 582 20.17 -8.01 -7.55
CA ALA C 582 20.89 -6.79 -7.22
C ALA C 582 20.02 -5.59 -6.79
N VAL C 583 18.72 -5.58 -7.08
CA VAL C 583 17.89 -4.45 -6.64
C VAL C 583 17.21 -4.71 -5.28
N ARG C 584 17.41 -5.90 -4.71
CA ARG C 584 17.07 -6.21 -3.32
C ARG C 584 18.27 -6.09 -2.43
N ARG C 585 18.05 -6.17 -1.12
CA ARG C 585 19.17 -6.25 -0.17
C ARG C 585 19.96 -7.56 -0.31
N ASP D 7 -15.57 1.50 -53.36
CA ASP D 7 -14.74 2.62 -52.81
C ASP D 7 -13.43 2.08 -52.18
N GLU D 8 -12.43 1.90 -53.04
CA GLU D 8 -11.22 1.18 -52.68
C GLU D 8 -10.31 2.09 -51.86
N ILE D 9 -9.27 1.49 -51.29
CA ILE D 9 -8.22 2.26 -50.61
C ILE D 9 -7.00 2.48 -51.51
N VAL D 10 -6.49 3.70 -51.51
CA VAL D 10 -5.36 4.05 -52.36
C VAL D 10 -4.26 4.69 -51.53
N ILE D 11 -3.02 4.63 -52.03
CA ILE D 11 -1.90 5.29 -51.38
C ILE D 11 -1.63 6.57 -52.09
N VAL D 12 -1.62 7.69 -51.35
CA VAL D 12 -1.47 9.00 -51.97
C VAL D 12 -0.16 9.73 -51.62
N GLY D 13 0.73 9.06 -50.90
CA GLY D 13 2.03 9.63 -50.55
C GLY D 13 2.85 8.64 -49.77
N VAL D 14 4.17 8.77 -49.89
CA VAL D 14 5.11 7.94 -49.17
C VAL D 14 6.41 8.68 -48.83
N ALA D 15 6.97 8.42 -47.65
CA ALA D 15 8.27 8.95 -47.29
C ALA D 15 9.06 7.93 -46.50
N GLY D 16 10.36 8.17 -46.38
CA GLY D 16 11.23 7.27 -45.65
C GLY D 16 12.72 7.54 -45.78
N ARG D 17 13.48 6.85 -44.94
CA ARG D 17 14.93 6.95 -44.94
C ARG D 17 15.39 5.53 -44.73
N TYR D 18 16.43 5.11 -45.43
CA TYR D 18 16.90 3.73 -45.42
C TYR D 18 18.40 3.79 -45.51
N PRO D 19 19.09 2.65 -45.35
CA PRO D 19 20.55 2.76 -45.38
C PRO D 19 21.06 3.41 -46.67
N LYS D 20 21.92 4.40 -46.49
CA LYS D 20 22.49 5.24 -47.56
C LYS D 20 21.40 5.88 -48.39
N ALA D 21 20.28 6.18 -47.75
CA ALA D 21 19.19 6.87 -48.44
C ALA D 21 18.39 7.75 -47.50
N ASP D 22 18.87 8.97 -47.33
CA ASP D 22 18.18 9.97 -46.52
C ASP D 22 16.91 10.47 -47.18
N ASP D 23 16.63 10.06 -48.41
CA ASP D 23 15.33 10.32 -48.99
C ASP D 23 15.01 9.33 -50.08
N LEU D 24 13.79 9.43 -50.62
CA LEU D 24 13.32 8.42 -51.56
C LEU D 24 14.02 8.48 -52.91
N ALA D 25 14.20 9.68 -53.46
CA ALA D 25 15.02 9.84 -54.66
C ALA D 25 16.36 9.08 -54.56
N GLN D 26 17.12 9.33 -53.51
CA GLN D 26 18.34 8.60 -53.29
C GLN D 26 18.07 7.09 -53.14
N PHE D 27 16.93 6.73 -52.56
CA PHE D 27 16.58 5.32 -52.40
C PHE D 27 16.33 4.59 -53.74
N TRP D 28 15.67 5.31 -54.66
CA TRP D 28 15.44 4.83 -56.01
C TRP D 28 16.76 4.57 -56.72
N ARG D 29 17.69 5.53 -56.57
CA ARG D 29 18.98 5.45 -57.23
C ARG D 29 19.77 4.22 -56.76
N ASN D 30 19.76 3.96 -55.47
CA ASN D 30 20.51 2.83 -54.90
C ASN D 30 19.92 1.52 -55.41
N LEU D 31 18.60 1.47 -55.40
CA LEU D 31 17.92 0.30 -55.90
C LEU D 31 18.34 -0.02 -57.35
N ARG D 32 18.32 1.00 -58.23
CA ARG D 32 18.64 0.82 -59.66
C ARG D 32 20.07 0.41 -59.92
N GLU D 33 20.98 1.08 -59.26
CA GLU D 33 22.39 0.75 -59.32
C GLU D 33 22.69 -0.62 -58.74
N GLY D 34 21.68 -1.32 -58.20
CA GLY D 34 21.92 -2.56 -57.46
C GLY D 34 22.86 -2.36 -56.28
N ARG D 35 22.77 -1.19 -55.65
CA ARG D 35 23.66 -0.87 -54.57
C ARG D 35 23.55 -1.80 -53.33
N ASP D 36 24.71 -2.27 -52.87
CA ASP D 36 24.81 -2.98 -51.62
C ASP D 36 25.09 -1.94 -50.57
N CYS D 37 24.07 -1.61 -49.76
CA CYS D 37 24.17 -0.51 -48.81
C CYS D 37 24.62 -0.94 -47.42
N VAL D 38 25.15 -2.15 -47.24
CA VAL D 38 25.54 -2.62 -45.90
C VAL D 38 26.95 -2.18 -45.54
N GLU D 39 27.15 -1.75 -44.31
CA GLU D 39 28.48 -1.38 -43.78
C GLU D 39 28.74 -2.03 -42.43
N GLU D 40 29.97 -1.94 -41.96
CA GLU D 40 30.26 -2.44 -40.63
C GLU D 40 29.69 -1.44 -39.64
N VAL D 41 29.62 -1.85 -38.38
CA VAL D 41 29.18 -1.00 -37.28
C VAL D 41 30.07 0.25 -37.17
N PRO D 42 29.49 1.44 -37.46
CA PRO D 42 30.17 2.71 -37.29
C PRO D 42 30.59 2.90 -35.83
N GLU D 43 31.70 3.58 -35.61
CA GLU D 43 32.29 3.59 -34.28
C GLU D 43 31.67 4.64 -33.38
N ASP D 44 30.91 5.56 -33.97
CA ASP D 44 30.16 6.55 -33.21
C ASP D 44 28.85 5.99 -32.66
N ARG D 45 28.53 4.76 -33.05
CA ARG D 45 27.41 4.01 -32.45
C ARG D 45 27.87 3.37 -31.17
N TRP D 46 28.84 2.47 -31.33
CA TRP D 46 29.41 1.74 -30.22
C TRP D 46 30.66 1.06 -30.71
N ASP D 47 31.48 0.61 -29.78
CA ASP D 47 32.73 -0.03 -30.11
C ASP D 47 32.45 -1.51 -30.22
N HIS D 48 32.14 -1.94 -31.43
CA HIS D 48 31.84 -3.33 -31.65
C HIS D 48 32.97 -4.27 -31.19
N GLY D 49 34.18 -3.73 -31.10
CA GLY D 49 35.34 -4.45 -30.61
C GLY D 49 35.11 -5.15 -29.29
N ARG D 50 34.44 -4.45 -28.36
CA ARG D 50 34.09 -4.99 -27.03
C ARG D 50 33.26 -6.27 -27.09
N PHE D 51 32.46 -6.39 -28.16
CA PHE D 51 31.46 -7.46 -28.28
C PHE D 51 31.68 -8.43 -29.43
N TYR D 52 32.68 -8.19 -30.29
CA TYR D 52 32.90 -9.04 -31.49
C TYR D 52 33.79 -10.22 -31.20
N ASP D 53 33.47 -11.36 -31.81
CA ASP D 53 34.38 -12.50 -31.87
C ASP D 53 33.88 -13.41 -32.97
N PRO D 54 34.68 -13.59 -34.04
CA PRO D 54 34.22 -14.31 -35.23
C PRO D 54 33.99 -15.78 -35.01
N ASP D 55 34.55 -16.37 -33.96
CA ASP D 55 34.22 -17.75 -33.61
C ASP D 55 32.83 -17.75 -32.96
N PRO D 56 31.81 -18.26 -33.65
CA PRO D 56 30.45 -18.24 -33.09
C PRO D 56 30.20 -19.16 -31.89
N ALA D 57 31.15 -20.06 -31.59
CA ALA D 57 31.06 -20.88 -30.38
C ALA D 57 31.50 -20.07 -29.15
N ALA D 58 32.27 -19.00 -29.37
CA ALA D 58 32.64 -18.06 -28.31
C ALA D 58 31.40 -17.59 -27.56
N PRO D 59 31.36 -17.85 -26.25
CA PRO D 59 30.20 -17.38 -25.48
C PRO D 59 30.18 -15.84 -25.26
N GLY D 60 28.96 -15.32 -25.01
CA GLY D 60 28.73 -13.91 -24.70
C GLY D 60 29.32 -12.91 -25.67
N LYS D 61 29.29 -13.27 -26.95
CA LYS D 61 29.84 -12.45 -28.02
C LYS D 61 28.99 -12.50 -29.26
N ALA D 62 29.18 -11.53 -30.15
CA ALA D 62 28.56 -11.48 -31.46
C ALA D 62 29.54 -11.88 -32.56
N TYR D 63 29.17 -12.85 -33.40
CA TYR D 63 30.04 -13.29 -34.50
C TYR D 63 29.98 -12.43 -35.78
N ALA D 64 29.01 -11.52 -35.90
CA ALA D 64 28.96 -10.58 -37.01
C ALA D 64 29.15 -9.17 -36.50
N LYS D 65 29.37 -8.25 -37.46
CA LYS D 65 29.72 -6.85 -37.20
C LYS D 65 29.20 -5.90 -38.30
N TRP D 66 28.12 -6.28 -38.97
CA TRP D 66 27.60 -5.50 -40.07
C TRP D 66 26.15 -5.15 -39.84
N GLY D 67 25.73 -4.09 -40.52
CA GLY D 67 24.33 -3.69 -40.60
C GLY D 67 24.07 -2.72 -41.76
N GLY D 68 22.80 -2.45 -42.02
CA GLY D 68 22.38 -1.34 -42.85
C GLY D 68 22.05 -0.24 -41.88
N TRP D 69 22.84 0.83 -41.91
CA TRP D 69 22.70 1.93 -40.97
C TRP D 69 22.15 3.19 -41.64
N LEU D 70 21.25 3.92 -40.97
CA LEU D 70 20.95 5.28 -41.38
C LEU D 70 22.17 6.14 -41.11
N SER D 71 22.32 7.20 -41.91
CA SER D 71 23.48 8.06 -41.81
C SER D 71 23.69 8.58 -40.39
N ASP D 72 22.63 9.13 -39.80
CA ASP D 72 22.81 9.77 -38.50
C ASP D 72 21.52 9.74 -37.71
N VAL D 73 21.45 8.82 -36.75
CA VAL D 73 20.21 8.60 -36.01
C VAL D 73 20.05 9.52 -34.80
N ALA D 74 21.11 10.22 -34.42
CA ALA D 74 21.05 11.04 -33.24
C ALA D 74 20.50 12.43 -33.55
N SER D 75 20.50 12.82 -34.81
CA SER D 75 20.06 14.17 -35.15
C SER D 75 18.58 14.39 -34.99
N PHE D 76 18.19 15.56 -34.52
CA PHE D 76 16.77 15.86 -34.39
C PHE D 76 16.59 17.38 -34.38
N ASP D 77 15.36 17.85 -34.55
CA ASP D 77 15.01 19.26 -34.49
C ASP D 77 14.03 19.39 -33.34
N PRO D 78 14.53 19.29 -32.11
CA PRO D 78 13.61 19.40 -31.00
C PRO D 78 12.81 20.71 -30.94
N MSE D 79 13.34 21.80 -31.48
CA MSE D 79 12.60 23.06 -31.38
C MSE D 79 11.41 22.99 -32.32
O MSE D 79 10.30 23.36 -31.95
CB MSE D 79 13.50 24.30 -31.54
CG MSE D 79 14.40 24.64 -30.32
SE MSE D 79 13.43 24.69 -28.57
CE MSE D 79 14.68 23.81 -27.32
N PHE D 80 11.59 22.46 -33.52
CA PHE D 80 10.47 22.34 -34.45
C PHE D 80 9.31 21.57 -33.83
N PHE D 81 9.63 20.50 -33.08
CA PHE D 81 8.59 19.64 -32.53
C PHE D 81 8.27 19.93 -31.07
N ARG D 82 8.57 21.15 -30.60
CA ARG D 82 8.04 21.68 -29.36
C ARG D 82 8.49 20.89 -28.13
N MSE D 83 9.75 20.48 -28.13
CA MSE D 83 10.27 19.73 -27.01
C MSE D 83 11.64 20.20 -26.64
O MSE D 83 12.41 20.63 -27.48
CB MSE D 83 10.14 18.24 -27.37
CG MSE D 83 11.37 17.42 -27.73
SE MSE D 83 10.78 15.54 -28.00
CE MSE D 83 9.45 15.96 -29.40
N SER D 84 11.95 20.16 -25.35
CA SER D 84 13.26 20.57 -24.93
C SER D 84 14.30 19.64 -25.55
N GLN D 85 15.51 20.15 -25.67
CA GLN D 85 16.59 19.34 -26.20
C GLN D 85 16.91 18.16 -25.26
N VAL D 86 16.73 18.35 -23.96
CA VAL D 86 17.01 17.35 -22.96
C VAL D 86 15.94 16.24 -22.96
N GLU D 87 14.68 16.64 -23.12
CA GLU D 87 13.60 15.73 -23.36
C GLU D 87 14.02 14.80 -24.49
N ALA D 88 14.60 15.38 -25.54
CA ALA D 88 14.88 14.62 -26.72
C ALA D 88 16.04 13.67 -26.54
N GLU D 89 16.95 14.02 -25.64
CA GLU D 89 18.08 13.10 -25.34
C GLU D 89 17.55 11.84 -24.68
N HIS D 90 16.39 11.96 -24.05
CA HIS D 90 15.81 10.93 -23.20
C HIS D 90 14.75 10.05 -23.91
N ILE D 91 14.41 10.30 -25.17
CA ILE D 91 13.46 9.43 -25.85
C ILE D 91 14.11 8.70 -27.02
N ASP D 92 13.66 7.48 -27.33
CA ASP D 92 14.23 6.66 -28.39
C ASP D 92 14.20 7.48 -29.67
N PRO D 93 15.28 7.41 -30.47
CA PRO D 93 15.32 7.98 -31.82
C PRO D 93 14.22 7.49 -32.75
N GLN D 94 13.73 6.29 -32.53
CA GLN D 94 12.55 5.79 -33.25
C GLN D 94 11.41 6.78 -33.18
N GLU D 95 11.16 7.35 -32.00
CA GLU D 95 10.05 8.31 -31.84
C GLU D 95 10.39 9.59 -32.61
N ARG D 96 11.63 9.99 -32.51
CA ARG D 96 12.06 11.24 -33.10
C ARG D 96 12.07 11.22 -34.62
N ILE D 97 12.62 10.16 -35.17
CA ILE D 97 12.74 10.03 -36.62
C ILE D 97 11.37 9.84 -37.26
N PHE D 98 10.50 9.05 -36.64
CA PHE D 98 9.19 8.86 -37.23
C PHE D 98 8.37 10.17 -37.31
N LEU D 99 8.56 11.12 -36.39
CA LEU D 99 7.84 12.39 -36.51
C LEU D 99 8.22 13.13 -37.76
N GLN D 100 9.53 13.12 -38.03
CA GLN D 100 10.05 13.77 -39.23
C GLN D 100 9.58 13.04 -40.49
N THR D 101 9.55 11.72 -40.40
CA THR D 101 9.07 10.89 -41.48
C THR D 101 7.65 11.26 -41.85
N VAL D 102 6.81 11.51 -40.85
CA VAL D 102 5.41 11.86 -41.13
C VAL D 102 5.27 13.27 -41.68
N TRP D 103 6.05 14.22 -41.17
CA TRP D 103 6.04 15.58 -41.72
C TRP D 103 6.29 15.55 -43.22
N HIS D 104 7.36 14.84 -43.61
CA HIS D 104 7.70 14.63 -45.02
C HIS D 104 6.60 13.87 -45.79
N LEU D 105 6.02 12.84 -45.18
CA LEU D 105 4.95 12.08 -45.81
C LEU D 105 3.85 13.03 -46.25
N LEU D 106 3.41 13.92 -45.36
CA LEU D 106 2.39 14.89 -45.75
C LEU D 106 2.81 15.74 -46.94
N GLU D 107 4.10 16.08 -46.99
CA GLU D 107 4.64 16.86 -48.09
C GLU D 107 4.62 16.11 -49.41
N ASP D 108 5.08 14.87 -49.43
CA ASP D 108 5.06 14.07 -50.65
C ASP D 108 3.63 13.96 -51.19
N ALA D 109 2.68 13.80 -50.28
CA ALA D 109 1.25 13.75 -50.62
C ALA D 109 0.58 15.09 -51.00
N GLY D 110 1.34 16.19 -50.90
CA GLY D 110 0.84 17.52 -51.20
C GLY D 110 -0.29 17.96 -50.28
N THR D 111 -0.20 17.57 -49.01
CA THR D 111 -1.13 18.08 -48.00
C THR D 111 -0.39 18.58 -46.74
N SER D 112 -1.13 18.80 -45.66
CA SER D 112 -0.66 19.52 -44.49
C SER D 112 -1.58 19.25 -43.29
N ARG D 113 -1.16 19.65 -42.11
CA ARG D 113 -2.02 19.56 -40.96
C ARG D 113 -3.28 20.37 -41.14
N ALA D 114 -3.11 21.61 -41.60
CA ALA D 114 -4.26 22.48 -41.94
C ALA D 114 -5.32 21.77 -42.81
N ALA D 115 -4.89 21.28 -43.97
CA ALA D 115 -5.81 20.63 -44.91
C ALA D 115 -6.55 19.41 -44.32
N LEU D 116 -5.83 18.61 -43.53
CA LEU D 116 -6.40 17.40 -43.00
C LEU D 116 -7.33 17.62 -41.82
N SER D 117 -7.38 18.82 -41.28
CA SER D 117 -8.07 19.00 -39.99
C SER D 117 -9.58 18.84 -40.08
N LYS D 118 -10.11 19.00 -41.29
CA LYS D 118 -11.55 18.82 -41.54
C LYS D 118 -11.93 17.35 -41.79
N VAL D 119 -10.97 16.42 -41.64
CA VAL D 119 -11.28 15.00 -41.66
C VAL D 119 -10.60 14.25 -40.51
N ARG D 120 -11.03 13.02 -40.29
CA ARG D 120 -10.51 12.22 -39.21
C ARG D 120 -9.38 11.34 -39.71
N THR D 121 -8.26 11.38 -38.99
CA THR D 121 -7.04 10.74 -39.43
C THR D 121 -6.40 9.92 -38.33
N GLY D 122 -6.19 8.65 -38.65
CA GLY D 122 -5.61 7.71 -37.70
C GLY D 122 -4.15 7.52 -38.01
N VAL D 123 -3.44 6.91 -37.06
CA VAL D 123 -2.02 6.64 -37.18
C VAL D 123 -1.72 5.25 -36.69
N PHE D 124 -0.89 4.53 -37.44
CA PHE D 124 -0.67 3.12 -37.17
C PHE D 124 0.75 2.79 -37.48
N VAL D 125 1.54 2.41 -36.47
CA VAL D 125 2.97 2.29 -36.70
C VAL D 125 3.55 1.02 -36.06
N GLY D 126 4.42 0.34 -36.81
CA GLY D 126 5.02 -0.92 -36.36
C GLY D 126 6.41 -0.78 -35.77
N LEU D 127 6.64 -1.39 -34.61
CA LEU D 127 7.96 -1.45 -33.98
C LEU D 127 8.21 -2.78 -33.33
N MSE D 128 9.47 -3.17 -33.21
CA MSE D 128 9.81 -4.44 -32.56
C MSE D 128 10.89 -4.46 -31.53
O MSE D 128 11.05 -5.42 -30.79
CB MSE D 128 10.03 -5.51 -33.65
CG MSE D 128 11.37 -5.53 -34.30
SE MSE D 128 11.50 -7.16 -35.43
CE MSE D 128 12.04 -8.41 -34.04
N TYR D 129 11.63 -3.37 -31.45
CA TYR D 129 12.59 -3.16 -30.38
C TYR D 129 12.46 -1.78 -29.72
N GLY D 130 12.95 -1.71 -28.50
CA GLY D 130 12.99 -0.47 -27.74
C GLY D 130 14.28 -0.45 -26.96
N HIS D 131 15.42 -0.43 -27.63
CA HIS D 131 16.65 -0.56 -26.92
C HIS D 131 17.21 0.71 -26.39
N TYR D 132 16.75 1.86 -26.89
CA TYR D 132 17.25 3.11 -26.32
C TYR D 132 17.02 3.17 -24.81
N GLN D 133 15.91 2.61 -24.34
CA GLN D 133 15.63 2.65 -22.91
C GLN D 133 16.65 1.92 -22.03
N LEU D 134 17.55 1.15 -22.64
CA LEU D 134 18.54 0.45 -21.85
C LEU D 134 19.66 1.39 -21.43
N TYR D 135 19.80 2.49 -22.16
CA TYR D 135 20.78 3.49 -21.78
C TYR D 135 20.27 4.25 -20.56
N GLY D 136 21.14 4.43 -19.56
CA GLY D 136 20.92 5.36 -18.47
C GLY D 136 20.30 4.77 -17.24
N VAL D 137 20.00 3.46 -17.31
CA VAL D 137 19.27 2.78 -16.26
C VAL D 137 20.03 2.91 -14.99
N GLU D 138 21.29 2.53 -14.99
CA GLU D 138 22.04 2.58 -13.74
C GLU D 138 22.12 3.99 -13.11
N GLU D 139 22.20 5.02 -13.93
CA GLU D 139 22.24 6.37 -13.38
C GLU D 139 20.88 6.76 -12.80
N ALA D 140 19.81 6.40 -13.47
CA ALA D 140 18.48 6.61 -12.94
C ALA D 140 18.32 5.98 -11.58
N LEU D 141 18.78 4.74 -11.43
CA LEU D 141 18.63 4.02 -10.18
C LEU D 141 19.40 4.63 -9.02
N ARG D 142 20.60 5.13 -9.33
CA ARG D 142 21.43 5.81 -8.37
C ARG D 142 20.91 7.18 -8.09
N GLY D 143 20.01 7.72 -8.91
CA GLY D 143 19.41 9.01 -8.64
C GLY D 143 20.20 10.18 -9.23
N THR D 144 21.24 9.87 -10.01
CA THR D 144 22.06 10.90 -10.60
C THR D 144 21.70 11.19 -12.02
N GLY D 145 20.83 10.40 -12.60
CA GLY D 145 20.32 10.69 -13.97
C GLY D 145 18.82 10.41 -14.05
N ALA D 146 18.20 10.89 -15.12
CA ALA D 146 16.78 10.54 -15.41
C ALA D 146 16.65 9.37 -16.42
N ALA D 147 15.61 8.57 -16.22
CA ALA D 147 15.39 7.41 -17.10
C ALA D 147 15.09 7.85 -18.54
N THR D 148 15.55 7.04 -19.49
CA THR D 148 15.15 7.15 -20.87
C THR D 148 13.90 6.29 -21.13
N SER D 149 13.22 6.59 -22.23
CA SER D 149 12.00 5.96 -22.66
C SER D 149 12.04 5.47 -24.16
N SER D 150 11.59 4.25 -24.39
CA SER D 150 11.38 3.71 -25.73
C SER D 150 9.92 3.29 -25.86
N SER D 151 9.01 4.00 -25.20
CA SER D 151 7.60 3.65 -25.31
C SER D 151 7.11 3.55 -26.76
N TYR D 152 6.48 2.42 -27.09
CA TYR D 152 5.93 2.21 -28.43
C TYR D 152 4.73 3.09 -28.69
N ALA D 153 3.79 3.13 -27.75
CA ALA D 153 2.63 4.02 -27.96
C ALA D 153 3.04 5.51 -28.22
N SER D 154 4.07 5.96 -27.54
CA SER D 154 4.46 7.36 -27.63
C SER D 154 4.84 7.77 -29.06
N VAL D 155 5.51 6.88 -29.79
CA VAL D 155 5.79 7.09 -31.20
C VAL D 155 4.54 7.49 -31.99
N ALA D 156 3.46 6.73 -31.81
CA ALA D 156 2.19 7.04 -32.43
C ALA D 156 1.45 8.21 -31.74
N ASN D 157 1.46 8.28 -30.41
CA ASN D 157 0.70 9.30 -29.71
C ASN D 157 1.27 10.71 -30.04
N ARG D 158 2.58 10.78 -30.22
CA ARG D 158 3.22 12.04 -30.46
C ARG D 158 2.94 12.61 -31.84
N VAL D 159 2.97 11.75 -32.85
CA VAL D 159 2.51 12.12 -34.17
C VAL D 159 1.05 12.54 -34.09
N SER D 160 0.21 11.69 -33.52
CA SER D 160 -1.20 12.05 -33.38
C SER D 160 -1.41 13.40 -32.68
N TYR D 161 -0.62 13.67 -31.65
CA TYR D 161 -0.73 14.94 -30.95
C TYR D 161 -0.31 16.11 -31.79
N PHE D 162 0.84 15.98 -32.44
CA PHE D 162 1.46 17.07 -33.14
C PHE D 162 0.71 17.45 -34.42
N PHE D 163 0.27 16.43 -35.16
CA PHE D 163 -0.38 16.62 -36.45
C PHE D 163 -1.91 16.75 -36.32
N ASP D 164 -2.39 16.86 -35.09
CA ASP D 164 -3.82 16.96 -34.80
C ASP D 164 -4.68 15.85 -35.47
N PHE D 165 -4.14 14.65 -35.52
CA PHE D 165 -4.82 13.47 -36.03
C PHE D 165 -5.62 12.83 -34.92
N ASP D 166 -6.95 12.91 -34.93
CA ASP D 166 -7.76 12.36 -33.83
C ASP D 166 -8.51 11.08 -34.19
N GLY D 167 -7.98 10.36 -35.16
CA GLY D 167 -8.37 8.98 -35.39
C GLY D 167 -7.76 8.07 -34.34
N PRO D 168 -7.81 6.77 -34.57
CA PRO D 168 -7.00 5.88 -33.73
C PRO D 168 -5.50 6.23 -33.76
N SER D 169 -4.83 6.03 -32.63
CA SER D 169 -3.37 6.15 -32.53
C SER D 169 -2.83 4.87 -31.87
N ILE D 170 -2.26 4.00 -32.70
CA ILE D 170 -1.92 2.68 -32.28
C ILE D 170 -0.54 2.35 -32.72
N ALA D 171 0.21 1.74 -31.80
CA ALA D 171 1.46 1.12 -32.15
C ALA D 171 1.35 -0.39 -32.02
N LEU D 172 2.07 -1.09 -32.88
CA LEU D 172 1.98 -2.53 -32.84
C LEU D 172 3.29 -3.22 -33.14
N ASP D 173 3.43 -4.44 -32.62
CA ASP D 173 4.59 -5.26 -32.81
C ASP D 173 4.11 -6.64 -33.25
N THR D 174 4.39 -7.00 -34.49
CA THR D 174 4.33 -8.38 -34.93
C THR D 174 5.71 -8.78 -35.45
N MSE D 175 6.76 -8.11 -34.98
CA MSE D 175 8.15 -8.37 -35.37
C MSE D 175 8.31 -7.93 -36.79
O MSE D 175 7.84 -6.85 -37.14
CB MSE D 175 8.60 -9.80 -35.07
CG MSE D 175 8.33 -10.24 -33.62
SE MSE D 175 9.45 -11.83 -33.17
CE MSE D 175 8.48 -12.44 -31.57
N CYS D 176 8.94 -8.76 -37.64
CA CYS D 176 9.32 -8.40 -39.04
C CYS D 176 8.18 -7.94 -39.93
N SER D 177 6.97 -8.31 -39.58
CA SER D 177 5.78 -7.96 -40.35
C SER D 177 5.08 -6.71 -39.85
N SER D 178 5.62 -6.11 -38.79
CA SER D 178 4.92 -5.02 -38.11
C SER D 178 4.46 -3.93 -39.07
N SER D 179 5.29 -3.56 -40.04
CA SER D 179 4.93 -2.52 -41.02
C SER D 179 3.68 -2.87 -41.83
N LEU D 180 3.62 -4.10 -42.32
CA LEU D 180 2.47 -4.52 -43.14
C LEU D 180 1.25 -4.82 -42.29
N THR D 181 1.47 -5.35 -41.10
CA THR D 181 0.41 -5.49 -40.17
C THR D 181 -0.24 -4.10 -39.91
N ALA D 182 0.57 -3.05 -39.84
CA ALA D 182 0.06 -1.68 -39.64
C ALA D 182 -0.73 -1.23 -40.85
N LEU D 183 -0.20 -1.51 -42.03
CA LEU D 183 -0.89 -1.14 -43.24
C LEU D 183 -2.25 -1.82 -43.31
N HIS D 184 -2.28 -3.09 -42.94
CA HIS D 184 -3.51 -3.84 -42.89
C HIS D 184 -4.51 -3.17 -41.96
N LEU D 185 -4.16 -2.99 -40.71
CA LEU D 185 -5.09 -2.42 -39.73
C LEU D 185 -5.58 -1.02 -40.10
N ALA D 186 -4.70 -0.22 -40.67
CA ALA D 186 -5.08 1.08 -41.19
C ALA D 186 -6.18 0.97 -42.25
N CYS D 187 -5.98 0.05 -43.19
CA CYS D 187 -6.94 -0.07 -44.26
C CYS D 187 -8.26 -0.39 -43.59
N ARG D 188 -8.25 -1.37 -42.68
CA ARG D 188 -9.49 -1.83 -42.10
C ARG D 188 -10.17 -0.74 -41.32
N ALA D 189 -9.39 0.13 -40.68
CA ALA D 189 -9.91 1.28 -39.98
C ALA D 189 -10.63 2.27 -40.90
N ILE D 190 -10.05 2.52 -42.06
CA ILE D 190 -10.71 3.36 -43.06
C ILE D 190 -12.03 2.73 -43.53
N ARG D 191 -11.99 1.46 -43.96
CA ARG D 191 -13.19 0.73 -44.42
C ARG D 191 -14.28 0.66 -43.37
N ASP D 192 -13.94 0.60 -42.09
CA ASP D 192 -14.97 0.47 -41.07
C ASP D 192 -15.32 1.81 -40.43
N GLY D 193 -14.92 2.91 -41.05
CA GLY D 193 -15.31 4.21 -40.56
C GLY D 193 -14.65 4.72 -39.29
N ASP D 194 -13.62 4.05 -38.78
CA ASP D 194 -12.88 4.56 -37.59
C ASP D 194 -12.22 5.85 -37.95
N CYS D 195 -11.82 5.99 -39.22
CA CYS D 195 -11.27 7.25 -39.75
C CYS D 195 -11.32 7.31 -41.29
N GLU D 196 -11.00 8.45 -41.88
CA GLU D 196 -11.04 8.63 -43.35
C GLU D 196 -9.65 8.57 -43.99
N VAL D 197 -8.67 9.22 -43.38
CA VAL D 197 -7.29 9.16 -43.83
C VAL D 197 -6.50 8.46 -42.74
N ALA D 198 -5.42 7.80 -43.12
CA ALA D 198 -4.65 7.07 -42.13
C ALA D 198 -3.19 7.09 -42.49
N VAL D 199 -2.35 7.17 -41.47
CA VAL D 199 -0.95 7.02 -41.65
C VAL D 199 -0.57 5.64 -41.17
N ALA D 200 0.10 4.90 -42.03
CA ALA D 200 0.65 3.61 -41.74
C ALA D 200 2.14 3.66 -41.97
N GLY D 201 2.90 3.18 -41.00
CA GLY D 201 4.35 3.13 -41.13
C GLY D 201 5.03 2.15 -40.20
N GLY D 202 6.36 2.12 -40.29
CA GLY D 202 7.17 1.32 -39.40
C GLY D 202 8.51 1.97 -39.24
N VAL D 203 9.20 1.64 -38.17
CA VAL D 203 10.48 2.23 -37.90
C VAL D 203 11.32 1.28 -37.07
N ASN D 204 12.64 1.38 -37.16
CA ASN D 204 13.55 0.53 -36.46
C ASN D 204 14.93 1.18 -36.45
N VAL D 205 15.47 1.39 -35.25
CA VAL D 205 16.82 1.89 -35.06
C VAL D 205 17.64 0.91 -34.24
N SER D 206 18.88 0.68 -34.64
CA SER D 206 19.78 -0.23 -33.93
C SER D 206 20.64 0.61 -32.99
N SER D 207 20.07 1.04 -31.89
CA SER D 207 20.73 2.01 -31.05
C SER D 207 21.65 1.40 -30.00
N HIS D 208 21.58 0.08 -29.81
CA HIS D 208 22.28 -0.54 -28.68
C HIS D 208 22.85 -1.88 -29.08
N PRO D 209 24.06 -2.22 -28.57
CA PRO D 209 24.75 -3.44 -28.95
C PRO D 209 24.12 -4.70 -28.47
N LEU D 210 23.26 -4.59 -27.49
CA LEU D 210 22.58 -5.76 -26.94
C LEU D 210 21.91 -6.55 -28.08
N LYS D 211 21.35 -5.86 -29.05
CA LYS D 211 20.62 -6.52 -30.13
C LYS D 211 21.47 -7.52 -30.86
N TYR D 212 22.72 -7.12 -31.12
CA TYR D 212 23.68 -7.94 -31.83
C TYR D 212 24.10 -9.15 -30.99
N LEU D 213 24.18 -9.00 -29.67
CA LEU D 213 24.46 -10.16 -28.81
C LEU D 213 23.30 -11.17 -28.75
N GLN D 214 22.06 -10.65 -28.66
CA GLN D 214 20.84 -11.47 -28.61
C GLN D 214 20.78 -12.27 -29.89
N LEU D 215 20.78 -11.55 -30.99
CA LEU D 215 20.70 -12.16 -32.29
C LEU D 215 21.78 -13.18 -32.53
N ALA D 216 23.00 -12.91 -32.07
CA ALA D 216 24.11 -13.83 -32.29
C ALA D 216 23.95 -15.11 -31.50
N LYS D 217 23.41 -14.99 -30.31
CA LYS D 217 23.23 -16.14 -29.43
C LYS D 217 22.15 -17.05 -30.00
N GLY D 218 21.17 -16.45 -30.66
CA GLY D 218 20.06 -17.19 -31.26
C GLY D 218 20.37 -17.77 -32.64
N GLY D 219 21.56 -17.45 -33.17
CA GLY D 219 22.05 -17.91 -34.45
C GLY D 219 21.48 -17.20 -35.67
N PHE D 220 20.91 -16.00 -35.50
CA PHE D 220 20.12 -15.39 -36.60
C PHE D 220 20.96 -14.58 -37.57
N LEU D 221 22.14 -14.16 -37.16
CA LEU D 221 22.94 -13.27 -37.98
C LEU D 221 23.71 -14.02 -39.09
N SER D 222 23.67 -13.50 -40.29
CA SER D 222 24.46 -14.06 -41.37
C SER D 222 25.91 -13.76 -41.07
N THR D 223 26.78 -14.75 -41.31
CA THR D 223 28.20 -14.65 -40.93
C THR D 223 28.99 -13.72 -41.82
N ASP D 224 28.44 -13.35 -42.95
CA ASP D 224 29.10 -12.44 -43.88
C ASP D 224 28.45 -11.04 -43.93
N GLY D 225 27.45 -10.81 -43.10
CA GLY D 225 26.76 -9.52 -43.05
C GLY D 225 25.83 -9.23 -44.18
N ARG D 226 25.38 -10.24 -44.92
CA ARG D 226 24.46 -9.98 -46.03
C ARG D 226 23.14 -10.77 -45.91
N CYS D 227 22.13 -10.35 -46.67
CA CYS D 227 20.89 -11.11 -46.83
C CYS D 227 20.85 -11.65 -48.22
N ARG D 228 21.40 -12.83 -48.41
CA ARG D 228 21.43 -13.48 -49.74
C ARG D 228 20.06 -14.08 -50.08
N SER D 229 19.16 -13.21 -50.55
CA SER D 229 17.75 -13.59 -50.75
C SER D 229 17.68 -14.62 -51.86
N PHE D 230 17.29 -15.84 -51.49
CA PHE D 230 17.20 -17.00 -52.41
C PHE D 230 18.56 -17.41 -52.97
N GLY D 231 19.64 -16.93 -52.37
CA GLY D 231 20.99 -17.18 -52.88
C GLY D 231 21.72 -18.31 -52.19
N GLU D 232 22.71 -18.87 -52.86
CA GLU D 232 23.45 -19.96 -52.30
C GLU D 232 24.27 -19.51 -51.10
N GLY D 233 24.31 -20.35 -50.08
CA GLY D 233 25.21 -20.17 -48.95
C GLY D 233 24.74 -19.16 -47.90
N GLY D 234 23.55 -18.59 -48.10
CA GLY D 234 22.86 -17.78 -47.11
C GLY D 234 22.68 -18.58 -45.84
N ASP D 235 23.00 -17.94 -44.73
CA ASP D 235 23.01 -18.52 -43.37
C ASP D 235 22.52 -17.55 -42.23
N GLY D 236 21.86 -16.46 -42.62
CA GLY D 236 21.16 -15.63 -41.67
C GLY D 236 20.84 -14.32 -42.34
N TYR D 237 20.59 -13.28 -41.53
CA TYR D 237 20.26 -11.97 -42.04
C TYR D 237 21.16 -10.91 -41.44
N VAL D 238 20.99 -9.70 -41.90
CA VAL D 238 21.77 -8.62 -41.35
C VAL D 238 20.79 -7.53 -40.94
N PRO D 239 20.94 -6.99 -39.72
CA PRO D 239 19.93 -6.02 -39.29
C PRO D 239 20.11 -4.74 -40.00
N ALA D 240 19.02 -4.05 -40.24
CA ALA D 240 19.10 -2.76 -40.84
C ALA D 240 18.16 -1.80 -40.16
N GLU D 241 18.44 -0.53 -40.36
CA GLU D 241 17.68 0.55 -39.78
C GLU D 241 16.79 1.12 -40.85
N GLY D 242 15.69 1.74 -40.47
CA GLY D 242 14.82 2.32 -41.46
C GLY D 242 13.64 3.02 -40.87
N SER D 243 13.07 3.92 -41.64
CA SER D 243 11.88 4.62 -41.24
C SER D 243 11.06 4.93 -42.51
N GLY D 244 9.77 4.57 -42.49
CA GLY D 244 8.90 4.82 -43.60
C GLY D 244 7.45 4.89 -43.17
N ALA D 245 6.65 5.60 -43.96
CA ALA D 245 5.20 5.68 -43.79
C ALA D 245 4.50 5.91 -45.13
N VAL D 246 3.22 5.53 -45.23
CA VAL D 246 2.41 5.92 -46.38
C VAL D 246 1.11 6.53 -45.89
N LEU D 247 0.48 7.32 -46.77
CA LEU D 247 -0.77 7.99 -46.46
C LEU D 247 -1.86 7.33 -47.26
N LEU D 248 -2.95 7.00 -46.61
CA LEU D 248 -3.99 6.17 -47.20
C LEU D 248 -5.31 6.90 -47.18
N LYS D 249 -6.09 6.68 -48.22
CA LYS D 249 -7.32 7.45 -48.46
C LYS D 249 -8.23 6.61 -49.32
N ARG D 250 -9.51 6.95 -49.34
CA ARG D 250 -10.45 6.30 -50.27
C ARG D 250 -10.27 6.88 -51.68
N ARG D 251 -10.49 6.07 -52.71
CA ARG D 251 -10.47 6.52 -54.11
C ARG D 251 -11.37 7.72 -54.27
N SER D 252 -12.61 7.54 -53.82
CA SER D 252 -13.63 8.60 -53.85
C SER D 252 -13.13 9.96 -53.36
N ALA D 253 -12.50 9.97 -52.19
CA ALA D 253 -11.98 11.20 -51.59
C ALA D 253 -10.72 11.71 -52.29
N ALA D 254 -9.87 10.77 -52.72
CA ALA D 254 -8.63 11.10 -53.41
C ALA D 254 -8.93 11.84 -54.70
N GLU D 255 -9.70 11.23 -55.58
CA GLU D 255 -10.06 11.87 -56.85
C GLU D 255 -10.69 13.26 -56.62
N ALA D 256 -11.58 13.37 -55.64
CA ALA D 256 -12.20 14.64 -55.28
C ALA D 256 -11.19 15.74 -54.92
N ASP D 257 -10.17 15.38 -54.16
CA ASP D 257 -9.16 16.36 -53.74
C ASP D 257 -8.05 16.54 -54.78
N GLY D 258 -8.15 15.82 -55.89
CA GLY D 258 -7.12 15.82 -56.92
C GLY D 258 -5.75 15.51 -56.37
N ASP D 259 -5.57 14.29 -55.89
CA ASP D 259 -4.28 13.84 -55.35
C ASP D 259 -3.63 12.88 -56.31
N ARG D 260 -2.31 12.80 -56.24
CA ARG D 260 -1.57 11.81 -56.99
C ARG D 260 -1.82 10.47 -56.32
N VAL D 261 -2.06 9.42 -57.09
CA VAL D 261 -2.30 8.11 -56.53
C VAL D 261 -1.14 7.21 -56.92
N LEU D 262 -0.47 6.67 -55.93
CA LEU D 262 0.75 5.91 -56.17
C LEU D 262 0.46 4.46 -56.35
N ALA D 263 -0.69 4.02 -55.89
CA ALA D 263 -1.07 2.62 -55.96
C ALA D 263 -2.48 2.44 -55.41
N VAL D 264 -3.16 1.39 -55.85
CA VAL D 264 -4.40 0.96 -55.22
C VAL D 264 -4.04 -0.20 -54.30
N VAL D 265 -4.69 -0.23 -53.15
CA VAL D 265 -4.55 -1.34 -52.26
C VAL D 265 -5.65 -2.30 -52.66
N ARG D 266 -5.24 -3.36 -53.36
CA ARG D 266 -6.18 -4.39 -53.77
C ARG D 266 -6.62 -5.30 -52.64
N SER D 267 -5.71 -5.65 -51.73
CA SER D 267 -6.09 -6.43 -50.55
C SER D 267 -4.93 -6.47 -49.55
N THR D 268 -5.24 -6.80 -48.30
CA THR D 268 -4.25 -7.04 -47.27
C THR D 268 -4.70 -8.26 -46.47
N ALA D 269 -3.75 -8.95 -45.86
CA ALA D 269 -4.08 -10.15 -45.13
C ALA D 269 -3.05 -10.36 -44.03
N VAL D 270 -3.49 -10.86 -42.88
CA VAL D 270 -2.58 -11.22 -41.79
C VAL D 270 -3.00 -12.53 -41.16
N ASN D 271 -2.02 -13.28 -40.67
CA ASN D 271 -2.34 -14.50 -39.97
C ASN D 271 -1.11 -14.98 -39.22
N HIS D 272 -1.20 -16.17 -38.64
CA HIS D 272 -0.09 -16.68 -37.84
C HIS D 272 0.11 -18.13 -38.23
N GLY D 273 1.34 -18.62 -38.12
CA GLY D 273 1.64 -20.03 -38.40
C GLY D 273 1.09 -21.08 -37.48
N GLY D 274 0.51 -20.68 -36.37
CA GLY D 274 0.13 -21.62 -35.33
C GLY D 274 1.30 -22.45 -34.84
N ALA D 275 0.96 -23.65 -34.40
CA ALA D 275 1.92 -24.61 -33.87
C ALA D 275 2.54 -25.25 -35.05
N GLY D 276 3.58 -24.66 -35.60
CA GLY D 276 4.21 -25.28 -36.77
C GLY D 276 5.13 -26.38 -36.30
N LYS D 277 6.33 -26.44 -36.86
CA LYS D 277 7.30 -27.39 -36.39
C LYS D 277 8.15 -26.78 -35.30
N GLY D 278 7.55 -25.93 -34.46
CA GLY D 278 8.33 -25.20 -33.46
C GLY D 278 8.15 -23.69 -33.52
N PHE D 279 8.47 -23.07 -32.39
CA PHE D 279 8.16 -21.69 -32.12
C PHE D 279 9.09 -20.97 -32.99
N SER D 280 8.58 -19.98 -33.69
CA SER D 280 9.43 -19.14 -34.49
C SER D 280 10.18 -19.93 -35.62
N VAL D 281 9.55 -20.98 -36.14
CA VAL D 281 9.95 -21.64 -37.39
C VAL D 281 8.91 -21.28 -38.48
N PRO D 282 9.38 -20.91 -39.69
CA PRO D 282 8.36 -20.45 -40.63
C PRO D 282 7.53 -21.61 -41.16
N ASN D 283 6.27 -21.36 -41.44
CA ASN D 283 5.35 -22.41 -41.85
C ASN D 283 4.72 -22.22 -43.24
N PRO D 284 5.09 -23.07 -44.20
CA PRO D 284 4.61 -22.96 -45.58
C PRO D 284 3.10 -23.08 -45.69
N ARG D 285 2.49 -23.92 -44.89
CA ARG D 285 1.03 -23.97 -44.82
C ARG D 285 0.42 -22.57 -44.54
N ALA D 286 0.86 -21.93 -43.47
CA ALA D 286 0.29 -20.65 -43.09
C ALA D 286 0.59 -19.58 -44.10
N GLN D 287 1.71 -19.71 -44.79
CA GLN D 287 2.05 -18.72 -45.79
C GLN D 287 1.18 -18.88 -47.01
N GLY D 288 0.92 -20.12 -47.38
CA GLY D 288 0.04 -20.39 -48.49
C GLY D 288 -1.37 -19.93 -48.22
N VAL D 289 -1.89 -20.28 -47.06
CA VAL D 289 -3.23 -19.86 -46.76
C VAL D 289 -3.33 -18.36 -46.89
N LEU D 290 -2.37 -17.65 -46.31
CA LEU D 290 -2.40 -16.19 -46.28
C LEU D 290 -2.39 -15.60 -47.68
N ILE D 291 -1.46 -16.07 -48.49
CA ILE D 291 -1.28 -15.49 -49.81
C ILE D 291 -2.50 -15.78 -50.68
N GLY D 292 -2.99 -17.03 -50.61
CA GLY D 292 -4.22 -17.45 -51.26
C GLY D 292 -5.44 -16.63 -50.88
N GLU D 293 -5.57 -16.25 -49.62
CA GLU D 293 -6.68 -15.39 -49.20
C GLU D 293 -6.56 -14.02 -49.81
N ALA D 294 -5.36 -13.46 -49.81
CA ALA D 294 -5.19 -12.14 -50.34
C ALA D 294 -5.47 -12.12 -51.85
N LEU D 295 -5.00 -13.12 -52.56
CA LEU D 295 -5.27 -13.21 -54.02
C LEU D 295 -6.74 -13.19 -54.29
N GLU D 296 -7.49 -14.01 -53.57
CA GLU D 296 -8.93 -13.98 -53.67
C GLU D 296 -9.56 -12.63 -53.28
N ARG D 297 -9.12 -12.00 -52.20
CA ARG D 297 -9.71 -10.71 -51.82
C ARG D 297 -9.47 -9.68 -52.89
N ALA D 298 -8.32 -9.76 -53.54
CA ALA D 298 -7.96 -8.79 -54.52
C ALA D 298 -8.76 -9.02 -55.80
N GLY D 299 -9.15 -10.27 -56.01
CA GLY D 299 -9.70 -10.71 -57.28
C GLY D 299 -8.58 -10.78 -58.30
N LEU D 300 -7.43 -11.31 -57.90
CA LEU D 300 -6.29 -11.43 -58.80
C LEU D 300 -5.93 -12.89 -59.04
N ALA D 301 -5.46 -13.15 -60.25
CA ALA D 301 -5.02 -14.47 -60.62
C ALA D 301 -3.52 -14.37 -60.64
N PRO D 302 -2.82 -15.41 -60.14
CA PRO D 302 -1.37 -15.50 -60.20
C PRO D 302 -0.85 -15.10 -61.55
N ALA D 303 -1.49 -15.63 -62.59
CA ALA D 303 -1.15 -15.32 -63.98
C ALA D 303 -0.93 -13.82 -64.28
N ASP D 304 -1.73 -12.94 -63.65
CA ASP D 304 -1.72 -11.49 -63.96
C ASP D 304 -0.74 -10.71 -63.09
N LEU D 305 -0.06 -11.43 -62.21
CA LEU D 305 0.79 -10.82 -61.21
C LEU D 305 2.12 -10.43 -61.83
N GLY D 306 2.50 -9.16 -61.69
CA GLY D 306 3.72 -8.62 -62.30
C GLY D 306 5.01 -8.70 -61.49
N TYR D 307 4.91 -8.73 -60.16
CA TYR D 307 6.11 -8.73 -59.34
C TYR D 307 5.81 -9.24 -57.93
N LEU D 308 6.71 -10.04 -57.38
CA LEU D 308 6.59 -10.52 -56.02
C LEU D 308 7.79 -9.99 -55.23
N GLU D 309 7.54 -9.09 -54.29
CA GLU D 309 8.57 -8.61 -53.37
C GLU D 309 8.59 -9.52 -52.19
N ALA D 310 9.52 -10.47 -52.20
CA ALA D 310 9.50 -11.55 -51.24
C ALA D 310 10.05 -11.09 -49.91
N HIS D 311 9.61 -11.73 -48.83
CA HIS D 311 10.23 -11.57 -47.53
C HIS D 311 11.74 -11.69 -47.69
N GLY D 312 12.20 -12.81 -48.23
CA GLY D 312 13.55 -12.92 -48.80
C GLY D 312 14.71 -12.63 -47.87
N THR D 313 14.86 -13.47 -46.88
CA THR D 313 15.62 -13.14 -45.70
C THR D 313 17.03 -13.73 -45.71
N GLY D 314 17.24 -14.74 -46.57
CA GLY D 314 18.56 -15.25 -46.87
C GLY D 314 19.02 -16.44 -46.08
N THR D 315 18.07 -17.23 -45.58
CA THR D 315 18.37 -18.36 -44.70
C THR D 315 18.22 -19.65 -45.42
N SER D 316 19.09 -20.60 -45.08
CA SER D 316 19.06 -21.94 -45.66
C SER D 316 17.62 -22.46 -45.86
N LEU D 317 16.86 -22.56 -44.78
CA LEU D 317 15.52 -23.17 -44.84
C LEU D 317 14.44 -22.15 -45.14
N GLY D 318 14.63 -20.90 -44.72
CA GLY D 318 13.58 -19.91 -44.80
C GLY D 318 13.17 -19.57 -46.22
N ASP D 319 14.15 -19.47 -47.13
CA ASP D 319 13.88 -19.08 -48.50
C ASP D 319 13.14 -20.20 -49.24
N PRO D 320 13.58 -21.47 -49.12
CA PRO D 320 12.74 -22.56 -49.64
C PRO D 320 11.32 -22.52 -49.13
N VAL D 321 11.18 -22.28 -47.84
CA VAL D 321 9.84 -22.27 -47.25
C VAL D 321 9.00 -21.15 -47.82
N GLU D 322 9.61 -20.01 -48.14
CA GLU D 322 8.83 -18.94 -48.73
C GLU D 322 8.35 -19.36 -50.13
N ILE D 323 9.21 -19.96 -50.94
CA ILE D 323 8.81 -20.43 -52.26
C ILE D 323 7.71 -21.49 -52.18
N THR D 324 7.92 -22.51 -51.35
CA THR D 324 6.93 -23.58 -51.18
C THR D 324 5.58 -22.99 -50.84
N GLY D 325 5.58 -21.93 -50.03
CA GLY D 325 4.36 -21.28 -49.59
C GLY D 325 3.65 -20.58 -50.72
N LEU D 326 4.42 -20.07 -51.66
CA LEU D 326 3.86 -19.45 -52.88
C LEU D 326 3.24 -20.48 -53.80
N VAL D 327 3.92 -21.60 -53.98
CA VAL D 327 3.41 -22.67 -54.82
C VAL D 327 2.07 -23.10 -54.24
N ARG D 328 2.01 -23.22 -52.91
CA ARG D 328 0.81 -23.66 -52.23
C ARG D 328 -0.28 -22.62 -52.42
N ALA D 329 0.08 -21.34 -52.39
CA ALA D 329 -0.90 -20.29 -52.64
C ALA D 329 -1.50 -20.39 -54.05
N PHE D 330 -0.67 -20.77 -55.02
CA PHE D 330 -1.04 -20.79 -56.43
C PHE D 330 -1.67 -22.12 -56.88
N GLN D 331 -1.48 -23.17 -56.10
CA GLN D 331 -2.14 -24.46 -56.32
C GLN D 331 -3.58 -24.25 -56.80
N GLY D 332 -3.93 -24.91 -57.90
CA GLY D 332 -5.25 -24.82 -58.51
C GLY D 332 -5.30 -23.91 -59.72
N HIS D 333 -4.37 -22.96 -59.84
CA HIS D 333 -4.40 -22.03 -60.96
C HIS D 333 -3.46 -22.54 -62.01
N ASP D 334 -3.74 -22.19 -63.26
CA ASP D 334 -2.90 -22.59 -64.37
C ASP D 334 -1.65 -21.72 -64.40
N LEU D 335 -0.48 -22.33 -64.21
CA LEU D 335 0.77 -21.58 -64.23
C LEU D 335 1.69 -22.22 -65.23
N THR D 336 1.33 -22.11 -66.49
CA THR D 336 2.15 -22.68 -67.53
C THR D 336 2.35 -21.53 -68.50
N GLY D 337 3.60 -21.35 -68.92
CA GLY D 337 3.96 -20.22 -69.77
C GLY D 337 4.08 -18.93 -69.00
N VAL D 338 3.92 -18.98 -67.69
CA VAL D 338 3.87 -17.78 -66.85
C VAL D 338 5.22 -17.54 -66.23
N ARG D 339 5.70 -16.30 -66.26
CA ARG D 339 6.91 -15.96 -65.54
C ARG D 339 6.62 -14.84 -64.56
N ILE D 340 7.13 -15.00 -63.34
CA ILE D 340 6.98 -13.96 -62.31
C ILE D 340 8.32 -13.48 -61.75
N PRO D 341 8.67 -12.24 -62.04
CA PRO D 341 9.87 -11.70 -61.41
C PRO D 341 9.68 -11.59 -59.88
N ILE D 342 10.67 -12.06 -59.14
CA ILE D 342 10.68 -12.07 -57.69
C ILE D 342 11.99 -11.41 -57.24
N GLY D 343 11.95 -10.63 -56.17
CA GLY D 343 13.19 -10.07 -55.62
C GLY D 343 13.01 -9.67 -54.18
N SER D 344 14.08 -9.21 -53.53
CA SER D 344 13.97 -8.73 -52.13
C SER D 344 14.84 -7.54 -51.81
N VAL D 345 14.21 -6.43 -51.44
CA VAL D 345 14.94 -5.26 -50.99
C VAL D 345 15.93 -5.59 -49.88
N LYS D 346 15.77 -6.69 -49.18
CA LYS D 346 16.75 -7.00 -48.14
C LYS D 346 18.16 -7.27 -48.69
N SER D 347 18.24 -7.58 -49.96
CA SER D 347 19.51 -7.95 -50.56
C SER D 347 20.39 -6.70 -50.69
N GLY D 348 19.73 -5.56 -50.94
CA GLY D 348 20.38 -4.27 -51.01
C GLY D 348 20.77 -3.75 -49.65
N ILE D 349 19.76 -3.41 -48.83
CA ILE D 349 19.94 -2.70 -47.55
C ILE D 349 19.96 -3.53 -46.24
N GLY D 350 19.58 -4.78 -46.31
CA GLY D 350 19.54 -5.64 -45.13
C GLY D 350 18.12 -5.82 -44.61
N HIS D 351 18.05 -6.51 -43.50
CA HIS D 351 16.79 -6.77 -42.82
C HIS D 351 16.34 -5.61 -41.89
N ALA D 352 15.38 -4.78 -42.31
CA ALA D 352 15.06 -3.59 -41.53
C ALA D 352 14.08 -3.85 -40.41
N GLU D 353 13.96 -5.11 -40.05
CA GLU D 353 13.12 -5.57 -38.98
C GLU D 353 11.74 -4.97 -39.04
N SER D 354 11.33 -4.15 -38.08
CA SER D 354 9.98 -3.62 -38.08
C SER D 354 9.71 -2.62 -39.18
N ALA D 355 10.76 -2.13 -39.83
CA ALA D 355 10.59 -1.26 -40.98
C ALA D 355 10.72 -2.00 -42.30
N ALA D 356 10.84 -3.33 -42.26
CA ALA D 356 11.19 -4.12 -43.45
C ALA D 356 10.13 -4.16 -44.51
N GLY D 357 8.88 -4.05 -44.10
CA GLY D 357 7.76 -4.01 -45.03
C GLY D 357 7.56 -2.62 -45.60
N MSE D 358 8.07 -1.60 -44.92
CA MSE D 358 8.00 -0.26 -45.49
C MSE D 358 9.03 -0.18 -46.58
O MSE D 358 8.73 0.30 -47.66
CB MSE D 358 8.18 0.86 -44.48
CG MSE D 358 6.89 1.07 -43.69
SE MSE D 358 5.50 1.94 -44.77
CE MSE D 358 4.08 0.62 -44.40
N ALA D 359 10.24 -0.65 -46.31
CA ALA D 359 11.25 -0.73 -47.37
C ALA D 359 10.71 -1.45 -48.61
N ALA D 360 10.01 -2.55 -48.38
CA ALA D 360 9.52 -3.39 -49.45
C ALA D 360 8.41 -2.69 -50.20
N LEU D 361 7.46 -2.17 -49.45
CA LEU D 361 6.34 -1.40 -49.99
C LEU D 361 6.83 -0.28 -50.86
N THR D 362 7.95 0.28 -50.46
CA THR D 362 8.45 1.51 -51.03
C THR D 362 9.12 1.20 -52.34
N LYS D 363 10.02 0.23 -52.32
CA LYS D 363 10.59 -0.28 -53.56
C LYS D 363 9.50 -0.55 -54.61
N VAL D 364 8.41 -1.18 -54.19
CA VAL D 364 7.32 -1.52 -55.10
C VAL D 364 6.62 -0.26 -55.64
N LEU D 365 6.43 0.74 -54.80
CA LEU D 365 5.77 1.97 -55.22
C LEU D 365 6.61 2.75 -56.19
N LEU D 366 7.92 2.67 -56.03
CA LEU D 366 8.81 3.32 -56.96
C LEU D 366 8.79 2.58 -58.28
N GLN D 367 8.90 1.26 -58.20
CA GLN D 367 8.92 0.44 -59.40
C GLN D 367 7.70 0.74 -60.26
N PHE D 368 6.54 0.98 -59.64
CA PHE D 368 5.35 1.48 -60.37
C PHE D 368 5.63 2.85 -60.99
N ARG D 369 5.81 3.87 -60.17
CA ARG D 369 5.99 5.24 -60.69
C ARG D 369 6.92 5.24 -61.91
N HIS D 370 7.99 4.44 -61.89
CA HIS D 370 9.01 4.51 -62.92
C HIS D 370 8.93 3.38 -63.95
N GLN D 371 8.10 2.37 -63.72
CA GLN D 371 7.92 1.30 -64.70
C GLN D 371 9.22 0.58 -65.00
N GLU D 372 10.02 0.33 -63.95
CA GLU D 372 11.20 -0.50 -64.04
C GLU D 372 11.28 -1.42 -62.84
N LEU D 373 12.04 -2.50 -63.04
CA LEU D 373 12.27 -3.53 -62.04
C LEU D 373 13.74 -3.51 -61.73
N VAL D 374 14.07 -3.37 -60.46
CA VAL D 374 15.45 -3.21 -60.04
C VAL D 374 16.05 -4.53 -59.61
N PRO D 375 17.38 -4.59 -59.48
CA PRO D 375 18.00 -5.89 -59.19
C PRO D 375 17.94 -6.35 -57.73
N SER D 376 18.05 -7.67 -57.55
CA SER D 376 18.14 -8.29 -56.25
C SER D 376 19.47 -9.06 -56.18
N LEU D 377 20.24 -8.71 -55.19
CA LEU D 377 21.65 -9.04 -55.08
C LEU D 377 21.94 -10.39 -54.43
N HIS D 378 23.21 -10.79 -54.52
CA HIS D 378 23.82 -11.89 -53.77
C HIS D 378 23.32 -13.28 -54.17
N ALA D 379 22.87 -13.35 -55.43
CA ALA D 379 22.29 -14.56 -55.97
C ALA D 379 22.74 -14.84 -57.39
N GLU D 380 24.04 -14.64 -57.67
CA GLU D 380 24.60 -14.95 -58.98
C GLU D 380 24.33 -16.42 -59.18
N ARG D 381 24.49 -17.19 -58.10
CA ARG D 381 24.01 -18.56 -58.05
C ARG D 381 22.85 -18.59 -57.05
N LEU D 382 22.09 -19.67 -57.03
CA LEU D 382 20.87 -19.75 -56.24
C LEU D 382 20.95 -20.79 -55.14
N ASN D 383 20.08 -20.64 -54.14
CA ASN D 383 19.96 -21.68 -53.11
C ASN D 383 19.63 -23.00 -53.79
N PRO D 384 20.48 -24.02 -53.58
CA PRO D 384 20.31 -25.38 -54.11
C PRO D 384 18.97 -26.04 -53.82
N HIS D 385 18.23 -25.55 -52.85
CA HIS D 385 17.04 -26.25 -52.40
C HIS D 385 15.77 -25.70 -53.03
N LEU D 386 15.88 -24.59 -53.75
CA LEU D 386 14.70 -23.91 -54.26
C LEU D 386 13.91 -24.62 -55.32
N ASP D 387 14.62 -25.12 -56.36
CA ASP D 387 14.04 -25.51 -57.63
C ASP D 387 13.07 -24.48 -58.23
N LEU D 388 13.53 -23.25 -58.46
CA LEU D 388 12.65 -22.22 -59.02
C LEU D 388 12.23 -22.56 -60.43
N ASP D 389 12.96 -23.47 -61.07
CA ASP D 389 12.67 -23.84 -62.43
C ASP D 389 11.34 -24.56 -62.57
N ALA D 390 10.91 -25.23 -61.50
CA ALA D 390 9.56 -25.81 -61.43
C ALA D 390 8.47 -24.82 -60.99
N THR D 391 8.80 -23.57 -60.77
CA THR D 391 7.84 -22.56 -60.29
C THR D 391 7.72 -21.48 -61.34
N PRO D 392 6.70 -20.62 -61.24
CA PRO D 392 6.66 -19.44 -62.10
C PRO D 392 7.76 -18.43 -61.84
N PHE D 393 8.43 -18.48 -60.68
CA PHE D 393 9.25 -17.33 -60.29
C PHE D 393 10.67 -17.40 -60.83
N ARG D 394 11.21 -16.23 -61.14
CA ARG D 394 12.62 -16.09 -61.46
C ARG D 394 13.16 -14.82 -60.89
N LEU D 395 14.39 -14.95 -60.43
CA LEU D 395 15.02 -13.93 -59.63
C LEU D 395 15.47 -12.79 -60.47
N GLN D 396 14.83 -11.65 -60.31
CA GLN D 396 15.22 -10.47 -61.04
C GLN D 396 16.59 -9.96 -60.63
N ARG D 397 17.62 -10.31 -61.39
CA ARG D 397 19.01 -9.90 -61.07
C ARG D 397 19.49 -8.64 -61.71
N ASP D 398 18.75 -8.13 -62.69
CA ASP D 398 19.20 -7.00 -63.55
C ASP D 398 18.13 -5.92 -63.64
N LEU D 399 18.52 -4.65 -63.83
CA LEU D 399 17.55 -3.60 -64.13
C LEU D 399 16.82 -3.91 -65.45
N ALA D 400 15.55 -3.55 -65.55
CA ALA D 400 14.72 -3.88 -66.73
C ALA D 400 13.43 -3.07 -66.67
N PRO D 401 12.78 -2.86 -67.83
CA PRO D 401 11.49 -2.19 -67.80
C PRO D 401 10.38 -3.13 -67.32
N TRP D 402 9.31 -2.54 -66.80
CA TRP D 402 8.17 -3.29 -66.32
C TRP D 402 7.09 -3.15 -67.36
N THR D 403 7.22 -3.89 -68.45
CA THR D 403 6.22 -3.85 -69.51
C THR D 403 5.07 -4.73 -69.05
N PRO D 404 3.83 -4.33 -69.35
CA PRO D 404 2.67 -5.21 -69.04
C PRO D 404 2.51 -6.44 -69.95
N PRO D 414 -1.43 -3.78 -66.98
CA PRO D 414 -2.10 -3.19 -65.80
C PRO D 414 -1.43 -3.68 -64.51
N ARG D 415 -0.37 -2.99 -64.10
CA ARG D 415 0.66 -3.56 -63.23
C ARG D 415 0.24 -3.88 -61.77
N THR D 416 0.77 -4.98 -61.27
CA THR D 416 0.44 -5.49 -59.96
C THR D 416 1.67 -6.08 -59.29
N ALA D 417 1.71 -5.89 -57.95
CA ALA D 417 2.78 -6.42 -57.11
C ALA D 417 2.16 -7.04 -55.88
N ALA D 418 2.83 -8.06 -55.38
CA ALA D 418 2.45 -8.71 -54.15
C ALA D 418 3.63 -8.59 -53.17
N ILE D 419 3.33 -8.28 -51.90
CA ILE D 419 4.38 -8.05 -50.88
C ILE D 419 4.17 -8.93 -49.69
N SER D 420 5.20 -9.65 -49.31
CA SER D 420 5.17 -10.54 -48.14
C SER D 420 6.05 -10.03 -47.01
N ALA D 421 5.64 -10.27 -45.78
CA ALA D 421 6.49 -9.99 -44.62
C ALA D 421 6.17 -11.01 -43.56
N PHE D 422 7.16 -11.83 -43.19
CA PHE D 422 6.97 -12.98 -42.29
C PHE D 422 7.71 -12.84 -40.96
N GLY D 423 6.96 -12.50 -39.90
CA GLY D 423 7.57 -12.18 -38.61
C GLY D 423 8.28 -13.40 -38.01
N ALA D 424 9.46 -13.20 -37.46
CA ALA D 424 10.16 -14.32 -36.85
C ALA D 424 9.27 -15.14 -35.96
N GLY D 425 8.37 -14.48 -35.22
CA GLY D 425 7.57 -15.17 -34.22
C GLY D 425 6.34 -15.86 -34.76
N GLY D 426 6.16 -15.84 -36.09
CA GLY D 426 5.01 -16.45 -36.72
C GLY D 426 3.98 -15.52 -37.34
N SER D 427 3.89 -14.27 -36.90
CA SER D 427 2.90 -13.33 -37.49
C SER D 427 3.28 -12.98 -38.92
N ASN D 428 2.36 -13.27 -39.84
CA ASN D 428 2.56 -13.04 -41.25
C ASN D 428 1.68 -11.93 -41.77
N ALA D 429 2.16 -11.27 -42.81
CA ALA D 429 1.43 -10.20 -43.50
C ALA D 429 1.70 -10.28 -44.99
N HIS D 430 0.73 -9.86 -45.78
CA HIS D 430 0.84 -9.87 -47.23
C HIS D 430 -0.11 -8.88 -47.84
N VAL D 431 0.38 -8.11 -48.79
CA VAL D 431 -0.44 -7.09 -49.45
C VAL D 431 -0.28 -7.13 -50.96
N ILE D 432 -1.39 -6.93 -51.65
CA ILE D 432 -1.41 -6.82 -53.08
C ILE D 432 -1.68 -5.38 -53.50
N LEU D 433 -0.89 -4.91 -54.45
CA LEU D 433 -1.02 -3.56 -54.96
C LEU D 433 -1.25 -3.54 -56.45
N GLU D 434 -1.79 -2.42 -56.93
CA GLU D 434 -2.05 -2.17 -58.35
C GLU D 434 -1.65 -0.72 -58.68
N GLU D 435 -0.96 -0.53 -59.81
CA GLU D 435 -0.58 0.82 -60.28
C GLU D 435 -1.84 1.64 -60.50
N SER D 436 -1.70 2.97 -60.47
CA SER D 436 -2.82 3.84 -60.85
C SER D 436 -2.32 5.00 -61.72
N VAL D 437 -2.57 4.84 -63.02
CA VAL D 437 -2.27 5.90 -63.99
C VAL D 437 -3.32 7.04 -63.91
N PRO D 438 -2.87 8.31 -63.91
CA PRO D 438 -3.67 9.51 -63.57
C PRO D 438 -4.99 9.69 -64.33
N GLN D 445 -3.26 25.89 -66.10
CA GLN D 445 -3.05 27.29 -65.76
C GLN D 445 -1.74 27.83 -66.36
N GLU D 446 -1.82 29.03 -66.94
CA GLU D 446 -0.72 29.64 -67.70
C GLU D 446 0.10 30.61 -66.84
N PRO D 447 1.33 30.92 -67.27
CA PRO D 447 2.12 31.98 -66.63
C PRO D 447 1.36 33.32 -66.62
N PRO D 448 1.67 34.23 -65.66
CA PRO D 448 2.69 34.06 -64.62
C PRO D 448 2.17 33.25 -63.42
N TYR D 449 3.05 32.50 -62.78
CA TYR D 449 2.74 31.81 -61.52
C TYR D 449 3.52 32.51 -60.41
N VAL D 450 3.48 31.95 -59.20
CA VAL D 450 4.31 32.46 -58.07
C VAL D 450 4.90 31.31 -57.25
N CYS D 451 6.17 31.44 -56.86
CA CYS D 451 6.87 30.42 -56.08
C CYS D 451 6.96 30.83 -54.61
N ALA D 452 6.28 30.08 -53.74
CA ALA D 452 6.15 30.44 -52.33
C ALA D 452 6.88 29.45 -51.40
N LEU D 453 8.00 29.89 -50.84
CA LEU D 453 8.74 29.10 -49.84
C LEU D 453 8.48 29.66 -48.45
N SER D 454 8.86 28.87 -47.45
CA SER D 454 8.50 29.07 -46.05
C SER D 454 9.46 28.24 -45.20
N ALA D 455 9.71 28.69 -43.97
CA ALA D 455 10.53 27.93 -43.01
C ALA D 455 10.37 28.58 -41.66
N ARG D 456 10.86 27.87 -40.64
CA ARG D 456 10.62 28.26 -39.25
C ARG D 456 11.61 29.31 -38.74
N ASP D 457 12.79 29.38 -39.37
CA ASP D 457 13.80 30.42 -39.13
C ASP D 457 14.61 30.71 -40.40
N ALA D 458 15.40 31.78 -40.40
CA ALA D 458 16.15 32.19 -41.60
C ALA D 458 17.16 31.15 -42.16
N GLU D 459 17.84 30.40 -41.32
CA GLU D 459 18.92 29.48 -41.76
C GLU D 459 18.40 28.15 -42.34
N ARG D 460 17.14 27.87 -42.01
CA ARG D 460 16.39 26.77 -42.56
C ARG D 460 15.72 27.23 -43.84
N LEU D 461 15.27 28.48 -43.90
CA LEU D 461 14.70 29.02 -45.12
C LEU D 461 15.77 28.98 -46.20
N HIS D 462 17.01 29.22 -45.78
CA HIS D 462 18.17 29.21 -46.66
C HIS D 462 18.47 27.81 -47.11
N GLU D 463 18.81 26.92 -46.18
CA GLU D 463 19.11 25.52 -46.56
C GLU D 463 18.07 24.90 -47.49
N HIS D 464 16.81 25.28 -47.30
CA HIS D 464 15.67 24.76 -48.07
C HIS D 464 15.71 25.34 -49.45
N THR D 465 15.85 26.68 -49.51
CA THR D 465 16.02 27.40 -50.77
C THR D 465 17.15 26.79 -51.61
N ALA D 466 18.31 26.54 -50.98
CA ALA D 466 19.41 25.86 -51.66
C ALA D 466 18.96 24.54 -52.22
N ARG D 467 18.36 23.70 -51.36
CA ARG D 467 17.94 22.37 -51.80
C ARG D 467 16.94 22.43 -52.95
N THR D 468 15.98 23.35 -52.88
CA THR D 468 14.98 23.45 -53.94
C THR D 468 15.64 23.85 -55.28
N ALA D 469 16.48 24.90 -55.26
CA ALA D 469 17.20 25.31 -56.47
C ALA D 469 18.09 24.20 -57.05
N GLU D 470 18.84 23.50 -56.21
CA GLU D 470 19.70 22.40 -56.67
C GLU D 470 18.89 21.27 -57.34
N PHE D 471 17.62 21.15 -56.96
CA PHE D 471 16.77 20.13 -57.54
C PHE D 471 16.25 20.57 -58.92
N LEU D 472 15.98 21.87 -59.07
CA LEU D 472 15.50 22.42 -60.35
C LEU D 472 16.57 22.39 -61.46
N ARG D 473 17.84 22.47 -61.07
CA ARG D 473 18.96 22.25 -62.00
C ARG D 473 19.22 20.77 -62.21
N GLY D 474 18.74 19.93 -61.30
CA GLY D 474 18.98 18.49 -61.40
C GLY D 474 17.79 17.74 -61.96
N GLU D 475 17.32 16.78 -61.18
CA GLU D 475 16.38 15.79 -61.67
C GLU D 475 14.94 16.30 -61.86
N GLY D 476 14.67 17.57 -61.56
CA GLY D 476 13.31 18.08 -61.70
C GLY D 476 13.17 19.33 -62.56
N ARG D 477 13.90 19.40 -63.66
CA ARG D 477 13.77 20.53 -64.59
C ARG D 477 12.68 20.28 -65.63
N ALA D 478 12.40 19.00 -65.86
CA ALA D 478 11.28 18.62 -66.70
C ALA D 478 9.94 18.82 -65.96
N ALA D 479 9.95 19.50 -64.84
CA ALA D 479 8.72 19.71 -64.10
C ALA D 479 7.96 20.90 -64.66
N HIS D 480 6.63 20.73 -64.75
CA HIS D 480 5.71 21.81 -65.11
C HIS D 480 5.86 22.93 -64.09
N PRO D 481 6.19 24.14 -64.55
CA PRO D 481 6.21 25.29 -63.66
C PRO D 481 4.97 25.39 -62.76
N ALA D 482 3.78 25.24 -63.33
CA ALA D 482 2.54 25.39 -62.55
C ALA D 482 2.44 24.34 -61.47
N ALA D 483 2.95 23.14 -61.76
CA ALA D 483 2.98 22.06 -60.79
C ALA D 483 3.86 22.43 -59.59
N VAL D 484 5.07 22.90 -59.87
CA VAL D 484 5.97 23.34 -58.83
C VAL D 484 5.29 24.38 -57.95
N ALA D 485 4.68 25.38 -58.56
CA ALA D 485 4.02 26.46 -57.83
C ALA D 485 2.95 26.00 -56.85
N ALA D 486 2.12 25.05 -57.29
CA ALA D 486 0.94 24.64 -56.52
C ALA D 486 1.28 23.61 -55.44
N THR D 487 2.32 22.82 -55.67
CA THR D 487 2.76 21.83 -54.68
C THR D 487 3.27 22.56 -53.43
N LEU D 488 3.93 23.68 -53.69
CA LEU D 488 4.42 24.54 -52.65
C LEU D 488 3.28 25.25 -51.92
N LEU D 489 2.22 25.62 -52.62
CA LEU D 489 1.09 26.28 -51.96
C LEU D 489 0.21 25.30 -51.15
N THR D 490 0.56 24.02 -51.10
CA THR D 490 -0.06 23.11 -50.12
C THR D 490 0.82 22.87 -48.90
N ARG D 491 2.05 23.38 -48.92
CA ARG D 491 2.94 23.29 -47.76
C ARG D 491 2.49 24.26 -46.69
N GLU D 492 2.57 23.79 -45.45
CA GLU D 492 2.13 24.56 -44.33
C GLU D 492 2.99 25.80 -44.26
N PRO D 493 2.35 26.98 -44.31
CA PRO D 493 3.09 28.23 -44.20
C PRO D 493 3.58 28.45 -42.78
N MSE D 494 4.86 28.84 -42.66
CA MSE D 494 5.53 29.11 -41.40
C MSE D 494 5.88 30.60 -41.33
O MSE D 494 5.42 31.39 -42.15
CB MSE D 494 6.76 28.18 -41.34
CG MSE D 494 6.45 26.70 -41.58
SE MSE D 494 8.08 25.57 -41.44
CE MSE D 494 7.34 23.89 -42.11
N ALA D 495 6.71 30.98 -40.37
CA ALA D 495 7.02 32.40 -40.10
C ALA D 495 7.87 33.11 -41.17
N HIS D 496 9.03 32.53 -41.50
CA HIS D 496 9.93 33.15 -42.47
C HIS D 496 9.49 32.71 -43.84
N ARG D 497 9.28 33.69 -44.72
CA ARG D 497 8.69 33.49 -46.04
C ARG D 497 9.63 34.05 -47.12
N LEU D 498 9.72 33.34 -48.23
CA LEU D 498 10.43 33.80 -49.41
C LEU D 498 9.43 33.63 -50.56
N ALA D 499 9.42 34.61 -51.47
CA ALA D 499 8.52 34.58 -52.63
C ALA D 499 9.19 35.12 -53.91
N VAL D 500 8.75 34.59 -55.06
CA VAL D 500 9.34 34.89 -56.36
C VAL D 500 8.30 34.70 -57.48
N VAL D 501 8.29 35.62 -58.44
CA VAL D 501 7.43 35.53 -59.63
C VAL D 501 8.24 34.91 -60.77
N PHE D 502 7.56 34.09 -61.58
CA PHE D 502 8.24 33.24 -62.57
C PHE D 502 7.35 32.63 -63.68
N ASP D 503 7.98 32.22 -64.77
CA ASP D 503 7.29 31.69 -65.96
C ASP D 503 7.76 30.27 -66.29
N THR D 504 9.08 30.10 -66.40
CA THR D 504 9.70 28.80 -66.60
C THR D 504 10.29 28.26 -65.31
N VAL D 505 10.65 26.98 -65.36
CA VAL D 505 11.39 26.34 -64.28
C VAL D 505 12.81 26.89 -64.18
N ASP D 506 13.39 27.30 -65.31
CA ASP D 506 14.77 27.78 -65.34
C ASP D 506 14.92 29.27 -64.88
N ASP D 507 13.90 30.10 -65.09
CA ASP D 507 13.93 31.50 -64.62
C ASP D 507 13.50 31.63 -63.17
N LEU D 508 12.92 30.57 -62.63
CA LEU D 508 12.70 30.45 -61.19
C LEU D 508 14.00 30.06 -60.50
N ALA D 509 14.72 29.09 -61.07
CA ALA D 509 15.98 28.64 -60.50
C ALA D 509 17.12 29.67 -60.57
N ASP D 510 17.05 30.62 -61.52
CA ASP D 510 18.04 31.70 -61.58
C ASP D 510 17.92 32.57 -60.34
N ALA D 511 16.69 33.01 -60.07
CA ALA D 511 16.37 33.89 -58.93
C ALA D 511 16.85 33.34 -57.60
N LEU D 512 16.71 32.02 -57.42
CA LEU D 512 17.13 31.35 -56.19
C LEU D 512 18.66 31.28 -56.10
N GLU D 513 19.30 30.78 -57.16
CA GLU D 513 20.74 30.53 -57.19
C GLU D 513 21.55 31.81 -56.97
N ASP D 514 20.97 32.97 -57.29
CA ASP D 514 21.58 34.28 -57.02
C ASP D 514 21.15 34.87 -55.68
N HIS D 515 19.90 34.63 -55.26
CA HIS D 515 19.48 35.09 -53.93
C HIS D 515 20.31 34.48 -52.81
N LEU D 516 20.87 33.29 -53.05
CA LEU D 516 21.83 32.72 -52.12
C LEU D 516 23.17 33.44 -52.30
N ALA D 517 23.71 33.40 -53.51
CA ALA D 517 24.99 34.04 -53.83
C ALA D 517 24.89 35.58 -53.84
N PRO D 522 17.20 40.92 -55.86
CA PRO D 522 16.54 41.70 -56.92
C PRO D 522 15.04 41.36 -57.03
N ARG D 523 14.74 40.10 -57.34
CA ARG D 523 13.38 39.68 -57.64
C ARG D 523 12.81 38.73 -56.57
N VAL D 524 13.34 38.83 -55.35
CA VAL D 524 12.90 37.98 -54.25
C VAL D 524 12.31 38.83 -53.12
N LEU D 525 11.11 38.46 -52.66
CA LEU D 525 10.48 39.05 -51.47
C LEU D 525 10.72 38.13 -50.27
N THR D 526 11.42 38.63 -49.25
CA THR D 526 11.68 37.89 -48.02
C THR D 526 11.22 38.69 -46.81
N GLY D 527 11.13 38.01 -45.67
CA GLY D 527 10.68 38.63 -44.45
C GLY D 527 9.96 37.64 -43.56
N THR D 528 8.85 38.07 -43.00
CA THR D 528 8.19 37.36 -41.95
C THR D 528 6.75 37.80 -41.74
N ALA D 529 5.88 36.81 -41.60
CA ALA D 529 4.43 37.04 -41.57
C ALA D 529 3.94 37.67 -40.27
N SER D 530 2.67 38.05 -40.25
CA SER D 530 2.01 38.48 -39.02
C SER D 530 0.52 38.17 -39.06
N ARG D 531 0.02 37.50 -38.03
CA ARG D 531 -1.43 37.46 -37.75
C ARG D 531 -1.95 38.89 -37.79
N ALA D 532 -3.07 39.12 -38.49
CA ALA D 532 -3.58 40.48 -38.76
C ALA D 532 -2.78 41.22 -39.85
N ALA D 533 -2.36 40.49 -40.87
CA ALA D 533 -1.84 41.08 -42.10
C ALA D 533 -3.03 41.60 -42.89
N ALA D 534 -2.83 42.68 -43.66
CA ALA D 534 -3.86 43.14 -44.60
C ALA D 534 -4.17 42.03 -45.64
N PRO D 535 -5.40 42.04 -46.19
CA PRO D 535 -5.75 40.98 -47.15
C PRO D 535 -5.25 41.31 -48.56
N ALA D 536 -4.96 40.27 -49.34
CA ALA D 536 -4.44 40.46 -50.72
C ALA D 536 -5.33 41.40 -51.53
N THR D 537 -4.72 42.26 -52.35
CA THR D 537 -5.50 43.14 -53.21
C THR D 537 -5.50 42.60 -54.65
N GLY D 538 -5.97 41.36 -54.83
CA GLY D 538 -6.11 40.77 -56.17
C GLY D 538 -5.28 39.52 -56.42
N ARG D 539 -5.72 38.73 -57.40
CA ARG D 539 -5.28 37.34 -57.60
C ARG D 539 -4.19 37.15 -58.67
N THR D 540 -3.41 38.19 -58.93
CA THR D 540 -2.36 38.11 -59.96
C THR D 540 -0.98 37.87 -59.34
N ALA D 541 -0.11 37.23 -60.11
CA ALA D 541 1.22 36.82 -59.66
C ALA D 541 1.96 37.80 -58.73
N PRO D 542 2.11 39.07 -59.15
CA PRO D 542 2.97 40.00 -58.39
C PRO D 542 2.59 40.24 -56.93
N GLU D 543 1.28 40.27 -56.64
CA GLU D 543 0.77 40.73 -55.33
C GLU D 543 0.31 39.60 -54.42
N LEU D 544 0.08 38.42 -54.99
CA LEU D 544 0.01 37.19 -54.21
C LEU D 544 1.39 36.86 -53.62
N ALA D 545 2.47 37.12 -54.38
CA ALA D 545 3.85 36.99 -53.89
C ALA D 545 4.13 37.89 -52.66
N GLU D 546 3.30 38.90 -52.48
CA GLU D 546 3.52 39.94 -51.49
C GLU D 546 2.53 39.81 -50.34
N ALA D 547 1.45 39.07 -50.57
CA ALA D 547 0.58 38.63 -49.49
C ALA D 547 1.32 37.61 -48.62
N TRP D 548 1.98 36.67 -49.28
CA TRP D 548 2.77 35.65 -48.62
C TRP D 548 3.76 36.21 -47.59
N VAL D 549 4.60 37.13 -48.04
CA VAL D 549 5.68 37.66 -47.19
C VAL D 549 5.13 38.60 -46.11
N ARG D 550 3.85 38.93 -46.21
CA ARG D 550 3.12 39.73 -45.23
C ARG D 550 2.29 38.82 -44.31
N GLY D 551 1.98 37.62 -44.80
CA GLY D 551 1.41 36.54 -43.99
C GLY D 551 -0.10 36.43 -44.02
N ALA D 552 -0.69 36.65 -45.19
CA ALA D 552 -2.14 36.58 -45.35
C ALA D 552 -2.53 35.31 -46.10
N PRO D 553 -3.83 34.97 -46.09
CA PRO D 553 -4.29 33.87 -46.94
C PRO D 553 -3.98 34.10 -48.43
N VAL D 554 -3.05 33.30 -48.93
CA VAL D 554 -2.89 33.04 -50.34
C VAL D 554 -3.55 31.68 -50.50
N ALA D 555 -3.91 31.28 -51.72
CA ALA D 555 -4.47 29.93 -51.94
C ALA D 555 -3.91 29.26 -53.18
N ALA D 556 -3.84 27.93 -53.12
CA ALA D 556 -3.26 27.12 -54.21
C ALA D 556 -4.34 26.88 -55.28
N PRO D 557 -4.03 27.12 -56.57
CA PRO D 557 -5.09 27.01 -57.56
C PRO D 557 -5.54 25.54 -57.72
N ALA D 558 -6.81 25.29 -57.36
CA ALA D 558 -7.35 23.92 -57.22
C ALA D 558 -7.18 23.07 -58.48
N GLY D 559 -6.68 21.84 -58.30
CA GLY D 559 -6.59 20.87 -59.38
C GLY D 559 -5.45 21.08 -60.35
N ALA D 560 -4.28 21.46 -59.84
CA ALA D 560 -3.05 21.51 -60.63
C ALA D 560 -2.31 20.19 -60.48
N PRO D 561 -1.28 19.94 -61.32
CA PRO D 561 -0.48 18.73 -61.09
C PRO D 561 0.49 18.95 -59.92
N ARG D 562 0.79 17.88 -59.18
CA ARG D 562 1.73 17.97 -58.06
C ARG D 562 2.91 17.02 -58.25
N VAL D 563 4.12 17.51 -58.00
CA VAL D 563 5.34 16.69 -58.12
C VAL D 563 6.12 16.63 -56.81
N SER D 564 7.21 15.87 -56.80
CA SER D 564 7.96 15.60 -55.57
C SER D 564 9.19 16.48 -55.48
N LEU D 565 9.09 17.48 -54.60
CA LEU D 565 10.18 18.40 -54.32
C LEU D 565 10.83 17.91 -53.03
N PRO D 566 12.09 18.31 -52.78
CA PRO D 566 12.67 18.00 -51.47
C PRO D 566 11.90 18.60 -50.30
N GLY D 567 11.75 17.80 -49.24
CA GLY D 567 10.89 18.13 -48.10
C GLY D 567 11.63 18.94 -47.07
N TYR D 568 10.90 19.55 -46.14
CA TYR D 568 11.48 20.46 -45.16
C TYR D 568 12.78 19.91 -44.59
N PRO D 569 13.87 20.69 -44.65
CA PRO D 569 15.13 20.25 -44.07
C PRO D 569 15.23 20.64 -42.59
N PHE D 570 15.08 19.64 -41.74
CA PHE D 570 15.04 19.82 -40.31
C PHE D 570 16.41 20.20 -39.80
N ALA D 571 16.42 21.06 -38.79
CA ALA D 571 17.63 21.34 -38.02
C ALA D 571 18.19 20.00 -37.60
N ARG D 572 19.51 19.87 -37.51
CA ARG D 572 20.15 18.62 -37.13
C ARG D 572 21.00 18.74 -35.86
N GLU D 573 20.35 18.98 -34.71
CA GLU D 573 21.01 18.96 -33.39
C GLU D 573 21.23 17.53 -32.90
N ARG D 574 22.42 17.24 -32.41
CA ARG D 574 22.66 15.96 -31.79
C ARG D 574 21.84 15.80 -30.51
N CYS D 575 20.93 14.83 -30.49
CA CYS D 575 20.24 14.42 -29.27
C CYS D 575 20.55 12.96 -28.96
N TRP D 576 21.46 12.74 -28.01
CA TRP D 576 21.88 11.39 -27.63
C TRP D 576 22.33 11.43 -26.19
N LEU D 577 21.88 10.51 -25.37
CA LEU D 577 22.13 10.64 -23.94
C LEU D 577 23.62 10.48 -23.65
N PRO D 578 24.17 11.37 -22.83
CA PRO D 578 25.59 11.22 -22.54
C PRO D 578 25.99 9.89 -22.00
N ALA D 579 25.21 9.31 -21.09
CA ALA D 579 25.53 7.99 -20.52
C ALA D 579 25.47 6.85 -21.53
N ALA D 580 25.02 7.12 -22.75
CA ALA D 580 25.20 6.19 -23.84
C ALA D 580 26.64 6.09 -24.35
N ASP D 581 27.52 7.02 -23.98
CA ASP D 581 28.92 6.96 -24.42
C ASP D 581 29.69 5.82 -23.73
N ALA D 582 29.16 5.30 -22.62
CA ALA D 582 29.68 4.09 -21.99
C ALA D 582 29.96 2.91 -22.93
N VAL D 583 29.20 2.78 -24.02
CA VAL D 583 29.41 1.70 -24.98
C VAL D 583 30.36 2.02 -26.14
N ARG D 584 30.84 3.26 -26.24
CA ARG D 584 31.88 3.65 -27.20
C ARG D 584 33.28 3.67 -26.56
N ARG D 585 34.32 3.84 -27.39
CA ARG D 585 35.68 3.91 -26.86
C ARG D 585 36.11 5.37 -26.70
N NO3 E . 9.22 -12.27 -7.04
O1 NO3 E . 8.12 -11.84 -7.49
O2 NO3 E . 10.54 -11.78 -7.34
O3 NO3 E . 9.15 -13.36 -6.15
N NO3 F . 0.97 -30.35 -21.77
O1 NO3 F . 0.02 -31.18 -21.64
O2 NO3 F . 2.09 -30.33 -20.94
O3 NO3 F . 1.07 -29.37 -22.76
#